data_1MP2
# 
_entry.id   1MP2 
# 
_audit_conform.dict_name       mmcif_pdbx.dic 
_audit_conform.dict_version    5.386 
_audit_conform.dict_location   http://mmcif.pdb.org/dictionaries/ascii/mmcif_pdbx.dic 
# 
loop_
_database_2.database_id 
_database_2.database_code 
_database_2.pdbx_database_accession 
_database_2.pdbx_DOI 
PDB   1MP2         pdb_00001mp2 10.2210/pdb1mp2/pdb 
RCSB  RCSB017070   ?            ?                   
WWPDB D_1000017070 ?            ?                   
# 
loop_
_pdbx_audit_revision_history.ordinal 
_pdbx_audit_revision_history.data_content_type 
_pdbx_audit_revision_history.major_revision 
_pdbx_audit_revision_history.minor_revision 
_pdbx_audit_revision_history.revision_date 
1 'Structure model' 1 0 2003-08-05 
2 'Structure model' 1 1 2008-04-28 
3 'Structure model' 1 2 2011-07-13 
4 'Structure model' 1 3 2024-02-14 
# 
_pdbx_audit_revision_details.ordinal             1 
_pdbx_audit_revision_details.revision_ordinal    1 
_pdbx_audit_revision_details.data_content_type   'Structure model' 
_pdbx_audit_revision_details.provider            repository 
_pdbx_audit_revision_details.type                'Initial release' 
_pdbx_audit_revision_details.description         ? 
_pdbx_audit_revision_details.details             ? 
# 
loop_
_pdbx_audit_revision_group.ordinal 
_pdbx_audit_revision_group.revision_ordinal 
_pdbx_audit_revision_group.data_content_type 
_pdbx_audit_revision_group.group 
1 2 'Structure model' 'Version format compliance' 
2 3 'Structure model' 'Derived calculations'      
3 3 'Structure model' 'Version format compliance' 
4 4 'Structure model' 'Data collection'           
5 4 'Structure model' 'Database references'       
# 
loop_
_pdbx_audit_revision_category.ordinal 
_pdbx_audit_revision_category.revision_ordinal 
_pdbx_audit_revision_category.data_content_type 
_pdbx_audit_revision_category.category 
1 4 'Structure model' chem_comp_atom 
2 4 'Structure model' chem_comp_bond 
3 4 'Structure model' database_2     
# 
loop_
_pdbx_audit_revision_item.ordinal 
_pdbx_audit_revision_item.revision_ordinal 
_pdbx_audit_revision_item.data_content_type 
_pdbx_audit_revision_item.item 
1 4 'Structure model' '_database_2.pdbx_DOI'                
2 4 'Structure model' '_database_2.pdbx_database_accession' 
# 
_pdbx_database_status.status_code                     REL 
_pdbx_database_status.entry_id                        1MP2 
_pdbx_database_status.recvd_initial_deposition_date   2002-09-11 
_pdbx_database_status.deposit_site                    RCSB 
_pdbx_database_status.process_site                    RCSB 
_pdbx_database_status.SG_entry                        . 
_pdbx_database_status.pdb_format_compatible           Y 
_pdbx_database_status.status_code_mr                  ? 
_pdbx_database_status.status_code_sf                  ? 
_pdbx_database_status.status_code_cs                  ? 
_pdbx_database_status.status_code_nmr_data            ? 
_pdbx_database_status.methods_development_category    ? 
# 
loop_
_pdbx_database_related.db_name 
_pdbx_database_related.db_id 
_pdbx_database_related.details 
_pdbx_database_related.content_type 
PDB 1mk1 'The same protein complexed with ADPR'                      unspecified 
PDB 1MQE 'The same protein complexed with gadolidium'                unspecified 
PDB 1MQW 'The same protein complexed with three Mn2+ ions and AMPCP' unspecified 
PDB 1MR2 'The same protein complexed with 1 Mn2+ ion and AMP-CP'     unspecified 
# 
loop_
_audit_author.name 
_audit_author.pdbx_ordinal 
'Kang, L.-W.'      1 
'Gabelli, S.B.'    2 
'Bianchet, M.A.'   3 
'Cunningham, J.E.' 4 
;O'Handley, S.F.
;
5 
'Amzel, L.M.'      6 
# 
_citation.id                        primary 
_citation.title                     'Structure and mechanism of MT-ADPRase, a Nudix hydrolase from Mycobacterium tuberculosis' 
_citation.journal_abbrev            Structure 
_citation.journal_volume            11 
_citation.page_first                1015 
_citation.page_last                 1023 
_citation.year                      2003 
_citation.journal_id_ASTM           STRUE6 
_citation.country                   UK 
_citation.journal_id_ISSN           0969-2126 
_citation.journal_id_CSD            2005 
_citation.book_publisher            ? 
_citation.pdbx_database_id_PubMed   12906832 
_citation.pdbx_database_id_DOI      '10.1016/S0969-2126(03)00154-0' 
# 
loop_
_citation_author.citation_id 
_citation_author.name 
_citation_author.ordinal 
_citation_author.identifier_ORCID 
primary 'Kang, L.-W.'      1 ? 
primary 'Gabelli, S.B.'    2 ? 
primary 'Cunningham, J.E.' 3 ? 
primary 
;O'Handley, S.F.
;
4 ? 
primary 'Amzel, L.M.'      5 ? 
# 
loop_
_entity.id 
_entity.type 
_entity.src_method 
_entity.pdbx_description 
_entity.formula_weight 
_entity.pdbx_number_of_molecules 
_entity.pdbx_ec 
_entity.pdbx_mutation 
_entity.pdbx_fragment 
_entity.details 
1 polymer man 'ADPR pyrophosphatase' 22920.846 1  3.6.1.13 ? ? ? 
2 water   nat water                  18.015    70 ?        ? ? ? 
# 
_entity_name_com.entity_id   1 
_entity_name_com.name        'ADPRASE, MUTT/NUDIX FAMILY PROTEIN, HYPOTHETICAL PROTEIN RV1700' 
# 
_entity_poly.entity_id                      1 
_entity_poly.type                           'polypeptide(L)' 
_entity_poly.nstd_linkage                   no 
_entity_poly.nstd_monomer                   no 
_entity_poly.pdbx_seq_one_letter_code       
;MAEHDFETISSETLHTGAIFALRRDQVRMPGGGIVTREVVEHFGAVAIVAMDDNGNIPMVYQYRHTYGRRLWELPAGLLD
VAGEPPHLTAARELREEVGLQASTWQVLVDLDTAPGFSDESVRVYLATGLREVGRPEAHHEEADMTMGWYPIAEAARRVL
RGEIVNSIAIAGVLAVHAVTTGFAQPRPLDTEWIDRPTAFAARRAER
;
_entity_poly.pdbx_seq_one_letter_code_can   
;MAEHDFETISSETLHTGAIFALRRDQVRMPGGGIVTREVVEHFGAVAIVAMDDNGNIPMVYQYRHTYGRRLWELPAGLLD
VAGEPPHLTAARELREEVGLQASTWQVLVDLDTAPGFSDESVRVYLATGLREVGRPEAHHEEADMTMGWYPIAEAARRVL
RGEIVNSIAIAGVLAVHAVTTGFAQPRPLDTEWIDRPTAFAARRAER
;
_entity_poly.pdbx_strand_id                 A 
_entity_poly.pdbx_target_identifier         ? 
# 
_pdbx_entity_nonpoly.entity_id   2 
_pdbx_entity_nonpoly.name        water 
_pdbx_entity_nonpoly.comp_id     HOH 
# 
loop_
_entity_poly_seq.entity_id 
_entity_poly_seq.num 
_entity_poly_seq.mon_id 
_entity_poly_seq.hetero 
1 1   MET n 
1 2   ALA n 
1 3   GLU n 
1 4   HIS n 
1 5   ASP n 
1 6   PHE n 
1 7   GLU n 
1 8   THR n 
1 9   ILE n 
1 10  SER n 
1 11  SER n 
1 12  GLU n 
1 13  THR n 
1 14  LEU n 
1 15  HIS n 
1 16  THR n 
1 17  GLY n 
1 18  ALA n 
1 19  ILE n 
1 20  PHE n 
1 21  ALA n 
1 22  LEU n 
1 23  ARG n 
1 24  ARG n 
1 25  ASP n 
1 26  GLN n 
1 27  VAL n 
1 28  ARG n 
1 29  MET n 
1 30  PRO n 
1 31  GLY n 
1 32  GLY n 
1 33  GLY n 
1 34  ILE n 
1 35  VAL n 
1 36  THR n 
1 37  ARG n 
1 38  GLU n 
1 39  VAL n 
1 40  VAL n 
1 41  GLU n 
1 42  HIS n 
1 43  PHE n 
1 44  GLY n 
1 45  ALA n 
1 46  VAL n 
1 47  ALA n 
1 48  ILE n 
1 49  VAL n 
1 50  ALA n 
1 51  MET n 
1 52  ASP n 
1 53  ASP n 
1 54  ASN n 
1 55  GLY n 
1 56  ASN n 
1 57  ILE n 
1 58  PRO n 
1 59  MET n 
1 60  VAL n 
1 61  TYR n 
1 62  GLN n 
1 63  TYR n 
1 64  ARG n 
1 65  HIS n 
1 66  THR n 
1 67  TYR n 
1 68  GLY n 
1 69  ARG n 
1 70  ARG n 
1 71  LEU n 
1 72  TRP n 
1 73  GLU n 
1 74  LEU n 
1 75  PRO n 
1 76  ALA n 
1 77  GLY n 
1 78  LEU n 
1 79  LEU n 
1 80  ASP n 
1 81  VAL n 
1 82  ALA n 
1 83  GLY n 
1 84  GLU n 
1 85  PRO n 
1 86  PRO n 
1 87  HIS n 
1 88  LEU n 
1 89  THR n 
1 90  ALA n 
1 91  ALA n 
1 92  ARG n 
1 93  GLU n 
1 94  LEU n 
1 95  ARG n 
1 96  GLU n 
1 97  GLU n 
1 98  VAL n 
1 99  GLY n 
1 100 LEU n 
1 101 GLN n 
1 102 ALA n 
1 103 SER n 
1 104 THR n 
1 105 TRP n 
1 106 GLN n 
1 107 VAL n 
1 108 LEU n 
1 109 VAL n 
1 110 ASP n 
1 111 LEU n 
1 112 ASP n 
1 113 THR n 
1 114 ALA n 
1 115 PRO n 
1 116 GLY n 
1 117 PHE n 
1 118 SER n 
1 119 ASP n 
1 120 GLU n 
1 121 SER n 
1 122 VAL n 
1 123 ARG n 
1 124 VAL n 
1 125 TYR n 
1 126 LEU n 
1 127 ALA n 
1 128 THR n 
1 129 GLY n 
1 130 LEU n 
1 131 ARG n 
1 132 GLU n 
1 133 VAL n 
1 134 GLY n 
1 135 ARG n 
1 136 PRO n 
1 137 GLU n 
1 138 ALA n 
1 139 HIS n 
1 140 HIS n 
1 141 GLU n 
1 142 GLU n 
1 143 ALA n 
1 144 ASP n 
1 145 MET n 
1 146 THR n 
1 147 MET n 
1 148 GLY n 
1 149 TRP n 
1 150 TYR n 
1 151 PRO n 
1 152 ILE n 
1 153 ALA n 
1 154 GLU n 
1 155 ALA n 
1 156 ALA n 
1 157 ARG n 
1 158 ARG n 
1 159 VAL n 
1 160 LEU n 
1 161 ARG n 
1 162 GLY n 
1 163 GLU n 
1 164 ILE n 
1 165 VAL n 
1 166 ASN n 
1 167 SER n 
1 168 ILE n 
1 169 ALA n 
1 170 ILE n 
1 171 ALA n 
1 172 GLY n 
1 173 VAL n 
1 174 LEU n 
1 175 ALA n 
1 176 VAL n 
1 177 HIS n 
1 178 ALA n 
1 179 VAL n 
1 180 THR n 
1 181 THR n 
1 182 GLY n 
1 183 PHE n 
1 184 ALA n 
1 185 GLN n 
1 186 PRO n 
1 187 ARG n 
1 188 PRO n 
1 189 LEU n 
1 190 ASP n 
1 191 THR n 
1 192 GLU n 
1 193 TRP n 
1 194 ILE n 
1 195 ASP n 
1 196 ARG n 
1 197 PRO n 
1 198 THR n 
1 199 ALA n 
1 200 PHE n 
1 201 ALA n 
1 202 ALA n 
1 203 ARG n 
1 204 ARG n 
1 205 ALA n 
1 206 GLU n 
1 207 ARG n 
# 
_entity_src_gen.entity_id                          1 
_entity_src_gen.pdbx_src_id                        1 
_entity_src_gen.pdbx_alt_source_flag               sample 
_entity_src_gen.pdbx_seq_type                      ? 
_entity_src_gen.pdbx_beg_seq_num                   ? 
_entity_src_gen.pdbx_end_seq_num                   ? 
_entity_src_gen.gene_src_common_name               ? 
_entity_src_gen.gene_src_genus                     Mycobacterium 
_entity_src_gen.pdbx_gene_src_gene                 RV1700 
_entity_src_gen.gene_src_species                   ? 
_entity_src_gen.gene_src_strain                    ? 
_entity_src_gen.gene_src_tissue                    ? 
_entity_src_gen.gene_src_tissue_fraction           ? 
_entity_src_gen.gene_src_details                   ? 
_entity_src_gen.pdbx_gene_src_fragment             ? 
_entity_src_gen.pdbx_gene_src_scientific_name      'Mycobacterium tuberculosis' 
_entity_src_gen.pdbx_gene_src_ncbi_taxonomy_id     1773 
_entity_src_gen.pdbx_gene_src_variant              ? 
_entity_src_gen.pdbx_gene_src_cell_line            ? 
_entity_src_gen.pdbx_gene_src_atcc                 ? 
_entity_src_gen.pdbx_gene_src_organ                ? 
_entity_src_gen.pdbx_gene_src_organelle            ? 
_entity_src_gen.pdbx_gene_src_cell                 ? 
_entity_src_gen.pdbx_gene_src_cellular_location    ? 
_entity_src_gen.host_org_common_name               ? 
_entity_src_gen.pdbx_host_org_scientific_name      'Escherichia coli' 
_entity_src_gen.pdbx_host_org_ncbi_taxonomy_id     562 
_entity_src_gen.host_org_genus                     Escherichia 
_entity_src_gen.pdbx_host_org_gene                 ? 
_entity_src_gen.pdbx_host_org_organ                ? 
_entity_src_gen.host_org_species                   ? 
_entity_src_gen.pdbx_host_org_tissue               ? 
_entity_src_gen.pdbx_host_org_tissue_fraction      ? 
_entity_src_gen.pdbx_host_org_strain               'BLR(DE3)' 
_entity_src_gen.pdbx_host_org_variant              ? 
_entity_src_gen.pdbx_host_org_cell_line            ? 
_entity_src_gen.pdbx_host_org_atcc                 ? 
_entity_src_gen.pdbx_host_org_culture_collection   ? 
_entity_src_gen.pdbx_host_org_cell                 ? 
_entity_src_gen.pdbx_host_org_organelle            ? 
_entity_src_gen.pdbx_host_org_cellular_location    ? 
_entity_src_gen.pdbx_host_org_vector_type          Plasmid 
_entity_src_gen.pdbx_host_org_vector               ? 
_entity_src_gen.host_org_details                   ? 
_entity_src_gen.expression_system_id               ? 
_entity_src_gen.plasmid_name                       pET11b 
_entity_src_gen.plasmid_details                    ? 
_entity_src_gen.pdbx_description                   ? 
# 
loop_
_chem_comp.id 
_chem_comp.type 
_chem_comp.mon_nstd_flag 
_chem_comp.name 
_chem_comp.pdbx_synonyms 
_chem_comp.formula 
_chem_comp.formula_weight 
ALA 'L-peptide linking' y ALANINE         ? 'C3 H7 N O2'     89.093  
ARG 'L-peptide linking' y ARGININE        ? 'C6 H15 N4 O2 1' 175.209 
ASN 'L-peptide linking' y ASPARAGINE      ? 'C4 H8 N2 O3'    132.118 
ASP 'L-peptide linking' y 'ASPARTIC ACID' ? 'C4 H7 N O4'     133.103 
GLN 'L-peptide linking' y GLUTAMINE       ? 'C5 H10 N2 O3'   146.144 
GLU 'L-peptide linking' y 'GLUTAMIC ACID' ? 'C5 H9 N O4'     147.129 
GLY 'peptide linking'   y GLYCINE         ? 'C2 H5 N O2'     75.067  
HIS 'L-peptide linking' y HISTIDINE       ? 'C6 H10 N3 O2 1' 156.162 
HOH non-polymer         . WATER           ? 'H2 O'           18.015  
ILE 'L-peptide linking' y ISOLEUCINE      ? 'C6 H13 N O2'    131.173 
LEU 'L-peptide linking' y LEUCINE         ? 'C6 H13 N O2'    131.173 
MET 'L-peptide linking' y METHIONINE      ? 'C5 H11 N O2 S'  149.211 
PHE 'L-peptide linking' y PHENYLALANINE   ? 'C9 H11 N O2'    165.189 
PRO 'L-peptide linking' y PROLINE         ? 'C5 H9 N O2'     115.130 
SER 'L-peptide linking' y SERINE          ? 'C3 H7 N O3'     105.093 
THR 'L-peptide linking' y THREONINE       ? 'C4 H9 N O3'     119.119 
TRP 'L-peptide linking' y TRYPTOPHAN      ? 'C11 H12 N2 O2'  204.225 
TYR 'L-peptide linking' y TYROSINE        ? 'C9 H11 N O3'    181.189 
VAL 'L-peptide linking' y VALINE          ? 'C5 H11 N O2'    117.146 
# 
loop_
_pdbx_poly_seq_scheme.asym_id 
_pdbx_poly_seq_scheme.entity_id 
_pdbx_poly_seq_scheme.seq_id 
_pdbx_poly_seq_scheme.mon_id 
_pdbx_poly_seq_scheme.ndb_seq_num 
_pdbx_poly_seq_scheme.pdb_seq_num 
_pdbx_poly_seq_scheme.auth_seq_num 
_pdbx_poly_seq_scheme.pdb_mon_id 
_pdbx_poly_seq_scheme.auth_mon_id 
_pdbx_poly_seq_scheme.pdb_strand_id 
_pdbx_poly_seq_scheme.pdb_ins_code 
_pdbx_poly_seq_scheme.hetero 
A 1 1   MET 1   1   ?   ?   ?   A . n 
A 1 2   ALA 2   2   ?   ?   ?   A . n 
A 1 3   GLU 3   3   ?   ?   ?   A . n 
A 1 4   HIS 4   4   ?   ?   ?   A . n 
A 1 5   ASP 5   5   ?   ?   ?   A . n 
A 1 6   PHE 6   6   6   PHE PHE A . n 
A 1 7   GLU 7   7   7   GLU GLU A . n 
A 1 8   THR 8   8   8   THR THR A . n 
A 1 9   ILE 9   9   9   ILE ILE A . n 
A 1 10  SER 10  10  10  SER SER A . n 
A 1 11  SER 11  11  11  SER SER A . n 
A 1 12  GLU 12  12  12  GLU GLU A . n 
A 1 13  THR 13  13  13  THR THR A . n 
A 1 14  LEU 14  14  14  LEU LEU A . n 
A 1 15  HIS 15  15  15  HIS HIS A . n 
A 1 16  THR 16  16  16  THR THR A . n 
A 1 17  GLY 17  17  17  GLY GLY A . n 
A 1 18  ALA 18  18  18  ALA ALA A . n 
A 1 19  ILE 19  19  19  ILE ILE A . n 
A 1 20  PHE 20  20  20  PHE PHE A . n 
A 1 21  ALA 21  21  21  ALA ALA A . n 
A 1 22  LEU 22  22  22  LEU LEU A . n 
A 1 23  ARG 23  23  23  ARG ARG A . n 
A 1 24  ARG 24  24  24  ARG ARG A . n 
A 1 25  ASP 25  25  25  ASP ASP A . n 
A 1 26  GLN 26  26  26  GLN GLN A . n 
A 1 27  VAL 27  27  27  VAL VAL A . n 
A 1 28  ARG 28  28  28  ARG ARG A . n 
A 1 29  MET 29  29  ?   ?   ?   A . n 
A 1 30  PRO 30  30  ?   ?   ?   A . n 
A 1 31  GLY 31  31  ?   ?   ?   A . n 
A 1 32  GLY 32  32  ?   ?   ?   A . n 
A 1 33  GLY 33  33  ?   ?   ?   A . n 
A 1 34  ILE 34  34  34  ILE ILE A . n 
A 1 35  VAL 35  35  35  VAL VAL A . n 
A 1 36  THR 36  36  36  THR THR A . n 
A 1 37  ARG 37  37  37  ARG ARG A . n 
A 1 38  GLU 38  38  38  GLU GLU A . n 
A 1 39  VAL 39  39  39  VAL VAL A . n 
A 1 40  VAL 40  40  40  VAL VAL A . n 
A 1 41  GLU 41  41  41  GLU GLU A . n 
A 1 42  HIS 42  42  42  HIS HIS A . n 
A 1 43  PHE 43  43  43  PHE PHE A . n 
A 1 44  GLY 44  44  44  GLY GLY A . n 
A 1 45  ALA 45  45  45  ALA ALA A . n 
A 1 46  VAL 46  46  46  VAL VAL A . n 
A 1 47  ALA 47  47  47  ALA ALA A . n 
A 1 48  ILE 48  48  48  ILE ILE A . n 
A 1 49  VAL 49  49  49  VAL VAL A . n 
A 1 50  ALA 50  50  50  ALA ALA A . n 
A 1 51  MET 51  51  51  MET MET A . n 
A 1 52  ASP 52  52  52  ASP ASP A . n 
A 1 53  ASP 53  53  53  ASP ASP A . n 
A 1 54  ASN 54  54  54  ASN ASN A . n 
A 1 55  GLY 55  55  55  GLY GLY A . n 
A 1 56  ASN 56  56  56  ASN ASN A . n 
A 1 57  ILE 57  57  57  ILE ILE A . n 
A 1 58  PRO 58  58  58  PRO PRO A . n 
A 1 59  MET 59  59  59  MET MET A . n 
A 1 60  VAL 60  60  60  VAL VAL A . n 
A 1 61  TYR 61  61  61  TYR TYR A . n 
A 1 62  GLN 62  62  62  GLN GLN A . n 
A 1 63  TYR 63  63  63  TYR TYR A . n 
A 1 64  ARG 64  64  64  ARG ARG A . n 
A 1 65  HIS 65  65  65  HIS HIS A . n 
A 1 66  THR 66  66  66  THR THR A . n 
A 1 67  TYR 67  67  67  TYR TYR A . n 
A 1 68  GLY 68  68  68  GLY GLY A . n 
A 1 69  ARG 69  69  69  ARG ARG A . n 
A 1 70  ARG 70  70  70  ARG ARG A . n 
A 1 71  LEU 71  71  71  LEU LEU A . n 
A 1 72  TRP 72  72  72  TRP TRP A . n 
A 1 73  GLU 73  73  73  GLU GLU A . n 
A 1 74  LEU 74  74  74  LEU LEU A . n 
A 1 75  PRO 75  75  75  PRO PRO A . n 
A 1 76  ALA 76  76  76  ALA ALA A . n 
A 1 77  GLY 77  77  77  GLY GLY A . n 
A 1 78  LEU 78  78  78  LEU LEU A . n 
A 1 79  LEU 79  79  79  LEU LEU A . n 
A 1 80  ASP 80  80  80  ASP ASP A . n 
A 1 81  VAL 81  81  81  VAL VAL A . n 
A 1 82  ALA 82  82  82  ALA ALA A . n 
A 1 83  GLY 83  83  83  GLY GLY A . n 
A 1 84  GLU 84  84  84  GLU GLU A . n 
A 1 85  PRO 85  85  85  PRO PRO A . n 
A 1 86  PRO 86  86  86  PRO PRO A . n 
A 1 87  HIS 87  87  87  HIS HIS A . n 
A 1 88  LEU 88  88  88  LEU LEU A . n 
A 1 89  THR 89  89  89  THR THR A . n 
A 1 90  ALA 90  90  90  ALA ALA A . n 
A 1 91  ALA 91  91  91  ALA ALA A . n 
A 1 92  ARG 92  92  92  ARG ARG A . n 
A 1 93  GLU 93  93  93  GLU GLU A . n 
A 1 94  LEU 94  94  94  LEU LEU A . n 
A 1 95  ARG 95  95  95  ARG ARG A . n 
A 1 96  GLU 96  96  96  GLU GLU A . n 
A 1 97  GLU 97  97  97  GLU GLU A . n 
A 1 98  VAL 98  98  98  VAL VAL A . n 
A 1 99  GLY 99  99  99  GLY GLY A . n 
A 1 100 LEU 100 100 100 LEU LEU A . n 
A 1 101 GLN 101 101 101 GLN GLN A . n 
A 1 102 ALA 102 102 102 ALA ALA A . n 
A 1 103 SER 103 103 103 SER SER A . n 
A 1 104 THR 104 104 104 THR THR A . n 
A 1 105 TRP 105 105 105 TRP TRP A . n 
A 1 106 GLN 106 106 106 GLN GLN A . n 
A 1 107 VAL 107 107 107 VAL VAL A . n 
A 1 108 LEU 108 108 108 LEU LEU A . n 
A 1 109 VAL 109 109 109 VAL VAL A . n 
A 1 110 ASP 110 110 110 ASP ASP A . n 
A 1 111 LEU 111 111 111 LEU LEU A . n 
A 1 112 ASP 112 112 112 ASP ASP A . n 
A 1 113 THR 113 113 113 THR THR A . n 
A 1 114 ALA 114 114 114 ALA ALA A . n 
A 1 115 PRO 115 115 115 PRO PRO A . n 
A 1 116 GLY 116 116 116 GLY GLY A . n 
A 1 117 PHE 117 117 117 PHE PHE A . n 
A 1 118 SER 118 118 118 SER SER A . n 
A 1 119 ASP 119 119 119 ASP ASP A . n 
A 1 120 GLU 120 120 120 GLU GLU A . n 
A 1 121 SER 121 121 121 SER SER A . n 
A 1 122 VAL 122 122 122 VAL VAL A . n 
A 1 123 ARG 123 123 123 ARG ARG A . n 
A 1 124 VAL 124 124 124 VAL VAL A . n 
A 1 125 TYR 125 125 125 TYR TYR A . n 
A 1 126 LEU 126 126 126 LEU LEU A . n 
A 1 127 ALA 127 127 127 ALA ALA A . n 
A 1 128 THR 128 128 128 THR THR A . n 
A 1 129 GLY 129 129 129 GLY GLY A . n 
A 1 130 LEU 130 130 130 LEU LEU A . n 
A 1 131 ARG 131 131 131 ARG ARG A . n 
A 1 132 GLU 132 132 132 GLU GLU A . n 
A 1 133 VAL 133 133 133 VAL VAL A . n 
A 1 134 GLY 134 134 134 GLY GLY A . n 
A 1 135 ARG 135 135 135 ARG ARG A . n 
A 1 136 PRO 136 136 ?   ?   ?   A . n 
A 1 137 GLU 137 137 ?   ?   ?   A . n 
A 1 138 ALA 138 138 ?   ?   ?   A . n 
A 1 139 HIS 139 139 ?   ?   ?   A . n 
A 1 140 HIS 140 140 ?   ?   ?   A . n 
A 1 141 GLU 141 141 ?   ?   ?   A . n 
A 1 142 GLU 142 142 ?   ?   ?   A . n 
A 1 143 ALA 143 143 ?   ?   ?   A . n 
A 1 144 ASP 144 144 ?   ?   ?   A . n 
A 1 145 MET 145 145 ?   ?   ?   A . n 
A 1 146 THR 146 146 146 THR THR A . n 
A 1 147 MET 147 147 147 MET MET A . n 
A 1 148 GLY 148 148 148 GLY GLY A . n 
A 1 149 TRP 149 149 149 TRP TRP A . n 
A 1 150 TYR 150 150 150 TYR TYR A . n 
A 1 151 PRO 151 151 151 PRO PRO A . n 
A 1 152 ILE 152 152 152 ILE ILE A . n 
A 1 153 ALA 153 153 153 ALA ALA A . n 
A 1 154 GLU 154 154 154 GLU GLU A . n 
A 1 155 ALA 155 155 155 ALA ALA A . n 
A 1 156 ALA 156 156 156 ALA ALA A . n 
A 1 157 ARG 157 157 157 ARG ARG A . n 
A 1 158 ARG 158 158 158 ARG ARG A . n 
A 1 159 VAL 159 159 159 VAL VAL A . n 
A 1 160 LEU 160 160 160 LEU LEU A . n 
A 1 161 ARG 161 161 161 ARG ARG A . n 
A 1 162 GLY 162 162 162 GLY GLY A . n 
A 1 163 GLU 163 163 163 GLU GLU A . n 
A 1 164 ILE 164 164 164 ILE ILE A . n 
A 1 165 VAL 165 165 165 VAL VAL A . n 
A 1 166 ASN 166 166 166 ASN ASN A . n 
A 1 167 SER 167 167 167 SER SER A . n 
A 1 168 ILE 168 168 168 ILE ILE A . n 
A 1 169 ALA 169 169 169 ALA ALA A . n 
A 1 170 ILE 170 170 170 ILE ILE A . n 
A 1 171 ALA 171 171 171 ALA ALA A . n 
A 1 172 GLY 172 172 172 GLY GLY A . n 
A 1 173 VAL 173 173 173 VAL VAL A . n 
A 1 174 LEU 174 174 174 LEU LEU A . n 
A 1 175 ALA 175 175 175 ALA ALA A . n 
A 1 176 VAL 176 176 176 VAL VAL A . n 
A 1 177 HIS 177 177 177 HIS HIS A . n 
A 1 178 ALA 178 178 178 ALA ALA A . n 
A 1 179 VAL 179 179 179 VAL VAL A . n 
A 1 180 THR 180 180 180 THR THR A . n 
A 1 181 THR 181 181 181 THR THR A . n 
A 1 182 GLY 182 182 182 GLY GLY A . n 
A 1 183 PHE 183 183 183 PHE PHE A . n 
A 1 184 ALA 184 184 184 ALA ALA A . n 
A 1 185 GLN 185 185 185 GLN GLN A . n 
A 1 186 PRO 186 186 186 PRO PRO A . n 
A 1 187 ARG 187 187 187 ARG ARG A . n 
A 1 188 PRO 188 188 188 PRO PRO A . n 
A 1 189 LEU 189 189 189 LEU LEU A . n 
A 1 190 ASP 190 190 190 ASP ASP A . n 
A 1 191 THR 191 191 191 THR THR A . n 
A 1 192 GLU 192 192 192 GLU GLU A . n 
A 1 193 TRP 193 193 193 TRP TRP A . n 
A 1 194 ILE 194 194 194 ILE ILE A . n 
A 1 195 ASP 195 195 195 ASP ASP A . n 
A 1 196 ARG 196 196 196 ARG ARG A . n 
A 1 197 PRO 197 197 197 PRO PRO A . n 
A 1 198 THR 198 198 198 THR THR A . n 
A 1 199 ALA 199 199 199 ALA ALA A . n 
A 1 200 PHE 200 200 200 PHE PHE A . n 
A 1 201 ALA 201 201 201 ALA ALA A . n 
A 1 202 ALA 202 202 202 ALA ALA A . n 
A 1 203 ARG 203 203 203 ARG ARG A . n 
A 1 204 ARG 204 204 204 ARG ARG A . n 
A 1 205 ALA 205 205 205 ALA ALA A . n 
A 1 206 GLU 206 206 206 GLU GLU A . n 
A 1 207 ARG 207 207 207 ARG ARG A . n 
# 
loop_
_pdbx_nonpoly_scheme.asym_id 
_pdbx_nonpoly_scheme.entity_id 
_pdbx_nonpoly_scheme.mon_id 
_pdbx_nonpoly_scheme.ndb_seq_num 
_pdbx_nonpoly_scheme.pdb_seq_num 
_pdbx_nonpoly_scheme.auth_seq_num 
_pdbx_nonpoly_scheme.pdb_mon_id 
_pdbx_nonpoly_scheme.auth_mon_id 
_pdbx_nonpoly_scheme.pdb_strand_id 
_pdbx_nonpoly_scheme.pdb_ins_code 
B 2 HOH 1  208 1  HOH WAT A . 
B 2 HOH 2  209 2  HOH WAT A . 
B 2 HOH 3  210 3  HOH WAT A . 
B 2 HOH 4  211 4  HOH WAT A . 
B 2 HOH 5  212 5  HOH WAT A . 
B 2 HOH 6  213 6  HOH WAT A . 
B 2 HOH 7  214 7  HOH WAT A . 
B 2 HOH 8  215 8  HOH WAT A . 
B 2 HOH 9  216 9  HOH WAT A . 
B 2 HOH 10 217 10 HOH WAT A . 
B 2 HOH 11 218 11 HOH WAT A . 
B 2 HOH 12 219 12 HOH WAT A . 
B 2 HOH 13 220 13 HOH WAT A . 
B 2 HOH 14 221 14 HOH WAT A . 
B 2 HOH 15 222 15 HOH WAT A . 
B 2 HOH 16 223 16 HOH WAT A . 
B 2 HOH 17 224 17 HOH WAT A . 
B 2 HOH 18 225 18 HOH WAT A . 
B 2 HOH 19 226 19 HOH WAT A . 
B 2 HOH 20 227 20 HOH WAT A . 
B 2 HOH 21 228 21 HOH WAT A . 
B 2 HOH 22 229 22 HOH WAT A . 
B 2 HOH 23 230 23 HOH WAT A . 
B 2 HOH 24 231 24 HOH WAT A . 
B 2 HOH 25 232 25 HOH WAT A . 
B 2 HOH 26 233 26 HOH WAT A . 
B 2 HOH 27 234 27 HOH WAT A . 
B 2 HOH 28 235 28 HOH WAT A . 
B 2 HOH 29 236 29 HOH WAT A . 
B 2 HOH 30 237 30 HOH WAT A . 
B 2 HOH 31 238 31 HOH WAT A . 
B 2 HOH 32 239 32 HOH WAT A . 
B 2 HOH 33 240 33 HOH WAT A . 
B 2 HOH 34 241 34 HOH WAT A . 
B 2 HOH 35 242 35 HOH WAT A . 
B 2 HOH 36 243 36 HOH WAT A . 
B 2 HOH 37 244 37 HOH WAT A . 
B 2 HOH 38 245 38 HOH WAT A . 
B 2 HOH 39 246 39 HOH WAT A . 
B 2 HOH 40 247 40 HOH WAT A . 
B 2 HOH 41 248 41 HOH WAT A . 
B 2 HOH 42 249 42 HOH WAT A . 
B 2 HOH 43 250 43 HOH WAT A . 
B 2 HOH 44 251 44 HOH WAT A . 
B 2 HOH 45 252 45 HOH WAT A . 
B 2 HOH 46 253 46 HOH WAT A . 
B 2 HOH 47 254 47 HOH WAT A . 
B 2 HOH 48 255 48 HOH WAT A . 
B 2 HOH 49 256 49 HOH WAT A . 
B 2 HOH 50 257 50 HOH WAT A . 
B 2 HOH 51 258 51 HOH WAT A . 
B 2 HOH 52 259 52 HOH WAT A . 
B 2 HOH 53 260 53 HOH WAT A . 
B 2 HOH 54 261 54 HOH WAT A . 
B 2 HOH 55 262 55 HOH WAT A . 
B 2 HOH 56 263 56 HOH WAT A . 
B 2 HOH 57 264 57 HOH WAT A . 
B 2 HOH 58 265 58 HOH WAT A . 
B 2 HOH 59 266 59 HOH WAT A . 
B 2 HOH 60 267 60 HOH WAT A . 
B 2 HOH 61 268 61 HOH WAT A . 
B 2 HOH 62 269 62 HOH WAT A . 
B 2 HOH 63 270 63 HOH WAT A . 
B 2 HOH 64 271 64 HOH WAT A . 
B 2 HOH 65 272 66 HOH WAT A . 
B 2 HOH 66 273 67 HOH WAT A . 
B 2 HOH 67 274 68 HOH WAT A . 
B 2 HOH 68 275 69 HOH WAT A . 
B 2 HOH 69 276 70 HOH WAT A . 
B 2 HOH 70 277 71 HOH WAT A . 
# 
loop_
_software.name 
_software.classification 
_software.version 
_software.citation_id 
_software.pdbx_ordinal 
DENZO     'data reduction' . ? 1 
SCALEPACK 'data scaling'   . ? 2 
CNS       refinement       . ? 3 
CNS       phasing          . ? 4 
# 
_cell.entry_id           1MP2 
_cell.length_a           63.559 
_cell.length_b           63.559 
_cell.length_c           182.146 
_cell.angle_alpha        90.00 
_cell.angle_beta         90.00 
_cell.angle_gamma        120.00 
_cell.Z_PDB              12 
_cell.pdbx_unique_axis   ? 
# 
_symmetry.entry_id                         1MP2 
_symmetry.space_group_name_H-M             'P 61 2 2' 
_symmetry.pdbx_full_space_group_name_H-M   ? 
_symmetry.cell_setting                     ? 
_symmetry.Int_Tables_number                178 
# 
_exptl.entry_id          1MP2 
_exptl.method            'X-RAY DIFFRACTION' 
_exptl.crystals_number   1 
# 
_exptl_crystal.id                    1 
_exptl_crystal.density_meas          ? 
_exptl_crystal.density_percent_sol   46.88 
_exptl_crystal.density_Matthews      2.32 
_exptl_crystal.description           ? 
# 
_exptl_crystal_grow.crystal_id      1 
_exptl_crystal_grow.method          'VAPOR DIFFUSION, HANGING DROP' 
_exptl_crystal_grow.temp            298 
_exptl_crystal_grow.temp_details    ? 
_exptl_crystal_grow.pH              7.5 
_exptl_crystal_grow.pdbx_details    'Na Formate, Tris HCl, pH 7.5, VAPOR DIFFUSION, HANGING DROP, temperature 298K' 
_exptl_crystal_grow.pdbx_pH_range   . 
# 
_diffrn.id                     1 
_diffrn.ambient_temp           93 
_diffrn.ambient_temp_details   ? 
_diffrn.crystal_id             1 
# 
_diffrn_detector.diffrn_id              1 
_diffrn_detector.detector               'IMAGE PLATE' 
_diffrn_detector.type                   'RIGAKU RAXIS IV' 
_diffrn_detector.pdbx_collection_date   2001-12-23 
_diffrn_detector.details                mirrors 
# 
_diffrn_radiation.diffrn_id                        1 
_diffrn_radiation.wavelength_id                    1 
_diffrn_radiation.pdbx_monochromatic_or_laue_m_l   M 
_diffrn_radiation.monochromator                    'Ni filter' 
_diffrn_radiation.pdbx_diffrn_protocol             'SINGLE WAVELENGTH' 
_diffrn_radiation.pdbx_scattering_type             x-ray 
# 
_diffrn_radiation_wavelength.id           1 
_diffrn_radiation_wavelength.wavelength   1.54 
_diffrn_radiation_wavelength.wt           1.0 
# 
_diffrn_source.diffrn_id                   1 
_diffrn_source.source                      'ROTATING ANODE' 
_diffrn_source.type                        'RIGAKU RU200' 
_diffrn_source.pdbx_synchrotron_site       ? 
_diffrn_source.pdbx_synchrotron_beamline   ? 
_diffrn_source.pdbx_wavelength             ? 
_diffrn_source.pdbx_wavelength_list        1.54 
# 
_reflns.entry_id                     1MP2 
_reflns.observed_criterion_sigma_F   0 
_reflns.observed_criterion_sigma_I   0.0 
_reflns.d_resolution_high            2.3 
_reflns.d_resolution_low             30 
_reflns.number_all                   ? 
_reflns.number_obs                   18295 
_reflns.percent_possible_obs         99.5 
_reflns.pdbx_Rmerge_I_obs            ? 
_reflns.pdbx_Rsym_value              0.099 
_reflns.pdbx_netI_over_sigmaI        15.7 
_reflns.B_iso_Wilson_estimate        ? 
_reflns.pdbx_redundancy              ? 
_reflns.R_free_details               ? 
_reflns.limit_h_max                  ? 
_reflns.limit_h_min                  ? 
_reflns.limit_k_max                  ? 
_reflns.limit_k_min                  ? 
_reflns.limit_l_max                  ? 
_reflns.limit_l_min                  ? 
_reflns.observed_criterion_F_max     ? 
_reflns.observed_criterion_F_min     ? 
_reflns.pdbx_ordinal                 1 
_reflns.pdbx_diffrn_id               1 
# 
_reflns_shell.d_res_high             2.3 
_reflns_shell.d_res_low              2.38 
_reflns_shell.percent_possible_all   99.9 
_reflns_shell.Rmerge_I_obs           ? 
_reflns_shell.pdbx_Rsym_value        0.317 
_reflns_shell.meanI_over_sigI_obs    8.43 
_reflns_shell.pdbx_redundancy        ? 
_reflns_shell.percent_possible_obs   ? 
_reflns_shell.number_unique_all      ? 
_reflns_shell.pdbx_ordinal           1 
_reflns_shell.pdbx_diffrn_id         1 
# 
_refine.entry_id                                 1MP2 
_refine.ls_d_res_high                            2.3 
_refine.ls_d_res_low                             30 
_refine.pdbx_ls_sigma_F                          0 
_refine.pdbx_ls_sigma_I                          ? 
_refine.ls_number_reflns_all                     18295 
_refine.ls_number_reflns_obs                     18105 
_refine.ls_number_reflns_R_free                  1743 
_refine.ls_percent_reflns_obs                    ? 
_refine.ls_R_factor_all                          ? 
_refine.ls_R_factor_obs                          ? 
_refine.ls_R_factor_R_work                       0.2042 
_refine.ls_R_factor_R_free                       0.2622 
_refine.ls_redundancy_reflns_obs                 ? 
_refine.pdbx_data_cutoff_high_absF               ? 
_refine.pdbx_data_cutoff_low_absF                ? 
_refine.ls_number_parameters                     ? 
_refine.ls_number_restraints                     ? 
_refine.ls_percent_reflns_R_free                 ? 
_refine.ls_R_factor_R_free_error                 ? 
_refine.ls_R_factor_R_free_error_details         ? 
_refine.pdbx_method_to_determine_struct          MIR 
_refine.pdbx_starting_model                      ? 
_refine.pdbx_ls_cross_valid_method               ? 
_refine.pdbx_R_Free_selection_details            random 
_refine.pdbx_stereochem_target_val_spec_case     ? 
_refine.pdbx_stereochemistry_target_values       'Engh & Huber' 
_refine.solvent_model_details                    ? 
_refine.solvent_model_param_bsol                 ? 
_refine.solvent_model_param_ksol                 ? 
_refine.occupancy_max                            ? 
_refine.occupancy_min                            ? 
_refine.pdbx_isotropic_thermal_model             ? 
_refine.B_iso_mean                               ? 
_refine.aniso_B[1][1]                            ? 
_refine.aniso_B[1][2]                            ? 
_refine.aniso_B[1][3]                            ? 
_refine.aniso_B[2][2]                            ? 
_refine.aniso_B[2][3]                            ? 
_refine.aniso_B[3][3]                            ? 
_refine.details                                  ? 
_refine.B_iso_min                                ? 
_refine.B_iso_max                                ? 
_refine.correlation_coeff_Fo_to_Fc               ? 
_refine.correlation_coeff_Fo_to_Fc_free          ? 
_refine.pdbx_solvent_vdw_probe_radii             ? 
_refine.pdbx_solvent_ion_probe_radii             ? 
_refine.pdbx_solvent_shrinkage_radii             ? 
_refine.overall_SU_R_Cruickshank_DPI             ? 
_refine.overall_SU_R_free                        ? 
_refine.overall_SU_B                             ? 
_refine.overall_SU_ML                            ? 
_refine.pdbx_overall_ESU_R                       ? 
_refine.pdbx_overall_ESU_R_Free                  ? 
_refine.pdbx_data_cutoff_high_rms_absF           ? 
_refine.pdbx_refine_id                           'X-RAY DIFFRACTION' 
_refine.pdbx_diffrn_id                           1 
_refine.pdbx_TLS_residual_ADP_flag               ? 
_refine.pdbx_overall_phase_error                 ? 
_refine.pdbx_overall_SU_R_free_Cruickshank_DPI   ? 
_refine.pdbx_overall_SU_R_Blow_DPI               ? 
_refine.pdbx_overall_SU_R_free_Blow_DPI          ? 
# 
_refine_hist.pdbx_refine_id                   'X-RAY DIFFRACTION' 
_refine_hist.cycle_id                         LAST 
_refine_hist.pdbx_number_atoms_protein        1467 
_refine_hist.pdbx_number_atoms_nucleic_acid   0 
_refine_hist.pdbx_number_atoms_ligand         0 
_refine_hist.number_atoms_solvent             70 
_refine_hist.number_atoms_total               1537 
_refine_hist.d_res_high                       2.3 
_refine_hist.d_res_low                        30 
# 
loop_
_refine_ls_restr.type 
_refine_ls_restr.dev_ideal 
_refine_ls_restr.dev_ideal_target 
_refine_ls_restr.weight 
_refine_ls_restr.number 
_refine_ls_restr.pdbx_refine_id 
_refine_ls_restr.pdbx_restraint_function 
c_bond_d     0.0066 ? ? ? 'X-RAY DIFFRACTION' ? 
c_angle_d    1.367  ? ? ? 'X-RAY DIFFRACTION' ? 
c_mcbond_it  1.28   ? ? ? 'X-RAY DIFFRACTION' ? 
c_mcangle_it 2.236  ? ? ? 'X-RAY DIFFRACTION' ? 
# 
_struct.entry_id                  1MP2 
_struct.title                     'Structure of MT-ADPRase (Apoenzyme), a Nudix hydrolase from Mycobacterium tuberculosis' 
_struct.pdbx_model_details        ? 
_struct.pdbx_CASP_flag            ? 
_struct.pdbx_model_type_details   ? 
# 
_struct_keywords.entry_id        1MP2 
_struct_keywords.pdbx_keywords   HYDROLASE 
_struct_keywords.text            'Rv1700, ADPRase, Nudix hydrolase, ADPR, Mycobacterium Tuberculosis, HYDROLASE' 
# 
loop_
_struct_asym.id 
_struct_asym.pdbx_blank_PDB_chainid_flag 
_struct_asym.pdbx_modified 
_struct_asym.entity_id 
_struct_asym.details 
A N N 1 ? 
B N N 2 ? 
# 
_struct_ref.id                         1 
_struct_ref.db_name                    UNP 
_struct_ref.db_code                    O33199_MYCTU 
_struct_ref.entity_id                  1 
_struct_ref.pdbx_seq_one_letter_code   
;MAEHDFETISSETLHTGAIFALRRDQVRMPGGGIVTREVVEHFGAVAIVAMDDNGNIPMVYQYRHTYGRRLWELPAGLLD
VAGEPPHLTAARELREEVGLQASTWQVLVDLDTAPGFSDESVRVYLATGLREVGRPEAHHEEADMTMGWYPIAEAARRVL
RGEIVNSIAIAGVLAVHAVTTGFAQPRPLDTEWIDRPTAFAARRAER
;
_struct_ref.pdbx_align_begin           1 
_struct_ref.pdbx_db_accession          O33199 
_struct_ref.pdbx_db_isoform            ? 
# 
_struct_ref_seq.align_id                      1 
_struct_ref_seq.ref_id                        1 
_struct_ref_seq.pdbx_PDB_id_code              1MP2 
_struct_ref_seq.pdbx_strand_id                A 
_struct_ref_seq.seq_align_beg                 1 
_struct_ref_seq.pdbx_seq_align_beg_ins_code   ? 
_struct_ref_seq.seq_align_end                 207 
_struct_ref_seq.pdbx_seq_align_end_ins_code   ? 
_struct_ref_seq.pdbx_db_accession             O33199 
_struct_ref_seq.db_align_beg                  1 
_struct_ref_seq.pdbx_db_align_beg_ins_code    ? 
_struct_ref_seq.db_align_end                  207 
_struct_ref_seq.pdbx_db_align_end_ins_code    ? 
_struct_ref_seq.pdbx_auth_seq_align_beg       1 
_struct_ref_seq.pdbx_auth_seq_align_end       207 
# 
_pdbx_struct_assembly.id                   1 
_pdbx_struct_assembly.details              author_and_software_defined_assembly 
_pdbx_struct_assembly.method_details       PISA,PQS 
_pdbx_struct_assembly.oligomeric_details   dimeric 
_pdbx_struct_assembly.oligomeric_count     2 
# 
loop_
_pdbx_struct_assembly_prop.biol_id 
_pdbx_struct_assembly_prop.type 
_pdbx_struct_assembly_prop.value 
_pdbx_struct_assembly_prop.details 
1 'ABSA (A^2)' 5090  ? 
1 MORE         -35   ? 
1 'SSA (A^2)'  16490 ? 
# 
_pdbx_struct_assembly_gen.assembly_id       1 
_pdbx_struct_assembly_gen.oper_expression   1,2 
_pdbx_struct_assembly_gen.asym_id_list      A,B 
# 
loop_
_pdbx_struct_oper_list.id 
_pdbx_struct_oper_list.type 
_pdbx_struct_oper_list.name 
_pdbx_struct_oper_list.symmetry_operation 
_pdbx_struct_oper_list.matrix[1][1] 
_pdbx_struct_oper_list.matrix[1][2] 
_pdbx_struct_oper_list.matrix[1][3] 
_pdbx_struct_oper_list.vector[1] 
_pdbx_struct_oper_list.matrix[2][1] 
_pdbx_struct_oper_list.matrix[2][2] 
_pdbx_struct_oper_list.matrix[2][3] 
_pdbx_struct_oper_list.vector[2] 
_pdbx_struct_oper_list.matrix[3][1] 
_pdbx_struct_oper_list.matrix[3][2] 
_pdbx_struct_oper_list.matrix[3][3] 
_pdbx_struct_oper_list.vector[3] 
1 'identity operation'         1_555  x,y,z        1.0000000000  0.0000000000  0.0000000000 0.0000000000  0.0000000000  1.0000000000  0.0000000000  0.0000000000  0.0000000000 0.0000000000  1.0000000000 0.0000000000  
2 'crystal symmetry operation' 12_555 x,x-y,-z+1/6 -0.7782480772 -0.2851629689 0.5594747639 16.0126210514 -0.2851629689 -0.6332932863 -0.7194593072 -3.2521377515 0.5594747639 -0.7194593072 0.4115413636 -8.0043266507 
# 
_struct_biol.id                    1 
_struct_biol.pdbx_parent_biol_id   ? 
_struct_biol.details               ? 
# 
loop_
_struct_conf.conf_type_id 
_struct_conf.id 
_struct_conf.pdbx_PDB_helix_id 
_struct_conf.beg_label_comp_id 
_struct_conf.beg_label_asym_id 
_struct_conf.beg_label_seq_id 
_struct_conf.pdbx_beg_PDB_ins_code 
_struct_conf.end_label_comp_id 
_struct_conf.end_label_asym_id 
_struct_conf.end_label_seq_id 
_struct_conf.pdbx_end_PDB_ins_code 
_struct_conf.beg_auth_comp_id 
_struct_conf.beg_auth_asym_id 
_struct_conf.beg_auth_seq_id 
_struct_conf.end_auth_comp_id 
_struct_conf.end_auth_asym_id 
_struct_conf.end_auth_seq_id 
_struct_conf.pdbx_PDB_helix_class 
_struct_conf.details 
_struct_conf.pdbx_PDB_helix_length 
HELX_P HELX_P1 1 PRO A 85  ? GLY A 99  ? PRO A 85  GLY A 99  1 ? 15 
HELX_P HELX_P2 2 ILE A 152 ? LEU A 160 ? ILE A 152 LEU A 160 1 ? 9  
HELX_P HELX_P3 3 ASN A 166 ? THR A 181 ? ASN A 166 THR A 181 1 ? 16 
HELX_P HELX_P4 4 THR A 198 ? ARG A 204 ? THR A 198 ARG A 204 1 ? 7  
# 
_struct_conf_type.id          HELX_P 
_struct_conf_type.criteria    ? 
_struct_conf_type.reference   ? 
# 
loop_
_struct_sheet.id 
_struct_sheet.type 
_struct_sheet.number_strands 
_struct_sheet.details 
A ? 3 ? 
B ? 4 ? 
C ? 3 ? 
# 
loop_
_struct_sheet_order.sheet_id 
_struct_sheet_order.range_id_1 
_struct_sheet_order.range_id_2 
_struct_sheet_order.offset 
_struct_sheet_order.sense 
A 1 2 ? anti-parallel 
A 2 3 ? anti-parallel 
B 1 2 ? anti-parallel 
B 2 3 ? parallel      
B 3 4 ? anti-parallel 
C 1 2 ? anti-parallel 
C 2 3 ? anti-parallel 
# 
loop_
_struct_sheet_range.sheet_id 
_struct_sheet_range.id 
_struct_sheet_range.beg_label_comp_id 
_struct_sheet_range.beg_label_asym_id 
_struct_sheet_range.beg_label_seq_id 
_struct_sheet_range.pdbx_beg_PDB_ins_code 
_struct_sheet_range.end_label_comp_id 
_struct_sheet_range.end_label_asym_id 
_struct_sheet_range.end_label_seq_id 
_struct_sheet_range.pdbx_end_PDB_ins_code 
_struct_sheet_range.beg_auth_comp_id 
_struct_sheet_range.beg_auth_asym_id 
_struct_sheet_range.beg_auth_seq_id 
_struct_sheet_range.end_auth_comp_id 
_struct_sheet_range.end_auth_asym_id 
_struct_sheet_range.end_auth_seq_id 
A 1 THR A 8   ? THR A 16  ? THR A 8   THR A 16  
A 2 PHE A 20  ? VAL A 27  ? PHE A 20  VAL A 27  
A 3 VAL A 35  ? HIS A 42  ? VAL A 35  HIS A 42  
B 1 ALA A 76  ? LEU A 78  ? ALA A 76  LEU A 78  
B 2 ALA A 45  ? ALA A 50  ? ALA A 45  ALA A 50  
B 3 VAL A 122 ? GLU A 132 ? VAL A 122 GLU A 132 
B 4 LEU A 100 ? LEU A 111 ? LEU A 100 LEU A 111 
C 1 ARG A 70  ? GLU A 73  ? ARG A 70  GLU A 73  
C 2 ASN A 56  ? TYR A 63  ? ASN A 56  TYR A 63  
C 3 MET A 147 ? PRO A 151 ? MET A 147 PRO A 151 
# 
loop_
_pdbx_struct_sheet_hbond.sheet_id 
_pdbx_struct_sheet_hbond.range_id_1 
_pdbx_struct_sheet_hbond.range_id_2 
_pdbx_struct_sheet_hbond.range_1_label_atom_id 
_pdbx_struct_sheet_hbond.range_1_label_comp_id 
_pdbx_struct_sheet_hbond.range_1_label_asym_id 
_pdbx_struct_sheet_hbond.range_1_label_seq_id 
_pdbx_struct_sheet_hbond.range_1_PDB_ins_code 
_pdbx_struct_sheet_hbond.range_1_auth_atom_id 
_pdbx_struct_sheet_hbond.range_1_auth_comp_id 
_pdbx_struct_sheet_hbond.range_1_auth_asym_id 
_pdbx_struct_sheet_hbond.range_1_auth_seq_id 
_pdbx_struct_sheet_hbond.range_2_label_atom_id 
_pdbx_struct_sheet_hbond.range_2_label_comp_id 
_pdbx_struct_sheet_hbond.range_2_label_asym_id 
_pdbx_struct_sheet_hbond.range_2_label_seq_id 
_pdbx_struct_sheet_hbond.range_2_PDB_ins_code 
_pdbx_struct_sheet_hbond.range_2_auth_atom_id 
_pdbx_struct_sheet_hbond.range_2_auth_comp_id 
_pdbx_struct_sheet_hbond.range_2_auth_asym_id 
_pdbx_struct_sheet_hbond.range_2_auth_seq_id 
A 1 2 N GLU A 12  ? N GLU A 12  O ARG A 24  ? O ARG A 24  
A 2 3 N ARG A 23  ? N ARG A 23  O VAL A 39  ? O VAL A 39  
B 1 2 O GLY A 77  ? O GLY A 77  N VAL A 46  ? N VAL A 46  
B 2 3 N VAL A 49  ? N VAL A 49  O TYR A 125 ? O TYR A 125 
B 3 4 O VAL A 122 ? O VAL A 122 N LEU A 111 ? N LEU A 111 
C 1 2 O LEU A 71  ? O LEU A 71  N GLN A 62  ? N GLN A 62  
C 2 3 N MET A 59  ? N MET A 59  O GLY A 148 ? O GLY A 148 
# 
loop_
_pdbx_validate_torsion.id 
_pdbx_validate_torsion.PDB_model_num 
_pdbx_validate_torsion.auth_comp_id 
_pdbx_validate_torsion.auth_asym_id 
_pdbx_validate_torsion.auth_seq_id 
_pdbx_validate_torsion.PDB_ins_code 
_pdbx_validate_torsion.label_alt_id 
_pdbx_validate_torsion.phi 
_pdbx_validate_torsion.psi 
1 1 PHE A 117 ? ? -141.11 -0.03   
2 1 PRO A 186 ? ? -70.31  -158.51 
3 1 THR A 198 ? ? -142.87 -23.47  
4 1 GLU A 206 ? ? -170.35 140.81  
# 
loop_
_pdbx_unobs_or_zero_occ_residues.id 
_pdbx_unobs_or_zero_occ_residues.PDB_model_num 
_pdbx_unobs_or_zero_occ_residues.polymer_flag 
_pdbx_unobs_or_zero_occ_residues.occupancy_flag 
_pdbx_unobs_or_zero_occ_residues.auth_asym_id 
_pdbx_unobs_or_zero_occ_residues.auth_comp_id 
_pdbx_unobs_or_zero_occ_residues.auth_seq_id 
_pdbx_unobs_or_zero_occ_residues.PDB_ins_code 
_pdbx_unobs_or_zero_occ_residues.label_asym_id 
_pdbx_unobs_or_zero_occ_residues.label_comp_id 
_pdbx_unobs_or_zero_occ_residues.label_seq_id 
1  1 Y 1 A MET 1   ? A MET 1   
2  1 Y 1 A ALA 2   ? A ALA 2   
3  1 Y 1 A GLU 3   ? A GLU 3   
4  1 Y 1 A HIS 4   ? A HIS 4   
5  1 Y 1 A ASP 5   ? A ASP 5   
6  1 Y 1 A MET 29  ? A MET 29  
7  1 Y 1 A PRO 30  ? A PRO 30  
8  1 Y 1 A GLY 31  ? A GLY 31  
9  1 Y 1 A GLY 32  ? A GLY 32  
10 1 Y 1 A GLY 33  ? A GLY 33  
11 1 Y 1 A PRO 136 ? A PRO 136 
12 1 Y 1 A GLU 137 ? A GLU 137 
13 1 Y 1 A ALA 138 ? A ALA 138 
14 1 Y 1 A HIS 139 ? A HIS 139 
15 1 Y 1 A HIS 140 ? A HIS 140 
16 1 Y 1 A GLU 141 ? A GLU 141 
17 1 Y 1 A GLU 142 ? A GLU 142 
18 1 Y 1 A ALA 143 ? A ALA 143 
19 1 Y 1 A ASP 144 ? A ASP 144 
20 1 Y 1 A MET 145 ? A MET 145 
# 
loop_
_chem_comp_atom.comp_id 
_chem_comp_atom.atom_id 
_chem_comp_atom.type_symbol 
_chem_comp_atom.pdbx_aromatic_flag 
_chem_comp_atom.pdbx_stereo_config 
_chem_comp_atom.pdbx_ordinal 
ALA N    N N N 1   
ALA CA   C N S 2   
ALA C    C N N 3   
ALA O    O N N 4   
ALA CB   C N N 5   
ALA OXT  O N N 6   
ALA H    H N N 7   
ALA H2   H N N 8   
ALA HA   H N N 9   
ALA HB1  H N N 10  
ALA HB2  H N N 11  
ALA HB3  H N N 12  
ALA HXT  H N N 13  
ARG N    N N N 14  
ARG CA   C N S 15  
ARG C    C N N 16  
ARG O    O N N 17  
ARG CB   C N N 18  
ARG CG   C N N 19  
ARG CD   C N N 20  
ARG NE   N N N 21  
ARG CZ   C N N 22  
ARG NH1  N N N 23  
ARG NH2  N N N 24  
ARG OXT  O N N 25  
ARG H    H N N 26  
ARG H2   H N N 27  
ARG HA   H N N 28  
ARG HB2  H N N 29  
ARG HB3  H N N 30  
ARG HG2  H N N 31  
ARG HG3  H N N 32  
ARG HD2  H N N 33  
ARG HD3  H N N 34  
ARG HE   H N N 35  
ARG HH11 H N N 36  
ARG HH12 H N N 37  
ARG HH21 H N N 38  
ARG HH22 H N N 39  
ARG HXT  H N N 40  
ASN N    N N N 41  
ASN CA   C N S 42  
ASN C    C N N 43  
ASN O    O N N 44  
ASN CB   C N N 45  
ASN CG   C N N 46  
ASN OD1  O N N 47  
ASN ND2  N N N 48  
ASN OXT  O N N 49  
ASN H    H N N 50  
ASN H2   H N N 51  
ASN HA   H N N 52  
ASN HB2  H N N 53  
ASN HB3  H N N 54  
ASN HD21 H N N 55  
ASN HD22 H N N 56  
ASN HXT  H N N 57  
ASP N    N N N 58  
ASP CA   C N S 59  
ASP C    C N N 60  
ASP O    O N N 61  
ASP CB   C N N 62  
ASP CG   C N N 63  
ASP OD1  O N N 64  
ASP OD2  O N N 65  
ASP OXT  O N N 66  
ASP H    H N N 67  
ASP H2   H N N 68  
ASP HA   H N N 69  
ASP HB2  H N N 70  
ASP HB3  H N N 71  
ASP HD2  H N N 72  
ASP HXT  H N N 73  
GLN N    N N N 74  
GLN CA   C N S 75  
GLN C    C N N 76  
GLN O    O N N 77  
GLN CB   C N N 78  
GLN CG   C N N 79  
GLN CD   C N N 80  
GLN OE1  O N N 81  
GLN NE2  N N N 82  
GLN OXT  O N N 83  
GLN H    H N N 84  
GLN H2   H N N 85  
GLN HA   H N N 86  
GLN HB2  H N N 87  
GLN HB3  H N N 88  
GLN HG2  H N N 89  
GLN HG3  H N N 90  
GLN HE21 H N N 91  
GLN HE22 H N N 92  
GLN HXT  H N N 93  
GLU N    N N N 94  
GLU CA   C N S 95  
GLU C    C N N 96  
GLU O    O N N 97  
GLU CB   C N N 98  
GLU CG   C N N 99  
GLU CD   C N N 100 
GLU OE1  O N N 101 
GLU OE2  O N N 102 
GLU OXT  O N N 103 
GLU H    H N N 104 
GLU H2   H N N 105 
GLU HA   H N N 106 
GLU HB2  H N N 107 
GLU HB3  H N N 108 
GLU HG2  H N N 109 
GLU HG3  H N N 110 
GLU HE2  H N N 111 
GLU HXT  H N N 112 
GLY N    N N N 113 
GLY CA   C N N 114 
GLY C    C N N 115 
GLY O    O N N 116 
GLY OXT  O N N 117 
GLY H    H N N 118 
GLY H2   H N N 119 
GLY HA2  H N N 120 
GLY HA3  H N N 121 
GLY HXT  H N N 122 
HIS N    N N N 123 
HIS CA   C N S 124 
HIS C    C N N 125 
HIS O    O N N 126 
HIS CB   C N N 127 
HIS CG   C Y N 128 
HIS ND1  N Y N 129 
HIS CD2  C Y N 130 
HIS CE1  C Y N 131 
HIS NE2  N Y N 132 
HIS OXT  O N N 133 
HIS H    H N N 134 
HIS H2   H N N 135 
HIS HA   H N N 136 
HIS HB2  H N N 137 
HIS HB3  H N N 138 
HIS HD1  H N N 139 
HIS HD2  H N N 140 
HIS HE1  H N N 141 
HIS HE2  H N N 142 
HIS HXT  H N N 143 
HOH O    O N N 144 
HOH H1   H N N 145 
HOH H2   H N N 146 
ILE N    N N N 147 
ILE CA   C N S 148 
ILE C    C N N 149 
ILE O    O N N 150 
ILE CB   C N S 151 
ILE CG1  C N N 152 
ILE CG2  C N N 153 
ILE CD1  C N N 154 
ILE OXT  O N N 155 
ILE H    H N N 156 
ILE H2   H N N 157 
ILE HA   H N N 158 
ILE HB   H N N 159 
ILE HG12 H N N 160 
ILE HG13 H N N 161 
ILE HG21 H N N 162 
ILE HG22 H N N 163 
ILE HG23 H N N 164 
ILE HD11 H N N 165 
ILE HD12 H N N 166 
ILE HD13 H N N 167 
ILE HXT  H N N 168 
LEU N    N N N 169 
LEU CA   C N S 170 
LEU C    C N N 171 
LEU O    O N N 172 
LEU CB   C N N 173 
LEU CG   C N N 174 
LEU CD1  C N N 175 
LEU CD2  C N N 176 
LEU OXT  O N N 177 
LEU H    H N N 178 
LEU H2   H N N 179 
LEU HA   H N N 180 
LEU HB2  H N N 181 
LEU HB3  H N N 182 
LEU HG   H N N 183 
LEU HD11 H N N 184 
LEU HD12 H N N 185 
LEU HD13 H N N 186 
LEU HD21 H N N 187 
LEU HD22 H N N 188 
LEU HD23 H N N 189 
LEU HXT  H N N 190 
MET N    N N N 191 
MET CA   C N S 192 
MET C    C N N 193 
MET O    O N N 194 
MET CB   C N N 195 
MET CG   C N N 196 
MET SD   S N N 197 
MET CE   C N N 198 
MET OXT  O N N 199 
MET H    H N N 200 
MET H2   H N N 201 
MET HA   H N N 202 
MET HB2  H N N 203 
MET HB3  H N N 204 
MET HG2  H N N 205 
MET HG3  H N N 206 
MET HE1  H N N 207 
MET HE2  H N N 208 
MET HE3  H N N 209 
MET HXT  H N N 210 
PHE N    N N N 211 
PHE CA   C N S 212 
PHE C    C N N 213 
PHE O    O N N 214 
PHE CB   C N N 215 
PHE CG   C Y N 216 
PHE CD1  C Y N 217 
PHE CD2  C Y N 218 
PHE CE1  C Y N 219 
PHE CE2  C Y N 220 
PHE CZ   C Y N 221 
PHE OXT  O N N 222 
PHE H    H N N 223 
PHE H2   H N N 224 
PHE HA   H N N 225 
PHE HB2  H N N 226 
PHE HB3  H N N 227 
PHE HD1  H N N 228 
PHE HD2  H N N 229 
PHE HE1  H N N 230 
PHE HE2  H N N 231 
PHE HZ   H N N 232 
PHE HXT  H N N 233 
PRO N    N N N 234 
PRO CA   C N S 235 
PRO C    C N N 236 
PRO O    O N N 237 
PRO CB   C N N 238 
PRO CG   C N N 239 
PRO CD   C N N 240 
PRO OXT  O N N 241 
PRO H    H N N 242 
PRO HA   H N N 243 
PRO HB2  H N N 244 
PRO HB3  H N N 245 
PRO HG2  H N N 246 
PRO HG3  H N N 247 
PRO HD2  H N N 248 
PRO HD3  H N N 249 
PRO HXT  H N N 250 
SER N    N N N 251 
SER CA   C N S 252 
SER C    C N N 253 
SER O    O N N 254 
SER CB   C N N 255 
SER OG   O N N 256 
SER OXT  O N N 257 
SER H    H N N 258 
SER H2   H N N 259 
SER HA   H N N 260 
SER HB2  H N N 261 
SER HB3  H N N 262 
SER HG   H N N 263 
SER HXT  H N N 264 
THR N    N N N 265 
THR CA   C N S 266 
THR C    C N N 267 
THR O    O N N 268 
THR CB   C N R 269 
THR OG1  O N N 270 
THR CG2  C N N 271 
THR OXT  O N N 272 
THR H    H N N 273 
THR H2   H N N 274 
THR HA   H N N 275 
THR HB   H N N 276 
THR HG1  H N N 277 
THR HG21 H N N 278 
THR HG22 H N N 279 
THR HG23 H N N 280 
THR HXT  H N N 281 
TRP N    N N N 282 
TRP CA   C N S 283 
TRP C    C N N 284 
TRP O    O N N 285 
TRP CB   C N N 286 
TRP CG   C Y N 287 
TRP CD1  C Y N 288 
TRP CD2  C Y N 289 
TRP NE1  N Y N 290 
TRP CE2  C Y N 291 
TRP CE3  C Y N 292 
TRP CZ2  C Y N 293 
TRP CZ3  C Y N 294 
TRP CH2  C Y N 295 
TRP OXT  O N N 296 
TRP H    H N N 297 
TRP H2   H N N 298 
TRP HA   H N N 299 
TRP HB2  H N N 300 
TRP HB3  H N N 301 
TRP HD1  H N N 302 
TRP HE1  H N N 303 
TRP HE3  H N N 304 
TRP HZ2  H N N 305 
TRP HZ3  H N N 306 
TRP HH2  H N N 307 
TRP HXT  H N N 308 
TYR N    N N N 309 
TYR CA   C N S 310 
TYR C    C N N 311 
TYR O    O N N 312 
TYR CB   C N N 313 
TYR CG   C Y N 314 
TYR CD1  C Y N 315 
TYR CD2  C Y N 316 
TYR CE1  C Y N 317 
TYR CE2  C Y N 318 
TYR CZ   C Y N 319 
TYR OH   O N N 320 
TYR OXT  O N N 321 
TYR H    H N N 322 
TYR H2   H N N 323 
TYR HA   H N N 324 
TYR HB2  H N N 325 
TYR HB3  H N N 326 
TYR HD1  H N N 327 
TYR HD2  H N N 328 
TYR HE1  H N N 329 
TYR HE2  H N N 330 
TYR HH   H N N 331 
TYR HXT  H N N 332 
VAL N    N N N 333 
VAL CA   C N S 334 
VAL C    C N N 335 
VAL O    O N N 336 
VAL CB   C N N 337 
VAL CG1  C N N 338 
VAL CG2  C N N 339 
VAL OXT  O N N 340 
VAL H    H N N 341 
VAL H2   H N N 342 
VAL HA   H N N 343 
VAL HB   H N N 344 
VAL HG11 H N N 345 
VAL HG12 H N N 346 
VAL HG13 H N N 347 
VAL HG21 H N N 348 
VAL HG22 H N N 349 
VAL HG23 H N N 350 
VAL HXT  H N N 351 
# 
loop_
_chem_comp_bond.comp_id 
_chem_comp_bond.atom_id_1 
_chem_comp_bond.atom_id_2 
_chem_comp_bond.value_order 
_chem_comp_bond.pdbx_aromatic_flag 
_chem_comp_bond.pdbx_stereo_config 
_chem_comp_bond.pdbx_ordinal 
ALA N   CA   sing N N 1   
ALA N   H    sing N N 2   
ALA N   H2   sing N N 3   
ALA CA  C    sing N N 4   
ALA CA  CB   sing N N 5   
ALA CA  HA   sing N N 6   
ALA C   O    doub N N 7   
ALA C   OXT  sing N N 8   
ALA CB  HB1  sing N N 9   
ALA CB  HB2  sing N N 10  
ALA CB  HB3  sing N N 11  
ALA OXT HXT  sing N N 12  
ARG N   CA   sing N N 13  
ARG N   H    sing N N 14  
ARG N   H2   sing N N 15  
ARG CA  C    sing N N 16  
ARG CA  CB   sing N N 17  
ARG CA  HA   sing N N 18  
ARG C   O    doub N N 19  
ARG C   OXT  sing N N 20  
ARG CB  CG   sing N N 21  
ARG CB  HB2  sing N N 22  
ARG CB  HB3  sing N N 23  
ARG CG  CD   sing N N 24  
ARG CG  HG2  sing N N 25  
ARG CG  HG3  sing N N 26  
ARG CD  NE   sing N N 27  
ARG CD  HD2  sing N N 28  
ARG CD  HD3  sing N N 29  
ARG NE  CZ   sing N N 30  
ARG NE  HE   sing N N 31  
ARG CZ  NH1  sing N N 32  
ARG CZ  NH2  doub N N 33  
ARG NH1 HH11 sing N N 34  
ARG NH1 HH12 sing N N 35  
ARG NH2 HH21 sing N N 36  
ARG NH2 HH22 sing N N 37  
ARG OXT HXT  sing N N 38  
ASN N   CA   sing N N 39  
ASN N   H    sing N N 40  
ASN N   H2   sing N N 41  
ASN CA  C    sing N N 42  
ASN CA  CB   sing N N 43  
ASN CA  HA   sing N N 44  
ASN C   O    doub N N 45  
ASN C   OXT  sing N N 46  
ASN CB  CG   sing N N 47  
ASN CB  HB2  sing N N 48  
ASN CB  HB3  sing N N 49  
ASN CG  OD1  doub N N 50  
ASN CG  ND2  sing N N 51  
ASN ND2 HD21 sing N N 52  
ASN ND2 HD22 sing N N 53  
ASN OXT HXT  sing N N 54  
ASP N   CA   sing N N 55  
ASP N   H    sing N N 56  
ASP N   H2   sing N N 57  
ASP CA  C    sing N N 58  
ASP CA  CB   sing N N 59  
ASP CA  HA   sing N N 60  
ASP C   O    doub N N 61  
ASP C   OXT  sing N N 62  
ASP CB  CG   sing N N 63  
ASP CB  HB2  sing N N 64  
ASP CB  HB3  sing N N 65  
ASP CG  OD1  doub N N 66  
ASP CG  OD2  sing N N 67  
ASP OD2 HD2  sing N N 68  
ASP OXT HXT  sing N N 69  
GLN N   CA   sing N N 70  
GLN N   H    sing N N 71  
GLN N   H2   sing N N 72  
GLN CA  C    sing N N 73  
GLN CA  CB   sing N N 74  
GLN CA  HA   sing N N 75  
GLN C   O    doub N N 76  
GLN C   OXT  sing N N 77  
GLN CB  CG   sing N N 78  
GLN CB  HB2  sing N N 79  
GLN CB  HB3  sing N N 80  
GLN CG  CD   sing N N 81  
GLN CG  HG2  sing N N 82  
GLN CG  HG3  sing N N 83  
GLN CD  OE1  doub N N 84  
GLN CD  NE2  sing N N 85  
GLN NE2 HE21 sing N N 86  
GLN NE2 HE22 sing N N 87  
GLN OXT HXT  sing N N 88  
GLU N   CA   sing N N 89  
GLU N   H    sing N N 90  
GLU N   H2   sing N N 91  
GLU CA  C    sing N N 92  
GLU CA  CB   sing N N 93  
GLU CA  HA   sing N N 94  
GLU C   O    doub N N 95  
GLU C   OXT  sing N N 96  
GLU CB  CG   sing N N 97  
GLU CB  HB2  sing N N 98  
GLU CB  HB3  sing N N 99  
GLU CG  CD   sing N N 100 
GLU CG  HG2  sing N N 101 
GLU CG  HG3  sing N N 102 
GLU CD  OE1  doub N N 103 
GLU CD  OE2  sing N N 104 
GLU OE2 HE2  sing N N 105 
GLU OXT HXT  sing N N 106 
GLY N   CA   sing N N 107 
GLY N   H    sing N N 108 
GLY N   H2   sing N N 109 
GLY CA  C    sing N N 110 
GLY CA  HA2  sing N N 111 
GLY CA  HA3  sing N N 112 
GLY C   O    doub N N 113 
GLY C   OXT  sing N N 114 
GLY OXT HXT  sing N N 115 
HIS N   CA   sing N N 116 
HIS N   H    sing N N 117 
HIS N   H2   sing N N 118 
HIS CA  C    sing N N 119 
HIS CA  CB   sing N N 120 
HIS CA  HA   sing N N 121 
HIS C   O    doub N N 122 
HIS C   OXT  sing N N 123 
HIS CB  CG   sing N N 124 
HIS CB  HB2  sing N N 125 
HIS CB  HB3  sing N N 126 
HIS CG  ND1  sing Y N 127 
HIS CG  CD2  doub Y N 128 
HIS ND1 CE1  doub Y N 129 
HIS ND1 HD1  sing N N 130 
HIS CD2 NE2  sing Y N 131 
HIS CD2 HD2  sing N N 132 
HIS CE1 NE2  sing Y N 133 
HIS CE1 HE1  sing N N 134 
HIS NE2 HE2  sing N N 135 
HIS OXT HXT  sing N N 136 
HOH O   H1   sing N N 137 
HOH O   H2   sing N N 138 
ILE N   CA   sing N N 139 
ILE N   H    sing N N 140 
ILE N   H2   sing N N 141 
ILE CA  C    sing N N 142 
ILE CA  CB   sing N N 143 
ILE CA  HA   sing N N 144 
ILE C   O    doub N N 145 
ILE C   OXT  sing N N 146 
ILE CB  CG1  sing N N 147 
ILE CB  CG2  sing N N 148 
ILE CB  HB   sing N N 149 
ILE CG1 CD1  sing N N 150 
ILE CG1 HG12 sing N N 151 
ILE CG1 HG13 sing N N 152 
ILE CG2 HG21 sing N N 153 
ILE CG2 HG22 sing N N 154 
ILE CG2 HG23 sing N N 155 
ILE CD1 HD11 sing N N 156 
ILE CD1 HD12 sing N N 157 
ILE CD1 HD13 sing N N 158 
ILE OXT HXT  sing N N 159 
LEU N   CA   sing N N 160 
LEU N   H    sing N N 161 
LEU N   H2   sing N N 162 
LEU CA  C    sing N N 163 
LEU CA  CB   sing N N 164 
LEU CA  HA   sing N N 165 
LEU C   O    doub N N 166 
LEU C   OXT  sing N N 167 
LEU CB  CG   sing N N 168 
LEU CB  HB2  sing N N 169 
LEU CB  HB3  sing N N 170 
LEU CG  CD1  sing N N 171 
LEU CG  CD2  sing N N 172 
LEU CG  HG   sing N N 173 
LEU CD1 HD11 sing N N 174 
LEU CD1 HD12 sing N N 175 
LEU CD1 HD13 sing N N 176 
LEU CD2 HD21 sing N N 177 
LEU CD2 HD22 sing N N 178 
LEU CD2 HD23 sing N N 179 
LEU OXT HXT  sing N N 180 
MET N   CA   sing N N 181 
MET N   H    sing N N 182 
MET N   H2   sing N N 183 
MET CA  C    sing N N 184 
MET CA  CB   sing N N 185 
MET CA  HA   sing N N 186 
MET C   O    doub N N 187 
MET C   OXT  sing N N 188 
MET CB  CG   sing N N 189 
MET CB  HB2  sing N N 190 
MET CB  HB3  sing N N 191 
MET CG  SD   sing N N 192 
MET CG  HG2  sing N N 193 
MET CG  HG3  sing N N 194 
MET SD  CE   sing N N 195 
MET CE  HE1  sing N N 196 
MET CE  HE2  sing N N 197 
MET CE  HE3  sing N N 198 
MET OXT HXT  sing N N 199 
PHE N   CA   sing N N 200 
PHE N   H    sing N N 201 
PHE N   H2   sing N N 202 
PHE CA  C    sing N N 203 
PHE CA  CB   sing N N 204 
PHE CA  HA   sing N N 205 
PHE C   O    doub N N 206 
PHE C   OXT  sing N N 207 
PHE CB  CG   sing N N 208 
PHE CB  HB2  sing N N 209 
PHE CB  HB3  sing N N 210 
PHE CG  CD1  doub Y N 211 
PHE CG  CD2  sing Y N 212 
PHE CD1 CE1  sing Y N 213 
PHE CD1 HD1  sing N N 214 
PHE CD2 CE2  doub Y N 215 
PHE CD2 HD2  sing N N 216 
PHE CE1 CZ   doub Y N 217 
PHE CE1 HE1  sing N N 218 
PHE CE2 CZ   sing Y N 219 
PHE CE2 HE2  sing N N 220 
PHE CZ  HZ   sing N N 221 
PHE OXT HXT  sing N N 222 
PRO N   CA   sing N N 223 
PRO N   CD   sing N N 224 
PRO N   H    sing N N 225 
PRO CA  C    sing N N 226 
PRO CA  CB   sing N N 227 
PRO CA  HA   sing N N 228 
PRO C   O    doub N N 229 
PRO C   OXT  sing N N 230 
PRO CB  CG   sing N N 231 
PRO CB  HB2  sing N N 232 
PRO CB  HB3  sing N N 233 
PRO CG  CD   sing N N 234 
PRO CG  HG2  sing N N 235 
PRO CG  HG3  sing N N 236 
PRO CD  HD2  sing N N 237 
PRO CD  HD3  sing N N 238 
PRO OXT HXT  sing N N 239 
SER N   CA   sing N N 240 
SER N   H    sing N N 241 
SER N   H2   sing N N 242 
SER CA  C    sing N N 243 
SER CA  CB   sing N N 244 
SER CA  HA   sing N N 245 
SER C   O    doub N N 246 
SER C   OXT  sing N N 247 
SER CB  OG   sing N N 248 
SER CB  HB2  sing N N 249 
SER CB  HB3  sing N N 250 
SER OG  HG   sing N N 251 
SER OXT HXT  sing N N 252 
THR N   CA   sing N N 253 
THR N   H    sing N N 254 
THR N   H2   sing N N 255 
THR CA  C    sing N N 256 
THR CA  CB   sing N N 257 
THR CA  HA   sing N N 258 
THR C   O    doub N N 259 
THR C   OXT  sing N N 260 
THR CB  OG1  sing N N 261 
THR CB  CG2  sing N N 262 
THR CB  HB   sing N N 263 
THR OG1 HG1  sing N N 264 
THR CG2 HG21 sing N N 265 
THR CG2 HG22 sing N N 266 
THR CG2 HG23 sing N N 267 
THR OXT HXT  sing N N 268 
TRP N   CA   sing N N 269 
TRP N   H    sing N N 270 
TRP N   H2   sing N N 271 
TRP CA  C    sing N N 272 
TRP CA  CB   sing N N 273 
TRP CA  HA   sing N N 274 
TRP C   O    doub N N 275 
TRP C   OXT  sing N N 276 
TRP CB  CG   sing N N 277 
TRP CB  HB2  sing N N 278 
TRP CB  HB3  sing N N 279 
TRP CG  CD1  doub Y N 280 
TRP CG  CD2  sing Y N 281 
TRP CD1 NE1  sing Y N 282 
TRP CD1 HD1  sing N N 283 
TRP CD2 CE2  doub Y N 284 
TRP CD2 CE3  sing Y N 285 
TRP NE1 CE2  sing Y N 286 
TRP NE1 HE1  sing N N 287 
TRP CE2 CZ2  sing Y N 288 
TRP CE3 CZ3  doub Y N 289 
TRP CE3 HE3  sing N N 290 
TRP CZ2 CH2  doub Y N 291 
TRP CZ2 HZ2  sing N N 292 
TRP CZ3 CH2  sing Y N 293 
TRP CZ3 HZ3  sing N N 294 
TRP CH2 HH2  sing N N 295 
TRP OXT HXT  sing N N 296 
TYR N   CA   sing N N 297 
TYR N   H    sing N N 298 
TYR N   H2   sing N N 299 
TYR CA  C    sing N N 300 
TYR CA  CB   sing N N 301 
TYR CA  HA   sing N N 302 
TYR C   O    doub N N 303 
TYR C   OXT  sing N N 304 
TYR CB  CG   sing N N 305 
TYR CB  HB2  sing N N 306 
TYR CB  HB3  sing N N 307 
TYR CG  CD1  doub Y N 308 
TYR CG  CD2  sing Y N 309 
TYR CD1 CE1  sing Y N 310 
TYR CD1 HD1  sing N N 311 
TYR CD2 CE2  doub Y N 312 
TYR CD2 HD2  sing N N 313 
TYR CE1 CZ   doub Y N 314 
TYR CE1 HE1  sing N N 315 
TYR CE2 CZ   sing Y N 316 
TYR CE2 HE2  sing N N 317 
TYR CZ  OH   sing N N 318 
TYR OH  HH   sing N N 319 
TYR OXT HXT  sing N N 320 
VAL N   CA   sing N N 321 
VAL N   H    sing N N 322 
VAL N   H2   sing N N 323 
VAL CA  C    sing N N 324 
VAL CA  CB   sing N N 325 
VAL CA  HA   sing N N 326 
VAL C   O    doub N N 327 
VAL C   OXT  sing N N 328 
VAL CB  CG1  sing N N 329 
VAL CB  CG2  sing N N 330 
VAL CB  HB   sing N N 331 
VAL CG1 HG11 sing N N 332 
VAL CG1 HG12 sing N N 333 
VAL CG1 HG13 sing N N 334 
VAL CG2 HG21 sing N N 335 
VAL CG2 HG22 sing N N 336 
VAL CG2 HG23 sing N N 337 
VAL OXT HXT  sing N N 338 
# 
_atom_sites.entry_id                    1MP2 
_atom_sites.fract_transf_matrix[1][1]   0.00604888 
_atom_sites.fract_transf_matrix[1][2]   -0.00777930 
_atom_sites.fract_transf_matrix[1][3]   0.01526237 
_atom_sites.fract_transf_matrix[2][1]   -0.01149093 
_atom_sites.fract_transf_matrix[2][2]   -0.00911161 
_atom_sites.fract_transf_matrix[2][3]   0.01072273 
_atom_sites.fract_transf_matrix[3][1]   0.00106890 
_atom_sites.fract_transf_matrix[3][2]   -0.00461447 
_atom_sites.fract_transf_matrix[3][3]   -0.00277565 
_atom_sites.fract_transf_vector[1]      0.449104 
_atom_sites.fract_transf_vector[2]      0.344646 
_atom_sites.fract_transf_vector[3]      0.056162 
# 
loop_
_atom_type.symbol 
C 
N 
O 
S 
# 
loop_
_atom_site.group_PDB 
_atom_site.id 
_atom_site.type_symbol 
_atom_site.label_atom_id 
_atom_site.label_alt_id 
_atom_site.label_comp_id 
_atom_site.label_asym_id 
_atom_site.label_entity_id 
_atom_site.label_seq_id 
_atom_site.pdbx_PDB_ins_code 
_atom_site.Cartn_x 
_atom_site.Cartn_y 
_atom_site.Cartn_z 
_atom_site.occupancy 
_atom_site.B_iso_or_equiv 
_atom_site.pdbx_formal_charge 
_atom_site.auth_seq_id 
_atom_site.auth_comp_id 
_atom_site.auth_asym_id 
_atom_site.auth_atom_id 
_atom_site.pdbx_PDB_model_num 
ATOM   1    N N   . PHE A 1 6   ? 8.661   -26.502 -4.860  1.00 77.38 ? 6   PHE A N   1 
ATOM   2    C CA  . PHE A 1 6   ? 9.598   -26.390 -3.705  1.00 77.33 ? 6   PHE A CA  1 
ATOM   3    C C   . PHE A 1 6   ? 8.999   -27.002 -2.458  1.00 77.69 ? 6   PHE A C   1 
ATOM   4    O O   . PHE A 1 6   ? 7.791   -27.251 -2.391  1.00 78.71 ? 6   PHE A O   1 
ATOM   5    C CB  . PHE A 1 6   ? 9.946   -24.930 -3.425  1.00 76.36 ? 6   PHE A CB  1 
ATOM   6    C CG  . PHE A 1 6   ? 10.734  -24.278 -4.519  1.00 75.81 ? 6   PHE A CG  1 
ATOM   7    C CD1 . PHE A 1 6   ? 10.148  -24.013 -5.755  1.00 74.43 ? 6   PHE A CD1 1 
ATOM   8    C CD2 . PHE A 1 6   ? 12.073  -23.944 -4.322  1.00 75.02 ? 6   PHE A CD2 1 
ATOM   9    C CE1 . PHE A 1 6   ? 10.883  -23.426 -6.777  1.00 74.65 ? 6   PHE A CE1 1 
ATOM   10   C CE2 . PHE A 1 6   ? 12.819  -23.356 -5.338  1.00 73.69 ? 6   PHE A CE2 1 
ATOM   11   C CZ  . PHE A 1 6   ? 12.225  -23.095 -6.568  1.00 74.21 ? 6   PHE A CZ  1 
ATOM   12   N N   . GLU A 1 7   ? 9.848   -27.223 -1.462  1.00 76.92 ? 7   GLU A N   1 
ATOM   13   C CA  . GLU A 1 7   ? 9.414   -27.838 -0.218  1.00 75.34 ? 7   GLU A CA  1 
ATOM   14   C C   . GLU A 1 7   ? 9.912   -27.056 0.984   1.00 72.63 ? 7   GLU A C   1 
ATOM   15   O O   . GLU A 1 7   ? 11.089  -26.706 1.066   1.00 71.11 ? 7   GLU A O   1 
ATOM   16   C CB  . GLU A 1 7   ? 9.940   -29.277 -0.170  1.00 78.16 ? 7   GLU A CB  1 
ATOM   17   C CG  . GLU A 1 7   ? 9.536   -30.102 1.048   1.00 81.54 ? 7   GLU A CG  1 
ATOM   18   C CD  . GLU A 1 7   ? 10.106  -31.518 0.994   1.00 83.20 ? 7   GLU A CD  1 
ATOM   19   O OE1 . GLU A 1 7   ? 11.351  -31.667 1.006   1.00 83.48 ? 7   GLU A OE1 1 
ATOM   20   O OE2 . GLU A 1 7   ? 9.311   -32.483 0.933   1.00 83.85 ? 7   GLU A OE2 1 
ATOM   21   N N   . THR A 1 8   ? 9.012   -26.764 1.912   1.00 70.96 ? 8   THR A N   1 
ATOM   22   C CA  . THR A 1 8   ? 9.404   -26.045 3.112   1.00 70.24 ? 8   THR A CA  1 
ATOM   23   C C   . THR A 1 8   ? 9.735   -27.113 4.143   1.00 69.70 ? 8   THR A C   1 
ATOM   24   O O   . THR A 1 8   ? 8.839   -27.776 4.665   1.00 69.98 ? 8   THR A O   1 
ATOM   25   C CB  . THR A 1 8   ? 8.264   -25.159 3.669   1.00 70.09 ? 8   THR A CB  1 
ATOM   26   O OG1 . THR A 1 8   ? 7.641   -24.431 2.601   1.00 70.49 ? 8   THR A OG1 1 
ATOM   27   C CG2 . THR A 1 8   ? 8.821   -24.167 4.679   1.00 68.30 ? 8   THR A CG2 1 
ATOM   28   N N   . ILE A 1 9   ? 11.023  -27.297 4.416   1.00 68.87 ? 9   ILE A N   1 
ATOM   29   C CA  . ILE A 1 9   ? 11.455  -28.298 5.387   1.00 67.76 ? 9   ILE A CA  1 
ATOM   30   C C   . ILE A 1 9   ? 11.017  -27.918 6.803   1.00 67.17 ? 9   ILE A C   1 
ATOM   31   O O   . ILE A 1 9   ? 10.227  -28.631 7.426   1.00 67.01 ? 9   ILE A O   1 
ATOM   32   C CB  . ILE A 1 9   ? 12.998  -28.481 5.367   1.00 67.41 ? 9   ILE A CB  1 
ATOM   33   C CG1 . ILE A 1 9   ? 13.463  -28.921 3.975   1.00 66.04 ? 9   ILE A CG1 1 
ATOM   34   C CG2 . ILE A 1 9   ? 13.417  -29.507 6.410   1.00 66.76 ? 9   ILE A CG2 1 
ATOM   35   C CD1 . ILE A 1 9   ? 12.892  -30.237 3.516   1.00 66.61 ? 9   ILE A CD1 1 
ATOM   36   N N   . SER A 1 10  ? 11.526  -26.793 7.304   1.00 66.28 ? 10  SER A N   1 
ATOM   37   C CA  . SER A 1 10  ? 11.184  -26.334 8.651   1.00 65.01 ? 10  SER A CA  1 
ATOM   38   C C   . SER A 1 10  ? 10.990  -24.819 8.725   1.00 63.30 ? 10  SER A C   1 
ATOM   39   O O   . SER A 1 10  ? 11.525  -24.077 7.897   1.00 63.70 ? 10  SER A O   1 
ATOM   40   C CB  . SER A 1 10  ? 12.275  -26.756 9.645   1.00 64.90 ? 10  SER A CB  1 
ATOM   41   O OG  . SER A 1 10  ? 13.532  -26.185 9.312   1.00 65.09 ? 10  SER A OG  1 
ATOM   42   N N   . SER A 1 11  ? 10.217  -24.376 9.716   1.00 60.38 ? 11  SER A N   1 
ATOM   43   C CA  . SER A 1 11  ? 9.946   -22.957 9.937   1.00 57.96 ? 11  SER A CA  1 
ATOM   44   C C   . SER A 1 11  ? 10.290  -22.620 11.380  1.00 56.94 ? 11  SER A C   1 
ATOM   45   O O   . SER A 1 11  ? 9.826   -23.288 12.304  1.00 56.69 ? 11  SER A O   1 
ATOM   46   C CB  . SER A 1 11  ? 8.470   -22.632 9.691   1.00 57.67 ? 11  SER A CB  1 
ATOM   47   O OG  . SER A 1 11  ? 8.101   -22.849 8.344   1.00 57.61 ? 11  SER A OG  1 
ATOM   48   N N   . GLU A 1 12  ? 11.095  -21.577 11.570  1.00 55.93 ? 12  GLU A N   1 
ATOM   49   C CA  . GLU A 1 12  ? 11.518  -21.146 12.899  1.00 53.11 ? 12  GLU A CA  1 
ATOM   50   C C   . GLU A 1 12  ? 11.382  -19.638 13.054  1.00 50.38 ? 12  GLU A C   1 
ATOM   51   O O   . GLU A 1 12  ? 11.856  -18.885 12.209  1.00 50.46 ? 12  GLU A O   1 
ATOM   52   C CB  . GLU A 1 12  ? 12.978  -21.545 13.127  1.00 55.62 ? 12  GLU A CB  1 
ATOM   53   C CG  . GLU A 1 12  ? 13.621  -20.945 14.375  1.00 58.64 ? 12  GLU A CG  1 
ATOM   54   C CD  . GLU A 1 12  ? 15.137  -21.110 14.390  1.00 60.53 ? 12  GLU A CD  1 
ATOM   55   O OE1 . GLU A 1 12  ? 15.681  -21.743 13.455  1.00 60.45 ? 12  GLU A OE1 1 
ATOM   56   O OE2 . GLU A 1 12  ? 15.782  -20.603 15.336  1.00 61.23 ? 12  GLU A OE2 1 
ATOM   57   N N   . THR A 1 13  ? 10.741  -19.194 14.132  1.00 47.05 ? 13  THR A N   1 
ATOM   58   C CA  . THR A 1 13  ? 10.583  -17.761 14.367  1.00 43.99 ? 13  THR A CA  1 
ATOM   59   C C   . THR A 1 13  ? 11.810  -17.230 15.097  1.00 43.33 ? 13  THR A C   1 
ATOM   60   O O   . THR A 1 13  ? 12.174  -17.717 16.167  1.00 43.39 ? 13  THR A O   1 
ATOM   61   C CB  . THR A 1 13  ? 9.332   -17.453 15.215  1.00 42.81 ? 13  THR A CB  1 
ATOM   62   O OG1 . THR A 1 13  ? 8.181   -18.007 14.574  1.00 41.24 ? 13  THR A OG1 1 
ATOM   63   C CG2 . THR A 1 13  ? 9.142   -15.944 15.372  1.00 40.24 ? 13  THR A CG2 1 
ATOM   64   N N   . LEU A 1 14  ? 12.448  -16.230 14.506  1.00 42.31 ? 14  LEU A N   1 
ATOM   65   C CA  . LEU A 1 14  ? 13.639  -15.631 15.082  1.00 41.28 ? 14  LEU A CA  1 
ATOM   66   C C   . LEU A 1 14  ? 13.301  -14.443 15.974  1.00 42.11 ? 14  LEU A C   1 
ATOM   67   O O   . LEU A 1 14  ? 13.966  -14.210 16.984  1.00 42.91 ? 14  LEU A O   1 
ATOM   68   C CB  . LEU A 1 14  ? 14.584  -15.185 13.968  1.00 40.60 ? 14  LEU A CB  1 
ATOM   69   C CG  . LEU A 1 14  ? 15.414  -16.254 13.254  1.00 40.88 ? 14  LEU A CG  1 
ATOM   70   C CD1 . LEU A 1 14  ? 14.556  -17.434 12.854  1.00 41.38 ? 14  LEU A CD1 1 
ATOM   71   C CD2 . LEU A 1 14  ? 16.070  -15.624 12.038  1.00 40.93 ? 14  LEU A CD2 1 
ATOM   72   N N   . HIS A 1 15  ? 12.264  -13.695 15.602  1.00 42.40 ? 15  HIS A N   1 
ATOM   73   C CA  . HIS A 1 15  ? 11.857  -12.525 16.373  1.00 41.56 ? 15  HIS A CA  1 
ATOM   74   C C   . HIS A 1 15  ? 10.496  -12.007 15.965  1.00 40.50 ? 15  HIS A C   1 
ATOM   75   O O   . HIS A 1 15  ? 10.180  -11.957 14.785  1.00 41.59 ? 15  HIS A O   1 
ATOM   76   C CB  . HIS A 1 15  ? 12.863  -11.393 16.188  1.00 43.83 ? 15  HIS A CB  1 
ATOM   77   C CG  . HIS A 1 15  ? 12.404  -10.081 16.747  1.00 46.57 ? 15  HIS A CG  1 
ATOM   78   N ND1 . HIS A 1 15  ? 12.450  -9.789  18.095  1.00 46.97 ? 15  HIS A ND1 1 
ATOM   79   C CD2 . HIS A 1 15  ? 11.858  -8.996  16.144  1.00 46.81 ? 15  HIS A CD2 1 
ATOM   80   C CE1 . HIS A 1 15  ? 11.952  -8.581  18.297  1.00 48.27 ? 15  HIS A CE1 1 
ATOM   81   N NE2 . HIS A 1 15  ? 11.586  -8.079  17.129  1.00 48.20 ? 15  HIS A NE2 1 
ATOM   82   N N   . THR A 1 16  ? 9.695   -11.611 16.948  1.00 39.46 ? 16  THR A N   1 
ATOM   83   C CA  . THR A 1 16  ? 8.377   -11.054 16.678  1.00 38.07 ? 16  THR A CA  1 
ATOM   84   C C   . THR A 1 16  ? 8.362   -9.617  17.174  1.00 37.63 ? 16  THR A C   1 
ATOM   85   O O   . THR A 1 16  ? 8.675   -9.340  18.335  1.00 37.49 ? 16  THR A O   1 
ATOM   86   C CB  . THR A 1 16  ? 7.258   -11.842 17.384  1.00 38.15 ? 16  THR A CB  1 
ATOM   87   O OG1 . THR A 1 16  ? 7.241   -13.189 16.898  1.00 41.91 ? 16  THR A OG1 1 
ATOM   88   C CG2 . THR A 1 16  ? 5.911   -11.216 17.099  1.00 38.93 ? 16  THR A CG2 1 
ATOM   89   N N   . GLY A 1 17  ? 8.011   -8.700  16.280  1.00 36.28 ? 17  GLY A N   1 
ATOM   90   C CA  . GLY A 1 17  ? 7.961   -7.299  16.639  1.00 34.43 ? 17  GLY A CA  1 
ATOM   91   C C   . GLY A 1 17  ? 6.548   -6.755  16.665  1.00 34.62 ? 17  GLY A C   1 
ATOM   92   O O   . GLY A 1 17  ? 5.575   -7.505  16.757  1.00 32.14 ? 17  GLY A O   1 
ATOM   93   N N   . ALA A 1 18  ? 6.436   -5.436  16.573  1.00 35.90 ? 18  ALA A N   1 
ATOM   94   C CA  . ALA A 1 18  ? 5.140   -4.780  16.597  1.00 36.80 ? 18  ALA A CA  1 
ATOM   95   C C   . ALA A 1 18  ? 4.387   -4.903  15.275  1.00 37.72 ? 18  ALA A C   1 
ATOM   96   O O   . ALA A 1 18  ? 3.198   -5.227  15.260  1.00 37.86 ? 18  ALA A O   1 
ATOM   97   C CB  . ALA A 1 18  ? 5.320   -3.313  16.956  1.00 37.49 ? 18  ALA A CB  1 
ATOM   98   N N   . ILE A 1 19  ? 5.076   -4.646  14.165  1.00 38.47 ? 19  ILE A N   1 
ATOM   99   C CA  . ILE A 1 19  ? 4.428   -4.720  12.860  1.00 38.61 ? 19  ILE A CA  1 
ATOM   100  C C   . ILE A 1 19  ? 4.873   -5.868  11.956  1.00 38.85 ? 19  ILE A C   1 
ATOM   101  O O   . ILE A 1 19  ? 4.289   -6.069  10.885  1.00 39.92 ? 19  ILE A O   1 
ATOM   102  C CB  . ILE A 1 19  ? 4.566   -3.387  12.087  1.00 37.42 ? 19  ILE A CB  1 
ATOM   103  C CG1 . ILE A 1 19  ? 6.033   -2.988  11.957  1.00 38.01 ? 19  ILE A CG1 1 
ATOM   104  C CG2 . ILE A 1 19  ? 3.801   -2.309  12.802  1.00 35.82 ? 19  ILE A CG2 1 
ATOM   105  C CD1 . ILE A 1 19  ? 6.234   -1.728  11.142  1.00 38.63 ? 19  ILE A CD1 1 
ATOM   106  N N   . PHE A 1 20  ? 5.894   -6.617  12.368  1.00 36.43 ? 20  PHE A N   1 
ATOM   107  C CA  . PHE A 1 20  ? 6.342   -7.758  11.573  1.00 36.23 ? 20  PHE A CA  1 
ATOM   108  C C   . PHE A 1 20  ? 7.064   -8.802  12.405  1.00 36.49 ? 20  PHE A C   1 
ATOM   109  O O   . PHE A 1 20  ? 7.394   -8.561  13.561  1.00 38.41 ? 20  PHE A O   1 
ATOM   110  C CB  . PHE A 1 20  ? 7.229   -7.305  10.395  1.00 35.73 ? 20  PHE A CB  1 
ATOM   111  C CG  . PHE A 1 20  ? 8.500   -6.604  10.799  1.00 35.17 ? 20  PHE A CG  1 
ATOM   112  C CD1 . PHE A 1 20  ? 9.573   -7.317  11.328  1.00 34.71 ? 20  PHE A CD1 1 
ATOM   113  C CD2 . PHE A 1 20  ? 8.630   -5.228  10.630  1.00 33.81 ? 20  PHE A CD2 1 
ATOM   114  C CE1 . PHE A 1 20  ? 10.758  -6.672  11.679  1.00 33.97 ? 20  PHE A CE1 1 
ATOM   115  C CE2 . PHE A 1 20  ? 9.805   -4.577  10.977  1.00 33.52 ? 20  PHE A CE2 1 
ATOM   116  C CZ  . PHE A 1 20  ? 10.873  -5.300  11.503  1.00 33.25 ? 20  PHE A CZ  1 
ATOM   117  N N   . ALA A 1 21  ? 7.285   -9.973  11.816  1.00 35.44 ? 21  ALA A N   1 
ATOM   118  C CA  . ALA A 1 21  ? 7.989   -11.057 12.489  1.00 35.02 ? 21  ALA A CA  1 
ATOM   119  C C   . ALA A 1 21  ? 9.037   -11.629 11.534  1.00 35.62 ? 21  ALA A C   1 
ATOM   120  O O   . ALA A 1 21  ? 8.856   -11.611 10.317  1.00 36.29 ? 21  ALA A O   1 
ATOM   121  C CB  . ALA A 1 21  ? 7.003   -12.149 12.910  1.00 33.41 ? 21  ALA A CB  1 
ATOM   122  N N   . LEU A 1 22  ? 10.142  -12.111 12.086  1.00 36.48 ? 22  LEU A N   1 
ATOM   123  C CA  . LEU A 1 22  ? 11.199  -12.702 11.279  1.00 37.74 ? 22  LEU A CA  1 
ATOM   124  C C   . LEU A 1 22  ? 11.156  -14.216 11.475  1.00 38.62 ? 22  LEU A C   1 
ATOM   125  O O   . LEU A 1 22  ? 11.224  -14.714 12.599  1.00 38.46 ? 22  LEU A O   1 
ATOM   126  C CB  . LEU A 1 22  ? 12.564  -12.137 11.687  1.00 38.51 ? 22  LEU A CB  1 
ATOM   127  C CG  . LEU A 1 22  ? 13.807  -12.629 10.938  1.00 38.40 ? 22  LEU A CG  1 
ATOM   128  C CD1 . LEU A 1 22  ? 13.617  -12.514 9.435   1.00 38.10 ? 22  LEU A CD1 1 
ATOM   129  C CD2 . LEU A 1 22  ? 14.995  -11.805 11.390  1.00 40.36 ? 22  LEU A CD2 1 
ATOM   130  N N   . ARG A 1 23  ? 11.030  -14.935 10.367  1.00 39.39 ? 23  ARG A N   1 
ATOM   131  C CA  . ARG A 1 23  ? 10.942  -16.385 10.381  1.00 40.77 ? 23  ARG A CA  1 
ATOM   132  C C   . ARG A 1 23  ? 11.979  -16.959 9.427   1.00 42.50 ? 23  ARG A C   1 
ATOM   133  O O   . ARG A 1 23  ? 12.138  -16.463 8.318   1.00 43.30 ? 23  ARG A O   1 
ATOM   134  C CB  . ARG A 1 23  ? 9.542   -16.806 9.928   1.00 39.48 ? 23  ARG A CB  1 
ATOM   135  C CG  . ARG A 1 23  ? 9.270   -18.295 9.921   1.00 38.65 ? 23  ARG A CG  1 
ATOM   136  C CD  . ARG A 1 23  ? 7.987   -18.584 9.149   1.00 37.78 ? 23  ARG A CD  1 
ATOM   137  N NE  . ARG A 1 23  ? 8.193   -18.451 7.709   1.00 40.28 ? 23  ARG A NE  1 
ATOM   138  C CZ  . ARG A 1 23  ? 7.391   -17.786 6.880   1.00 40.58 ? 23  ARG A CZ  1 
ATOM   139  N NH1 . ARG A 1 23  ? 6.305   -17.172 7.334   1.00 39.45 ? 23  ARG A NH1 1 
ATOM   140  N NH2 . ARG A 1 23  ? 7.680   -17.740 5.585   1.00 41.92 ? 23  ARG A NH2 1 
ATOM   141  N N   . ARG A 1 24  ? 12.695  -17.989 9.861   1.00 44.20 ? 24  ARG A N   1 
ATOM   142  C CA  . ARG A 1 24  ? 13.682  -18.614 8.997   1.00 44.49 ? 24  ARG A CA  1 
ATOM   143  C C   . ARG A 1 24  ? 13.171  -19.968 8.569   1.00 45.28 ? 24  ARG A C   1 
ATOM   144  O O   . ARG A 1 24  ? 12.775  -20.787 9.394   1.00 44.08 ? 24  ARG A O   1 
ATOM   145  C CB  . ARG A 1 24  ? 15.016  -18.800 9.702   1.00 44.78 ? 24  ARG A CB  1 
ATOM   146  C CG  . ARG A 1 24  ? 16.011  -19.572 8.857   1.00 44.73 ? 24  ARG A CG  1 
ATOM   147  C CD  . ARG A 1 24  ? 17.156  -20.074 9.700   1.00 46.59 ? 24  ARG A CD  1 
ATOM   148  N NE  . ARG A 1 24  ? 17.966  -18.978 10.217  1.00 48.32 ? 24  ARG A NE  1 
ATOM   149  C CZ  . ARG A 1 24  ? 18.287  -18.825 11.498  1.00 48.61 ? 24  ARG A CZ  1 
ATOM   150  N NH1 . ARG A 1 24  ? 17.863  -19.699 12.405  1.00 47.19 ? 24  ARG A NH1 1 
ATOM   151  N NH2 . ARG A 1 24  ? 19.043  -17.799 11.866  1.00 49.64 ? 24  ARG A NH2 1 
ATOM   152  N N   . ASP A 1 25  ? 13.187  -20.191 7.264   1.00 48.10 ? 25  ASP A N   1 
ATOM   153  C CA  . ASP A 1 25  ? 12.733  -21.445 6.695   1.00 50.74 ? 25  ASP A CA  1 
ATOM   154  C C   . ASP A 1 25  ? 13.875  -22.153 5.980   1.00 53.46 ? 25  ASP A C   1 
ATOM   155  O O   . ASP A 1 25  ? 14.796  -21.511 5.469   1.00 53.53 ? 25  ASP A O   1 
ATOM   156  C CB  . ASP A 1 25  ? 11.605  -21.188 5.695   1.00 48.98 ? 25  ASP A CB  1 
ATOM   157  C CG  . ASP A 1 25  ? 10.332  -20.743 6.358   1.00 47.74 ? 25  ASP A CG  1 
ATOM   158  O OD1 . ASP A 1 25  ? 10.341  -20.596 7.597   1.00 48.93 ? 25  ASP A OD1 1 
ATOM   159  O OD2 . ASP A 1 25  ? 9.325   -20.545 5.643   1.00 46.93 ? 25  ASP A OD2 1 
ATOM   160  N N   . GLN A 1 26  ? 13.820  -23.480 5.969   1.00 56.14 ? 26  GLN A N   1 
ATOM   161  C CA  . GLN A 1 26  ? 14.821  -24.274 5.267   1.00 59.14 ? 26  GLN A CA  1 
ATOM   162  C C   . GLN A 1 26  ? 14.060  -24.702 4.026   1.00 61.12 ? 26  GLN A C   1 
ATOM   163  O O   . GLN A 1 26  ? 13.010  -25.335 4.138   1.00 61.72 ? 26  GLN A O   1 
ATOM   164  C CB  . GLN A 1 26  ? 15.237  -25.498 6.093   1.00 57.88 ? 26  GLN A CB  1 
ATOM   165  C CG  . GLN A 1 26  ? 16.005  -25.173 7.370   1.00 56.32 ? 26  GLN A CG  1 
ATOM   166  C CD  . GLN A 1 26  ? 17.154  -24.196 7.142   1.00 56.24 ? 26  GLN A CD  1 
ATOM   167  O OE1 . GLN A 1 26  ? 17.627  -24.013 6.014   1.00 55.18 ? 26  GLN A OE1 1 
ATOM   168  N NE2 . GLN A 1 26  ? 17.618  -23.574 8.221   1.00 55.23 ? 26  GLN A NE2 1 
ATOM   169  N N   . VAL A 1 27  ? 14.562  -24.342 2.848   1.00 63.81 ? 27  VAL A N   1 
ATOM   170  C CA  . VAL A 1 27  ? 13.858  -24.688 1.622   1.00 67.07 ? 27  VAL A CA  1 
ATOM   171  C C   . VAL A 1 27  ? 14.570  -25.696 0.729   1.00 70.01 ? 27  VAL A C   1 
ATOM   172  O O   . VAL A 1 27  ? 15.799  -25.740 0.671   1.00 69.38 ? 27  VAL A O   1 
ATOM   173  C CB  . VAL A 1 27  ? 13.548  -23.430 0.795   1.00 66.40 ? 27  VAL A CB  1 
ATOM   174  C CG1 . VAL A 1 27  ? 12.578  -23.773 -0.326  1.00 66.35 ? 27  VAL A CG1 1 
ATOM   175  C CG2 . VAL A 1 27  ? 12.966  -22.352 1.697   1.00 66.29 ? 27  VAL A CG2 1 
ATOM   176  N N   . ARG A 1 28  ? 13.768  -26.497 0.031   1.00 73.71 ? 28  ARG A N   1 
ATOM   177  C CA  . ARG A 1 28  ? 14.259  -27.531 -0.877  1.00 76.86 ? 28  ARG A CA  1 
ATOM   178  C C   . ARG A 1 28  ? 14.550  -26.958 -2.270  1.00 76.84 ? 28  ARG A C   1 
ATOM   179  O O   . ARG A 1 28  ? 13.657  -26.866 -3.121  1.00 76.45 ? 28  ARG A O   1 
ATOM   180  C CB  . ARG A 1 28  ? 13.217  -28.650 -0.990  1.00 79.98 ? 28  ARG A CB  1 
ATOM   181  C CG  . ARG A 1 28  ? 13.788  -29.999 -1.382  1.00 83.91 ? 28  ARG A CG  1 
ATOM   182  C CD  . ARG A 1 28  ? 14.634  -30.567 -0.257  1.00 87.51 ? 28  ARG A CD  1 
ATOM   183  N NE  . ARG A 1 28  ? 15.338  -31.780 -0.661  1.00 91.36 ? 28  ARG A NE  1 
ATOM   184  C CZ  . ARG A 1 28  ? 16.119  -32.491 0.146   1.00 93.04 ? 28  ARG A CZ  1 
ATOM   185  N NH1 . ARG A 1 28  ? 16.291  -32.108 1.403   1.00 94.79 ? 28  ARG A NH1 1 
ATOM   186  N NH2 . ARG A 1 28  ? 16.733  -33.579 -0.303  1.00 94.00 ? 28  ARG A NH2 1 
ATOM   187  N N   . ILE A 1 34  ? 18.859  -27.743 0.013   1.00 68.69 ? 34  ILE A N   1 
ATOM   188  C CA  . ILE A 1 34  ? 18.407  -27.097 1.245   1.00 70.23 ? 34  ILE A CA  1 
ATOM   189  C C   . ILE A 1 34  ? 19.125  -25.767 1.496   1.00 70.11 ? 34  ILE A C   1 
ATOM   190  O O   . ILE A 1 34  ? 20.351  -25.726 1.651   1.00 69.93 ? 34  ILE A O   1 
ATOM   191  C CB  . ILE A 1 34  ? 18.628  -28.008 2.478   1.00 70.46 ? 34  ILE A CB  1 
ATOM   192  C CG1 . ILE A 1 34  ? 17.891  -29.329 2.290   1.00 71.29 ? 34  ILE A CG1 1 
ATOM   193  C CG2 . ILE A 1 34  ? 18.110  -27.326 3.743   1.00 69.32 ? 34  ILE A CG2 1 
ATOM   194  C CD1 . ILE A 1 34  ? 18.188  -30.328 3.383   1.00 72.39 ? 34  ILE A CD1 1 
ATOM   195  N N   . VAL A 1 35  ? 18.344  -24.687 1.553   1.00 69.33 ? 35  VAL A N   1 
ATOM   196  C CA  . VAL A 1 35  ? 18.875  -23.345 1.779   1.00 66.83 ? 35  VAL A CA  1 
ATOM   197  C C   . VAL A 1 35  ? 18.038  -22.552 2.786   1.00 65.32 ? 35  VAL A C   1 
ATOM   198  O O   . VAL A 1 35  ? 16.831  -22.762 2.911   1.00 64.92 ? 35  VAL A O   1 
ATOM   199  C CB  . VAL A 1 35  ? 18.928  -22.551 0.452   1.00 66.61 ? 35  VAL A CB  1 
ATOM   200  C CG1 . VAL A 1 35  ? 17.542  -22.489 -0.171  1.00 65.52 ? 35  VAL A CG1 1 
ATOM   201  C CG2 . VAL A 1 35  ? 19.475  -21.149 0.696   1.00 67.53 ? 35  VAL A CG2 1 
ATOM   202  N N   . THR A 1 36  ? 18.694  -21.647 3.506   1.00 63.43 ? 36  THR A N   1 
ATOM   203  C CA  . THR A 1 36  ? 18.011  -20.803 4.478   1.00 61.68 ? 36  THR A CA  1 
ATOM   204  C C   . THR A 1 36  ? 17.236  -19.723 3.724   1.00 60.83 ? 36  THR A C   1 
ATOM   205  O O   . THR A 1 36  ? 17.725  -19.157 2.742   1.00 60.92 ? 36  THR A O   1 
ATOM   206  C CB  . THR A 1 36  ? 19.012  -20.109 5.431   1.00 61.45 ? 36  THR A CB  1 
ATOM   207  O OG1 . THR A 1 36  ? 19.760  -21.099 6.145   1.00 63.70 ? 36  THR A OG1 1 
ATOM   208  C CG2 . THR A 1 36  ? 18.279  -19.221 6.427   1.00 60.73 ? 36  THR A CG2 1 
ATOM   209  N N   . ARG A 1 37  ? 16.022  -19.450 4.186   1.00 59.41 ? 37  ARG A N   1 
ATOM   210  C CA  . ARG A 1 37  ? 15.163  -18.441 3.578   1.00 56.92 ? 37  ARG A CA  1 
ATOM   211  C C   . ARG A 1 37  ? 14.456  -17.649 4.664   1.00 55.29 ? 37  ARG A C   1 
ATOM   212  O O   . ARG A 1 37  ? 13.367  -18.022 5.104   1.00 55.68 ? 37  ARG A O   1 
ATOM   213  C CB  . ARG A 1 37  ? 14.126  -19.101 2.672   1.00 57.70 ? 37  ARG A CB  1 
ATOM   214  C CG  . ARG A 1 37  ? 14.626  -19.409 1.274   1.00 58.87 ? 37  ARG A CG  1 
ATOM   215  C CD  . ARG A 1 37  ? 14.750  -18.140 0.443   1.00 59.00 ? 37  ARG A CD  1 
ATOM   216  N NE  . ARG A 1 37  ? 15.115  -18.429 -0.942  1.00 58.86 ? 37  ARG A NE  1 
ATOM   217  C CZ  . ARG A 1 37  ? 16.328  -18.796 -1.344  1.00 59.28 ? 37  ARG A CZ  1 
ATOM   218  N NH1 . ARG A 1 37  ? 17.322  -18.921 -0.469  1.00 59.31 ? 37  ARG A NH1 1 
ATOM   219  N NH2 . ARG A 1 37  ? 16.545  -19.048 -2.629  1.00 59.49 ? 37  ARG A NH2 1 
ATOM   220  N N   . GLU A 1 38  ? 15.083  -16.560 5.098   1.00 52.87 ? 38  GLU A N   1 
ATOM   221  C CA  . GLU A 1 38  ? 14.507  -15.718 6.133   1.00 50.28 ? 38  GLU A CA  1 
ATOM   222  C C   . GLU A 1 38  ? 13.437  -14.825 5.509   1.00 47.94 ? 38  GLU A C   1 
ATOM   223  O O   . GLU A 1 38  ? 13.694  -14.099 4.550   1.00 46.82 ? 38  GLU A O   1 
ATOM   224  C CB  . GLU A 1 38  ? 15.603  -14.888 6.803   1.00 51.53 ? 38  GLU A CB  1 
ATOM   225  C CG  . GLU A 1 38  ? 16.818  -15.720 7.215   1.00 53.81 ? 38  GLU A CG  1 
ATOM   226  C CD  . GLU A 1 38  ? 17.807  -14.957 8.083   1.00 55.27 ? 38  GLU A CD  1 
ATOM   227  O OE1 . GLU A 1 38  ? 18.105  -13.786 7.767   1.00 56.83 ? 38  GLU A OE1 1 
ATOM   228  O OE2 . GLU A 1 38  ? 18.297  -15.535 9.076   1.00 56.02 ? 38  GLU A OE2 1 
ATOM   229  N N   . VAL A 1 39  ? 12.229  -14.908 6.062   1.00 45.31 ? 39  VAL A N   1 
ATOM   230  C CA  . VAL A 1 39  ? 11.071  -14.154 5.595   1.00 41.00 ? 39  VAL A CA  1 
ATOM   231  C C   . VAL A 1 39  ? 10.546  -13.174 6.646   1.00 39.46 ? 39  VAL A C   1 
ATOM   232  O O   . VAL A 1 39  ? 10.422  -13.516 7.821   1.00 38.77 ? 39  VAL A O   1 
ATOM   233  C CB  . VAL A 1 39  ? 9.915   -15.122 5.225   1.00 39.91 ? 39  VAL A CB  1 
ATOM   234  C CG1 . VAL A 1 39  ? 8.646   -14.349 4.900   1.00 36.03 ? 39  VAL A CG1 1 
ATOM   235  C CG2 . VAL A 1 39  ? 10.331  -15.989 4.057   1.00 40.49 ? 39  VAL A CG2 1 
ATOM   236  N N   . VAL A 1 40  ? 10.239  -11.954 6.217   1.00 37.38 ? 40  VAL A N   1 
ATOM   237  C CA  . VAL A 1 40  ? 9.685   -10.955 7.119   1.00 33.65 ? 40  VAL A CA  1 
ATOM   238  C C   . VAL A 1 40  ? 8.162   -10.935 6.924   1.00 33.40 ? 40  VAL A C   1 
ATOM   239  O O   . VAL A 1 40  ? 7.658   -10.426 5.920   1.00 32.18 ? 40  VAL A O   1 
ATOM   240  C CB  . VAL A 1 40  ? 10.270  -9.544  6.833   1.00 33.12 ? 40  VAL A CB  1 
ATOM   241  C CG1 . VAL A 1 40  ? 9.640   -8.514  7.763   1.00 29.56 ? 40  VAL A CG1 1 
ATOM   242  C CG2 . VAL A 1 40  ? 11.787  -9.561  7.015   1.00 30.76 ? 40  VAL A CG2 1 
ATOM   243  N N   . GLU A 1 41  ? 7.441   -11.527 7.873   1.00 33.05 ? 41  GLU A N   1 
ATOM   244  C CA  . GLU A 1 41  ? 5.983   -11.567 7.829   1.00 33.67 ? 41  GLU A CA  1 
ATOM   245  C C   . GLU A 1 41  ? 5.440   -10.171 8.088   1.00 35.28 ? 41  GLU A C   1 
ATOM   246  O O   . GLU A 1 41  ? 5.912   -9.470  8.981   1.00 36.26 ? 41  GLU A O   1 
ATOM   247  C CB  . GLU A 1 41  ? 5.454   -12.525 8.882   1.00 33.68 ? 41  GLU A CB  1 
ATOM   248  C CG  . GLU A 1 41  ? 5.567   -13.968 8.479   1.00 35.22 ? 41  GLU A CG  1 
ATOM   249  C CD  . GLU A 1 41  ? 5.315   -14.909 9.638   1.00 36.52 ? 41  GLU A CD  1 
ATOM   250  O OE1 . GLU A 1 41  ? 4.537   -14.547 10.548  1.00 35.11 ? 41  GLU A OE1 1 
ATOM   251  O OE2 . GLU A 1 41  ? 5.891   -16.017 9.628   1.00 37.55 ? 41  GLU A OE2 1 
ATOM   252  N N   . HIS A 1 42  ? 4.429   -9.775  7.326   1.00 35.38 ? 42  HIS A N   1 
ATOM   253  C CA  . HIS A 1 42  ? 3.889   -8.435  7.459   1.00 34.78 ? 42  HIS A CA  1 
ATOM   254  C C   . HIS A 1 42  ? 2.365   -8.462  7.390   1.00 34.36 ? 42  HIS A C   1 
ATOM   255  O O   . HIS A 1 42  ? 1.788   -9.411  6.864   1.00 33.87 ? 42  HIS A O   1 
ATOM   256  C CB  . HIS A 1 42  ? 4.493   -7.582  6.330   1.00 36.04 ? 42  HIS A CB  1 
ATOM   257  C CG  . HIS A 1 42  ? 4.316   -6.103  6.502   1.00 37.80 ? 42  HIS A CG  1 
ATOM   258  N ND1 . HIS A 1 42  ? 3.155   -5.446  6.154   1.00 36.97 ? 42  HIS A ND1 1 
ATOM   259  C CD2 . HIS A 1 42  ? 5.164   -5.153  6.961   1.00 37.35 ? 42  HIS A CD2 1 
ATOM   260  C CE1 . HIS A 1 42  ? 3.296   -4.154  6.388   1.00 35.85 ? 42  HIS A CE1 1 
ATOM   261  N NE2 . HIS A 1 42  ? 4.505   -3.949  6.878   1.00 37.33 ? 42  HIS A NE2 1 
ATOM   262  N N   . PHE A 1 43  ? 1.723   -7.433  7.945   1.00 33.32 ? 43  PHE A N   1 
ATOM   263  C CA  . PHE A 1 43  ? 0.261   -7.316  7.941   1.00 33.42 ? 43  PHE A CA  1 
ATOM   264  C C   . PHE A 1 43  ? -0.252  -7.112  6.527   1.00 32.23 ? 43  PHE A C   1 
ATOM   265  O O   . PHE A 1 43  ? -1.317  -7.604  6.154   1.00 32.22 ? 43  PHE A O   1 
ATOM   266  C CB  . PHE A 1 43  ? -0.201  -6.099  8.757   1.00 34.84 ? 43  PHE A CB  1 
ATOM   267  C CG  . PHE A 1 43  ? -0.351  -6.356  10.229  1.00 36.36 ? 43  PHE A CG  1 
ATOM   268  C CD1 . PHE A 1 43  ? -1.125  -7.419  10.695  1.00 36.42 ? 43  PHE A CD1 1 
ATOM   269  C CD2 . PHE A 1 43  ? 0.248   -5.502  11.157  1.00 35.61 ? 43  PHE A CD2 1 
ATOM   270  C CE1 . PHE A 1 43  ? -1.303  -7.626  12.063  1.00 34.64 ? 43  PHE A CE1 1 
ATOM   271  C CE2 . PHE A 1 43  ? 0.076   -5.702  12.523  1.00 34.56 ? 43  PHE A CE2 1 
ATOM   272  C CZ  . PHE A 1 43  ? -0.703  -6.770  12.975  1.00 34.10 ? 43  PHE A CZ  1 
ATOM   273  N N   . GLY A 1 44  ? 0.530   -6.382  5.745   1.00 32.05 ? 44  GLY A N   1 
ATOM   274  C CA  . GLY A 1 44  ? 0.131   -6.045  4.397   1.00 31.37 ? 44  GLY A CA  1 
ATOM   275  C C   . GLY A 1 44  ? -0.437  -4.656  4.613   1.00 32.08 ? 44  GLY A C   1 
ATOM   276  O O   . GLY A 1 44  ? -0.699  -4.271  5.755   1.00 32.55 ? 44  GLY A O   1 
ATOM   277  N N   . ALA A 1 45  ? -0.631  -3.892  3.549   1.00 31.56 ? 45  ALA A N   1 
ATOM   278  C CA  . ALA A 1 45  ? -1.156  -2.550  3.705   1.00 28.39 ? 45  ALA A CA  1 
ATOM   279  C C   . ALA A 1 45  ? -2.025  -2.163  2.523   1.00 28.03 ? 45  ALA A C   1 
ATOM   280  O O   . ALA A 1 45  ? -2.138  -2.911  1.549   1.00 27.13 ? 45  ALA A O   1 
ATOM   281  C CB  . ALA A 1 45  ? -0.006  -1.573  3.852   1.00 26.86 ? 45  ALA A CB  1 
ATOM   282  N N   . VAL A 1 46  ? -2.654  -0.997  2.635   1.00 27.57 ? 46  VAL A N   1 
ATOM   283  C CA  . VAL A 1 46  ? -3.502  -0.449  1.582   1.00 27.48 ? 46  VAL A CA  1 
ATOM   284  C C   . VAL A 1 46  ? -3.107  1.020   1.388   1.00 28.84 ? 46  VAL A C   1 
ATOM   285  O O   . VAL A 1 46  ? -2.693  1.686   2.338   1.00 29.95 ? 46  VAL A O   1 
ATOM   286  C CB  . VAL A 1 46  ? -5.030  -0.528  1.943   1.00 26.83 ? 46  VAL A CB  1 
ATOM   287  C CG1 . VAL A 1 46  ? -5.492  -1.975  1.983   1.00 23.90 ? 46  VAL A CG1 1 
ATOM   288  C CG2 . VAL A 1 46  ? -5.295  0.135   3.282   1.00 26.78 ? 46  VAL A CG2 1 
ATOM   289  N N   . ALA A 1 47  ? -3.204  1.509   0.155   1.00 28.79 ? 47  ALA A N   1 
ATOM   290  C CA  . ALA A 1 47  ? -2.884  2.904   -0.161  1.00 28.81 ? 47  ALA A CA  1 
ATOM   291  C C   . ALA A 1 47  ? -3.992  3.399   -1.079  1.00 28.38 ? 47  ALA A C   1 
ATOM   292  O O   . ALA A 1 47  ? -4.656  2.595   -1.739  1.00 29.07 ? 47  ALA A O   1 
ATOM   293  C CB  . ALA A 1 47  ? -1.522  3.011   -0.860  1.00 28.43 ? 47  ALA A CB  1 
ATOM   294  N N   . ILE A 1 48  ? -4.195  4.712   -1.128  1.00 26.85 ? 48  ILE A N   1 
ATOM   295  C CA  . ILE A 1 48  ? -5.260  5.255   -1.953  1.00 25.47 ? 48  ILE A CA  1 
ATOM   296  C C   . ILE A 1 48  ? -4.809  6.378   -2.878  1.00 26.57 ? 48  ILE A C   1 
ATOM   297  O O   . ILE A 1 48  ? -4.081  7.294   -2.471  1.00 25.33 ? 48  ILE A O   1 
ATOM   298  C CB  . ILE A 1 48  ? -6.445  5.824   -1.082  1.00 24.50 ? 48  ILE A CB  1 
ATOM   299  C CG1 . ILE A 1 48  ? -6.827  4.866   0.051   1.00 22.44 ? 48  ILE A CG1 1 
ATOM   300  C CG2 . ILE A 1 48  ? -7.661  6.061   -1.949  1.00 22.94 ? 48  ILE A CG2 1 
ATOM   301  C CD1 . ILE A 1 48  ? -5.972  5.028   1.321   1.00 21.31 ? 48  ILE A CD1 1 
ATOM   302  N N   . VAL A 1 49  ? -5.240  6.285   -4.132  1.00 26.91 ? 49  VAL A N   1 
ATOM   303  C CA  . VAL A 1 49  ? -4.978  7.323   -5.128  1.00 27.61 ? 49  VAL A CA  1 
ATOM   304  C C   . VAL A 1 49  ? -6.354  7.976   -5.275  1.00 27.92 ? 49  VAL A C   1 
ATOM   305  O O   . VAL A 1 49  ? -7.224  7.445   -5.961  1.00 28.79 ? 49  VAL A O   1 
ATOM   306  C CB  . VAL A 1 49  ? -4.524  6.724   -6.496  1.00 27.33 ? 49  VAL A CB  1 
ATOM   307  C CG1 . VAL A 1 49  ? -4.694  7.750   -7.625  1.00 26.53 ? 49  VAL A CG1 1 
ATOM   308  C CG2 . VAL A 1 49  ? -3.075  6.304   -6.414  1.00 26.54 ? 49  VAL A CG2 1 
ATOM   309  N N   . ALA A 1 50  ? -6.560  9.101   -4.595  1.00 28.96 ? 50  ALA A N   1 
ATOM   310  C CA  . ALA A 1 50  ? -7.842  9.797   -4.646  1.00 30.58 ? 50  ALA A CA  1 
ATOM   311  C C   . ALA A 1 50  ? -7.790  10.912  -5.678  1.00 32.87 ? 50  ALA A C   1 
ATOM   312  O O   . ALA A 1 50  ? -7.283  12.005  -5.421  1.00 33.21 ? 50  ALA A O   1 
ATOM   313  C CB  . ALA A 1 50  ? -8.194  10.356  -3.283  1.00 29.33 ? 50  ALA A CB  1 
ATOM   314  N N   . MET A 1 51  ? -8.320  10.616  -6.856  1.00 33.68 ? 51  MET A N   1 
ATOM   315  C CA  . MET A 1 51  ? -8.331  11.559  -7.948  1.00 34.81 ? 51  MET A CA  1 
ATOM   316  C C   . MET A 1 51  ? -9.592  12.408  -7.921  1.00 36.25 ? 51  MET A C   1 
ATOM   317  O O   . MET A 1 51  ? -10.698 11.876  -7.815  1.00 37.26 ? 51  MET A O   1 
ATOM   318  C CB  . MET A 1 51  ? -8.229  10.786  -9.256  1.00 34.75 ? 51  MET A CB  1 
ATOM   319  C CG  . MET A 1 51  ? -8.430  11.632  -10.484 1.00 37.99 ? 51  MET A CG  1 
ATOM   320  S SD  . MET A 1 51  ? -7.998  10.714  -11.959 1.00 42.14 ? 51  MET A SD  1 
ATOM   321  C CE  . MET A 1 51  ? -9.331  9.569   -12.061 1.00 43.97 ? 51  MET A CE  1 
ATOM   322  N N   . ASP A 1 52  ? -9.435  13.728  -8.003  1.00 37.42 ? 52  ASP A N   1 
ATOM   323  C CA  . ASP A 1 52  ? -10.600 14.601  -7.994  1.00 38.99 ? 52  ASP A CA  1 
ATOM   324  C C   . ASP A 1 52  ? -11.131 14.754  -9.423  1.00 41.06 ? 52  ASP A C   1 
ATOM   325  O O   . ASP A 1 52  ? -10.583 14.153  -10.347 1.00 40.56 ? 52  ASP A O   1 
ATOM   326  C CB  . ASP A 1 52  ? -10.275 15.963  -7.348  1.00 38.07 ? 52  ASP A CB  1 
ATOM   327  C CG  . ASP A 1 52  ? -9.349  16.819  -8.183  1.00 37.49 ? 52  ASP A CG  1 
ATOM   328  O OD1 . ASP A 1 52  ? -9.170  16.516  -9.379  1.00 37.92 ? 52  ASP A OD1 1 
ATOM   329  O OD2 . ASP A 1 52  ? -8.814  17.813  -7.637  1.00 37.21 ? 52  ASP A OD2 1 
ATOM   330  N N   . ASP A 1 53  ? -12.190 15.538  -9.612  1.00 43.82 ? 53  ASP A N   1 
ATOM   331  C CA  . ASP A 1 53  ? -12.777 15.689  -10.944 1.00 46.97 ? 53  ASP A CA  1 
ATOM   332  C C   . ASP A 1 53  ? -11.935 16.507  -11.925 1.00 45.93 ? 53  ASP A C   1 
ATOM   333  O O   . ASP A 1 53  ? -12.267 16.602  -13.107 1.00 47.33 ? 53  ASP A O   1 
ATOM   334  C CB  . ASP A 1 53  ? -14.230 16.223  -10.827 1.00 52.53 ? 53  ASP A CB  1 
ATOM   335  C CG  . ASP A 1 53  ? -14.418 17.644  -11.378 1.00 58.65 ? 53  ASP A CG  1 
ATOM   336  O OD1 . ASP A 1 53  ? -14.384 17.819  -12.622 1.00 61.65 ? 53  ASP A OD1 1 
ATOM   337  O OD2 . ASP A 1 53  ? -14.620 18.585  -10.564 1.00 61.49 ? 53  ASP A OD2 1 
ATOM   338  N N   . ASN A 1 54  ? -10.832 17.070  -11.450 1.00 44.32 ? 54  ASN A N   1 
ATOM   339  C CA  . ASN A 1 54  ? -9.958  17.833  -12.327 1.00 43.07 ? 54  ASN A CA  1 
ATOM   340  C C   . ASN A 1 54  ? -8.710  17.035  -12.670 1.00 42.05 ? 54  ASN A C   1 
ATOM   341  O O   . ASN A 1 54  ? -7.852  17.503  -13.422 1.00 42.46 ? 54  ASN A O   1 
ATOM   342  C CB  . ASN A 1 54  ? -9.567  19.157  -11.681 1.00 44.94 ? 54  ASN A CB  1 
ATOM   343  C CG  . ASN A 1 54  ? -10.717 20.134  -11.638 1.00 46.36 ? 54  ASN A CG  1 
ATOM   344  O OD1 . ASN A 1 54  ? -11.196 20.593  -12.677 1.00 45.93 ? 54  ASN A OD1 1 
ATOM   345  N ND2 . ASN A 1 54  ? -11.174 20.452  -10.434 1.00 48.68 ? 54  ASN A ND2 1 
ATOM   346  N N   . GLY A 1 55  ? -8.613  15.830  -12.113 1.00 40.20 ? 55  GLY A N   1 
ATOM   347  C CA  . GLY A 1 55  ? -7.471  14.974  -12.389 1.00 38.09 ? 55  GLY A CA  1 
ATOM   348  C C   . GLY A 1 55  ? -6.274  15.170  -11.475 1.00 37.46 ? 55  GLY A C   1 
ATOM   349  O O   . GLY A 1 55  ? -5.138  14.893  -11.869 1.00 38.13 ? 55  GLY A O   1 
ATOM   350  N N   . ASN A 1 56  ? -6.524  15.651  -10.260 1.00 35.47 ? 56  ASN A N   1 
ATOM   351  C CA  . ASN A 1 56  ? -5.463  15.866  -9.288  1.00 33.73 ? 56  ASN A CA  1 
ATOM   352  C C   . ASN A 1 56  ? -5.607  14.862  -8.157  1.00 33.00 ? 56  ASN A C   1 
ATOM   353  O O   . ASN A 1 56  ? -6.711  14.409  -7.854  1.00 32.10 ? 56  ASN A O   1 
ATOM   354  C CB  . ASN A 1 56  ? -5.533  17.278  -8.717  1.00 32.97 ? 56  ASN A CB  1 
ATOM   355  C CG  . ASN A 1 56  ? -5.551  18.332  -9.792  1.00 33.57 ? 56  ASN A CG  1 
ATOM   356  O OD1 . ASN A 1 56  ? -4.728  18.319  -10.707 1.00 34.61 ? 56  ASN A OD1 1 
ATOM   357  N ND2 . ASN A 1 56  ? -6.497  19.255  -9.693  1.00 34.54 ? 56  ASN A ND2 1 
ATOM   358  N N   . ILE A 1 57  ? -4.485  14.513  -7.539  1.00 32.15 ? 57  ILE A N   1 
ATOM   359  C CA  . ILE A 1 57  ? -4.492  13.569  -6.433  1.00 30.22 ? 57  ILE A CA  1 
ATOM   360  C C   . ILE A 1 57  ? -3.742  14.157  -5.244  1.00 29.78 ? 57  ILE A C   1 
ATOM   361  O O   . ILE A 1 57  ? -2.831  14.968  -5.409  1.00 28.86 ? 57  ILE A O   1 
ATOM   362  C CB  . ILE A 1 57  ? -3.824  12.218  -6.823  1.00 28.94 ? 57  ILE A CB  1 
ATOM   363  C CG1 . ILE A 1 57  ? -2.351  12.440  -7.175  1.00 28.44 ? 57  ILE A CG1 1 
ATOM   364  C CG2 . ILE A 1 57  ? -4.553  11.589  -8.004  1.00 27.54 ? 57  ILE A CG2 1 
ATOM   365  C CD1 . ILE A 1 57  ? -1.570  11.156  -7.420  1.00 26.61 ? 57  ILE A CD1 1 
ATOM   366  N N   . PRO A 1 58  ? -4.141  13.777  -4.023  1.00 30.49 ? 58  PRO A N   1 
ATOM   367  C CA  . PRO A 1 58  ? -3.500  14.260  -2.797  1.00 30.64 ? 58  PRO A CA  1 
ATOM   368  C C   . PRO A 1 58  ? -2.325  13.341  -2.416  1.00 30.92 ? 58  PRO A C   1 
ATOM   369  O O   . PRO A 1 58  ? -2.408  12.117  -2.557  1.00 30.26 ? 58  PRO A O   1 
ATOM   370  C CB  . PRO A 1 58  ? -4.633  14.181  -1.782  1.00 29.64 ? 58  PRO A CB  1 
ATOM   371  C CG  . PRO A 1 58  ? -5.319  12.903  -2.186  1.00 29.26 ? 58  PRO A CG  1 
ATOM   372  C CD  . PRO A 1 58  ? -5.385  13.044  -3.703  1.00 29.94 ? 58  PRO A CD  1 
ATOM   373  N N   . MET A 1 59  ? -1.234  13.930  -1.946  1.00 30.37 ? 59  MET A N   1 
ATOM   374  C CA  . MET A 1 59  ? -0.078  13.148  -1.537  1.00 29.71 ? 59  MET A CA  1 
ATOM   375  C C   . MET A 1 59  ? 0.447   13.713  -0.237  1.00 31.70 ? 59  MET A C   1 
ATOM   376  O O   . MET A 1 59  ? 0.408   14.922  -0.027  1.00 32.15 ? 59  MET A O   1 
ATOM   377  C CB  . MET A 1 59  ? 1.010   13.197  -2.608  1.00 28.04 ? 59  MET A CB  1 
ATOM   378  C CG  . MET A 1 59  ? 0.695   12.343  -3.829  1.00 27.31 ? 59  MET A CG  1 
ATOM   379  S SD  . MET A 1 59  ? 2.096   12.104  -4.944  1.00 28.44 ? 59  MET A SD  1 
ATOM   380  C CE  . MET A 1 59  ? 2.861   10.616  -4.296  1.00 25.32 ? 59  MET A CE  1 
ATOM   381  N N   . VAL A 1 60  ? 0.933   12.843  0.641   1.00 32.53 ? 60  VAL A N   1 
ATOM   382  C CA  . VAL A 1 60  ? 1.469   13.285  1.927   1.00 33.68 ? 60  VAL A CA  1 
ATOM   383  C C   . VAL A 1 60  ? 3.002   13.283  1.960   1.00 34.47 ? 60  VAL A C   1 
ATOM   384  O O   . VAL A 1 60  ? 3.647   12.549  1.220   1.00 35.76 ? 60  VAL A O   1 
ATOM   385  C CB  . VAL A 1 60  ? 0.953   12.392  3.073   1.00 33.50 ? 60  VAL A CB  1 
ATOM   386  C CG1 . VAL A 1 60  ? -0.564  12.379  3.067   1.00 33.05 ? 60  VAL A CG1 1 
ATOM   387  C CG2 . VAL A 1 60  ? 1.507   10.972  2.925   1.00 32.55 ? 60  VAL A CG2 1 
ATOM   388  N N   . TYR A 1 61  ? 3.577   14.116  2.822   1.00 36.05 ? 61  TYR A N   1 
ATOM   389  C CA  . TYR A 1 61  ? 5.027   14.214  2.971   1.00 37.34 ? 61  TYR A CA  1 
ATOM   390  C C   . TYR A 1 61  ? 5.320   13.704  4.378   1.00 39.21 ? 61  TYR A C   1 
ATOM   391  O O   . TYR A 1 61  ? 5.201   14.436  5.362   1.00 39.00 ? 61  TYR A O   1 
ATOM   392  C CB  . TYR A 1 61  ? 5.460   15.673  2.820   1.00 38.42 ? 61  TYR A CB  1 
ATOM   393  C CG  . TYR A 1 61  ? 6.949   15.889  2.696   1.00 37.83 ? 61  TYR A CG  1 
ATOM   394  C CD1 . TYR A 1 61  ? 7.699   15.205  1.743   1.00 36.92 ? 61  TYR A CD1 1 
ATOM   395  C CD2 . TYR A 1 61  ? 7.601   16.821  3.504   1.00 38.36 ? 61  TYR A CD2 1 
ATOM   396  C CE1 . TYR A 1 61  ? 9.063   15.443  1.596   1.00 37.63 ? 61  TYR A CE1 1 
ATOM   397  C CE2 . TYR A 1 61  ? 8.964   17.070  3.365   1.00 38.26 ? 61  TYR A CE2 1 
ATOM   398  C CZ  . TYR A 1 61  ? 9.688   16.380  2.412   1.00 37.75 ? 61  TYR A CZ  1 
ATOM   399  O OH  . TYR A 1 61  ? 11.036  16.623  2.289   1.00 39.75 ? 61  TYR A OH  1 
ATOM   400  N N   . GLN A 1 62  ? 5.704   12.434  4.456   1.00 40.33 ? 62  GLN A N   1 
ATOM   401  C CA  . GLN A 1 62  ? 5.957   11.776  5.729   1.00 39.98 ? 62  GLN A CA  1 
ATOM   402  C C   . GLN A 1 62  ? 7.399   11.340  5.982   1.00 38.23 ? 62  GLN A C   1 
ATOM   403  O O   . GLN A 1 62  ? 8.099   10.876  5.077   1.00 38.41 ? 62  GLN A O   1 
ATOM   404  C CB  . GLN A 1 62  ? 5.018   10.574  5.827   1.00 41.35 ? 62  GLN A CB  1 
ATOM   405  C CG  . GLN A 1 62  ? 5.184   9.727   7.056   1.00 45.72 ? 62  GLN A CG  1 
ATOM   406  C CD  . GLN A 1 62  ? 3.979   8.860   7.276   1.00 47.96 ? 62  GLN A CD  1 
ATOM   407  O OE1 . GLN A 1 62  ? 3.380   8.376   6.316   1.00 50.51 ? 62  GLN A OE1 1 
ATOM   408  N NE2 . GLN A 1 62  ? 3.610   8.651   8.539   1.00 49.32 ? 62  GLN A NE2 1 
ATOM   409  N N   . TYR A 1 63  ? 7.832   11.491  7.228   1.00 35.70 ? 63  TYR A N   1 
ATOM   410  C CA  . TYR A 1 63  ? 9.179   11.101  7.616   1.00 34.00 ? 63  TYR A CA  1 
ATOM   411  C C   . TYR A 1 63  ? 9.283   9.573   7.698   1.00 32.83 ? 63  TYR A C   1 
ATOM   412  O O   . TYR A 1 63  ? 8.414   8.897   8.265   1.00 30.89 ? 63  TYR A O   1 
ATOM   413  C CB  . TYR A 1 63  ? 9.545   11.717  8.975   1.00 34.21 ? 63  TYR A CB  1 
ATOM   414  C CG  . TYR A 1 63  ? 10.895  11.272  9.504   1.00 33.57 ? 63  TYR A CG  1 
ATOM   415  C CD1 . TYR A 1 63  ? 12.084  11.833  9.022   1.00 33.40 ? 63  TYR A CD1 1 
ATOM   416  C CD2 . TYR A 1 63  ? 10.986  10.254  10.457  1.00 33.11 ? 63  TYR A CD2 1 
ATOM   417  C CE1 . TYR A 1 63  ? 13.333  11.387  9.481   1.00 33.04 ? 63  TYR A CE1 1 
ATOM   418  C CE2 . TYR A 1 63  ? 12.225  9.799   10.920  1.00 33.51 ? 63  TYR A CE2 1 
ATOM   419  C CZ  . TYR A 1 63  ? 13.393  10.368  10.429  1.00 33.98 ? 63  TYR A CZ  1 
ATOM   420  O OH  . TYR A 1 63  ? 14.610  9.910   10.890  1.00 34.76 ? 63  TYR A OH  1 
ATOM   421  N N   . ARG A 1 64  ? 10.347  9.037   7.111   1.00 32.08 ? 64  ARG A N   1 
ATOM   422  C CA  . ARG A 1 64  ? 10.595  7.599   7.119   1.00 31.65 ? 64  ARG A CA  1 
ATOM   423  C C   . ARG A 1 64  ? 11.942  7.338   7.776   1.00 31.72 ? 64  ARG A C   1 
ATOM   424  O O   . ARG A 1 64  ? 12.996  7.544   7.175   1.00 31.88 ? 64  ARG A O   1 
ATOM   425  C CB  . ARG A 1 64  ? 10.591  7.032   5.691   1.00 29.95 ? 64  ARG A CB  1 
ATOM   426  C CG  . ARG A 1 64  ? 9.216   6.983   5.038   1.00 28.65 ? 64  ARG A CG  1 
ATOM   427  C CD  . ARG A 1 64  ? 8.279   6.115   5.847   1.00 27.36 ? 64  ARG A CD  1 
ATOM   428  N NE  . ARG A 1 64  ? 6.937   6.064   5.281   1.00 28.14 ? 64  ARG A NE  1 
ATOM   429  C CZ  . ARG A 1 64  ? 5.949   5.319   5.775   1.00 31.24 ? 64  ARG A CZ  1 
ATOM   430  N NH1 . ARG A 1 64  ? 6.153   4.555   6.850   1.00 28.52 ? 64  ARG A NH1 1 
ATOM   431  N NH2 . ARG A 1 64  ? 4.752   5.336   5.194   1.00 31.89 ? 64  ARG A NH2 1 
ATOM   432  N N   . HIS A 1 65  ? 11.904  6.886   9.021   1.00 32.65 ? 65  HIS A N   1 
ATOM   433  C CA  . HIS A 1 65  ? 13.128  6.612   9.746   1.00 33.41 ? 65  HIS A CA  1 
ATOM   434  C C   . HIS A 1 65  ? 14.100  5.754   8.934   1.00 33.64 ? 65  HIS A C   1 
ATOM   435  O O   . HIS A 1 65  ? 15.300  6.034   8.899   1.00 34.15 ? 65  HIS A O   1 
ATOM   436  C CB  . HIS A 1 65  ? 12.813  5.911   11.059  1.00 34.60 ? 65  HIS A CB  1 
ATOM   437  C CG  . HIS A 1 65  ? 14.014  5.721   11.928  1.00 38.35 ? 65  HIS A CG  1 
ATOM   438  N ND1 . HIS A 1 65  ? 14.169  4.630   12.757  1.00 39.12 ? 65  HIS A ND1 1 
ATOM   439  C CD2 . HIS A 1 65  ? 15.118  6.485   12.098  1.00 39.33 ? 65  HIS A CD2 1 
ATOM   440  C CE1 . HIS A 1 65  ? 15.319  4.731   13.399  1.00 40.13 ? 65  HIS A CE1 1 
ATOM   441  N NE2 . HIS A 1 65  ? 15.914  5.846   13.017  1.00 41.43 ? 65  HIS A NE2 1 
ATOM   442  N N   . THR A 1 66  ? 13.580  4.711   8.288   1.00 33.11 ? 66  THR A N   1 
ATOM   443  C CA  . THR A 1 66  ? 14.413  3.811   7.489   1.00 32.28 ? 66  THR A CA  1 
ATOM   444  C C   . THR A 1 66  ? 15.371  4.558   6.571   1.00 31.89 ? 66  THR A C   1 
ATOM   445  O O   . THR A 1 66  ? 16.494  4.104   6.331   1.00 33.13 ? 66  THR A O   1 
ATOM   446  C CB  . THR A 1 66  ? 13.563  2.856   6.621   1.00 30.21 ? 66  THR A CB  1 
ATOM   447  O OG1 . THR A 1 66  ? 12.533  3.602   5.968   1.00 30.38 ? 66  THR A OG1 1 
ATOM   448  C CG2 . THR A 1 66  ? 12.947  1.755   7.465   1.00 28.07 ? 66  THR A CG2 1 
ATOM   449  N N   . TYR A 1 67  ? 14.932  5.706   6.062   1.00 31.54 ? 67  TYR A N   1 
ATOM   450  C CA  . TYR A 1 67  ? 15.771  6.496   5.167   1.00 31.22 ? 67  TYR A CA  1 
ATOM   451  C C   . TYR A 1 67  ? 16.339  7.735   5.820   1.00 31.22 ? 67  TYR A C   1 
ATOM   452  O O   . TYR A 1 67  ? 17.251  8.350   5.277   1.00 33.41 ? 67  TYR A O   1 
ATOM   453  C CB  . TYR A 1 67  ? 14.990  6.888   3.914   1.00 30.06 ? 67  TYR A CB  1 
ATOM   454  C CG  . TYR A 1 67  ? 14.515  5.682   3.154   1.00 30.13 ? 67  TYR A CG  1 
ATOM   455  C CD1 . TYR A 1 67  ? 15.431  4.772   2.625   1.00 29.74 ? 67  TYR A CD1 1 
ATOM   456  C CD2 . TYR A 1 67  ? 13.152  5.400   3.033   1.00 29.93 ? 67  TYR A CD2 1 
ATOM   457  C CE1 . TYR A 1 67  ? 15.007  3.604   2.002   1.00 31.32 ? 67  TYR A CE1 1 
ATOM   458  C CE2 . TYR A 1 67  ? 12.713  4.234   2.409   1.00 31.42 ? 67  TYR A CE2 1 
ATOM   459  C CZ  . TYR A 1 67  ? 13.647  3.342   1.899   1.00 31.62 ? 67  TYR A CZ  1 
ATOM   460  O OH  . TYR A 1 67  ? 13.225  2.187   1.289   1.00 34.48 ? 67  TYR A OH  1 
ATOM   461  N N   . GLY A 1 68  ? 15.801  8.089   6.985   1.00 30.89 ? 68  GLY A N   1 
ATOM   462  C CA  . GLY A 1 68  ? 16.264  9.265   7.697   1.00 30.47 ? 68  GLY A CA  1 
ATOM   463  C C   . GLY A 1 68  ? 15.846  10.569  7.038   1.00 32.02 ? 68  GLY A C   1 
ATOM   464  O O   . GLY A 1 68  ? 16.555  11.573  7.145   1.00 33.12 ? 68  GLY A O   1 
ATOM   465  N N   . ARG A 1 69  ? 14.702  10.557  6.353   1.00 31.22 ? 69  ARG A N   1 
ATOM   466  C CA  . ARG A 1 69  ? 14.185  11.741  5.677   1.00 30.64 ? 69  ARG A CA  1 
ATOM   467  C C   . ARG A 1 69  ? 12.708  11.565  5.345   1.00 31.91 ? 69  ARG A C   1 
ATOM   468  O O   . ARG A 1 69  ? 12.154  10.476  5.504   1.00 31.29 ? 69  ARG A O   1 
ATOM   469  C CB  . ARG A 1 69  ? 14.972  12.009  4.388   1.00 29.23 ? 69  ARG A CB  1 
ATOM   470  C CG  . ARG A 1 69  ? 14.715  11.024  3.251   1.00 28.78 ? 69  ARG A CG  1 
ATOM   471  C CD  . ARG A 1 69  ? 15.681  11.277  2.115   1.00 28.54 ? 69  ARG A CD  1 
ATOM   472  N NE  . ARG A 1 69  ? 15.405  10.492  0.913   1.00 30.79 ? 69  ARG A NE  1 
ATOM   473  C CZ  . ARG A 1 69  ? 14.631  10.898  -0.090  1.00 32.46 ? 69  ARG A CZ  1 
ATOM   474  N NH1 . ARG A 1 69  ? 14.042  12.082  -0.043  1.00 34.09 ? 69  ARG A NH1 1 
ATOM   475  N NH2 . ARG A 1 69  ? 14.465  10.134  -1.157  1.00 32.40 ? 69  ARG A NH2 1 
ATOM   476  N N   . ARG A 1 70  ? 12.078  12.645  4.885   1.00 32.98 ? 70  ARG A N   1 
ATOM   477  C CA  . ARG A 1 70  ? 10.664  12.621  4.519   1.00 32.44 ? 70  ARG A CA  1 
ATOM   478  C C   . ARG A 1 70  ? 10.493  12.230  3.060   1.00 31.56 ? 70  ARG A C   1 
ATOM   479  O O   . ARG A 1 70  ? 11.295  12.613  2.200   1.00 29.00 ? 70  ARG A O   1 
ATOM   480  C CB  . ARG A 1 70  ? 10.029  13.989  4.751   1.00 35.86 ? 70  ARG A CB  1 
ATOM   481  C CG  . ARG A 1 70  ? 9.876   14.372  6.208   1.00 41.55 ? 70  ARG A CG  1 
ATOM   482  C CD  . ARG A 1 70  ? 9.650   15.869  6.336   1.00 47.70 ? 70  ARG A CD  1 
ATOM   483  N NE  . ARG A 1 70  ? 10.568  16.482  7.297   1.00 54.25 ? 70  ARG A NE  1 
ATOM   484  C CZ  . ARG A 1 70  ? 10.405  16.435  8.616   1.00 56.93 ? 70  ARG A CZ  1 
ATOM   485  N NH1 . ARG A 1 70  ? 9.351   15.809  9.128   1.00 58.93 ? 70  ARG A NH1 1 
ATOM   486  N NH2 . ARG A 1 70  ? 11.299  16.997  9.421   1.00 57.29 ? 70  ARG A NH2 1 
ATOM   487  N N   . LEU A 1 71  ? 9.440   11.462  2.790   1.00 30.35 ? 71  LEU A N   1 
ATOM   488  C CA  . LEU A 1 71  ? 9.142   11.003  1.441   1.00 28.69 ? 71  LEU A CA  1 
ATOM   489  C C   . LEU A 1 71  ? 7.725   11.349  1.057   1.00 29.04 ? 71  LEU A C   1 
ATOM   490  O O   . LEU A 1 71  ? 6.841   11.383  1.911   1.00 28.81 ? 71  LEU A O   1 
ATOM   491  C CB  . LEU A 1 71  ? 9.285   9.490   1.343   1.00 27.81 ? 71  LEU A CB  1 
ATOM   492  C CG  . LEU A 1 71  ? 10.659  8.870   1.521   1.00 28.07 ? 71  LEU A CG  1 
ATOM   493  C CD1 . LEU A 1 71  ? 10.513  7.358   1.430   1.00 27.97 ? 71  LEU A CD1 1 
ATOM   494  C CD2 . LEU A 1 71  ? 11.607  9.398   0.453   1.00 27.28 ? 71  LEU A CD2 1 
ATOM   495  N N   . TRP A 1 72  ? 7.517   11.597  -0.234  1.00 28.88 ? 72  TRP A N   1 
ATOM   496  C CA  . TRP A 1 72  ? 6.190   11.885  -0.760  1.00 27.49 ? 72  TRP A CA  1 
ATOM   497  C C   . TRP A 1 72  ? 5.521   10.542  -1.027  1.00 27.54 ? 72  TRP A C   1 
ATOM   498  O O   . TRP A 1 72  ? 6.055   9.700   -1.765  1.00 27.82 ? 72  TRP A O   1 
ATOM   499  C CB  . TRP A 1 72  ? 6.281   12.711  -2.046  1.00 27.54 ? 72  TRP A CB  1 
ATOM   500  C CG  . TRP A 1 72  ? 6.476   14.166  -1.761  1.00 29.78 ? 72  TRP A CG  1 
ATOM   501  C CD1 . TRP A 1 72  ? 7.651   14.864  -1.805  1.00 30.04 ? 72  TRP A CD1 1 
ATOM   502  C CD2 . TRP A 1 72  ? 5.482   15.083  -1.277  1.00 30.00 ? 72  TRP A CD2 1 
ATOM   503  N NE1 . TRP A 1 72  ? 7.451   16.157  -1.369  1.00 31.25 ? 72  TRP A NE1 1 
ATOM   504  C CE2 . TRP A 1 72  ? 6.129   16.317  -1.039  1.00 30.35 ? 72  TRP A CE2 1 
ATOM   505  C CE3 . TRP A 1 72  ? 4.106   14.979  -1.015  1.00 31.59 ? 72  TRP A CE3 1 
ATOM   506  C CZ2 . TRP A 1 72  ? 5.448   17.441  -0.550  1.00 30.37 ? 72  TRP A CZ2 1 
ATOM   507  C CZ3 . TRP A 1 72  ? 3.425   16.105  -0.524  1.00 30.27 ? 72  TRP A CZ3 1 
ATOM   508  C CH2 . TRP A 1 72  ? 4.101   17.314  -0.299  1.00 29.99 ? 72  TRP A CH2 1 
ATOM   509  N N   . GLU A 1 73  ? 4.352   10.346  -0.423  1.00 25.49 ? 73  GLU A N   1 
ATOM   510  C CA  . GLU A 1 73  ? 3.634   9.086   -0.556  1.00 25.00 ? 73  GLU A CA  1 
ATOM   511  C C   . GLU A 1 73  ? 2.140   9.259   -0.694  1.00 25.09 ? 73  GLU A C   1 
ATOM   512  O O   . GLU A 1 73  ? 1.609   10.356  -0.581  1.00 27.12 ? 73  GLU A O   1 
ATOM   513  C CB  . GLU A 1 73  ? 3.892   8.217   0.671   1.00 21.55 ? 73  GLU A CB  1 
ATOM   514  C CG  . GLU A 1 73  ? 5.144   8.568   1.420   1.00 19.07 ? 73  GLU A CG  1 
ATOM   515  C CD  . GLU A 1 73  ? 5.397   7.616   2.551   1.00 20.20 ? 73  GLU A CD  1 
ATOM   516  O OE1 . GLU A 1 73  ? 4.473   7.396   3.353   1.00 20.56 ? 73  GLU A OE1 1 
ATOM   517  O OE2 . GLU A 1 73  ? 6.518   7.084   2.640   1.00 21.91 ? 73  GLU A OE2 1 
ATOM   518  N N   . LEU A 1 74  ? 1.461   8.148   -0.927  1.00 26.82 ? 74  LEU A N   1 
ATOM   519  C CA  . LEU A 1 74  ? 0.013   8.172   -1.040  1.00 28.11 ? 74  LEU A CA  1 
ATOM   520  C C   . LEU A 1 74  ? -0.535  7.903   0.353   1.00 28.79 ? 74  LEU A C   1 
ATOM   521  O O   . LEU A 1 74  ? 0.167   7.328   1.197   1.00 29.00 ? 74  LEU A O   1 
ATOM   522  C CB  . LEU A 1 74  ? -0.478  7.051   -1.959  1.00 26.27 ? 74  LEU A CB  1 
ATOM   523  C CG  . LEU A 1 74  ? -0.021  6.986   -3.409  1.00 27.23 ? 74  LEU A CG  1 
ATOM   524  C CD1 . LEU A 1 74  ? -0.533  5.688   -4.015  1.00 23.29 ? 74  LEU A CD1 1 
ATOM   525  C CD2 . LEU A 1 74  ? -0.536  8.200   -4.175  1.00 24.72 ? 74  LEU A CD2 1 
ATOM   526  N N   . PRO A 1 75  ? -1.781  8.339   0.625   1.00 28.12 ? 75  PRO A N   1 
ATOM   527  C CA  . PRO A 1 75  ? -2.331  8.064   1.954   1.00 28.11 ? 75  PRO A CA  1 
ATOM   528  C C   . PRO A 1 75  ? -2.336  6.530   2.066   1.00 28.85 ? 75  PRO A C   1 
ATOM   529  O O   . PRO A 1 75  ? -2.795  5.837   1.156   1.00 28.28 ? 75  PRO A O   1 
ATOM   530  C CB  . PRO A 1 75  ? -3.739  8.647   1.865   1.00 26.80 ? 75  PRO A CB  1 
ATOM   531  C CG  . PRO A 1 75  ? -3.552  9.808   0.962   1.00 26.82 ? 75  PRO A CG  1 
ATOM   532  C CD  . PRO A 1 75  ? -2.655  9.255   -0.128  1.00 26.16 ? 75  PRO A CD  1 
ATOM   533  N N   . ALA A 1 76  ? -1.817  5.996   3.160   1.00 29.22 ? 76  ALA A N   1 
ATOM   534  C CA  . ALA A 1 76  ? -1.764  4.555   3.307   1.00 31.20 ? 76  ALA A CA  1 
ATOM   535  C C   . ALA A 1 76  ? -1.704  4.091   4.763   1.00 32.32 ? 76  ALA A C   1 
ATOM   536  O O   . ALA A 1 76  ? -1.312  4.844   5.659   1.00 34.86 ? 76  ALA A O   1 
ATOM   537  C CB  . ALA A 1 76  ? -0.566  4.014   2.528   1.00 31.34 ? 76  ALA A CB  1 
ATOM   538  N N   . GLY A 1 77  ? -2.100  2.844   4.990   1.00 31.70 ? 77  GLY A N   1 
ATOM   539  C CA  . GLY A 1 77  ? -2.081  2.298   6.330   1.00 30.85 ? 77  GLY A CA  1 
ATOM   540  C C   . GLY A 1 77  ? -1.983  0.788   6.322   1.00 31.45 ? 77  GLY A C   1 
ATOM   541  O O   . GLY A 1 77  ? -2.310  0.143   5.324   1.00 31.20 ? 77  GLY A O   1 
ATOM   542  N N   . LEU A 1 78  ? -1.519  0.234   7.441   1.00 32.84 ? 78  LEU A N   1 
ATOM   543  C CA  . LEU A 1 78  ? -1.365  -1.206  7.628   1.00 32.07 ? 78  LEU A CA  1 
ATOM   544  C C   . LEU A 1 78  ? -2.709  -1.892  7.837   1.00 32.87 ? 78  LEU A C   1 
ATOM   545  O O   . LEU A 1 78  ? -3.691  -1.259  8.234   1.00 31.85 ? 78  LEU A O   1 
ATOM   546  C CB  . LEU A 1 78  ? -0.516  -1.492  8.865   1.00 32.10 ? 78  LEU A CB  1 
ATOM   547  C CG  . LEU A 1 78  ? 0.959   -1.122  8.931   1.00 33.00 ? 78  LEU A CG  1 
ATOM   548  C CD1 . LEU A 1 78  ? 1.496   -1.460  10.313  1.00 33.08 ? 78  LEU A CD1 1 
ATOM   549  C CD2 . LEU A 1 78  ? 1.720   -1.889  7.883   1.00 32.69 ? 78  LEU A CD2 1 
ATOM   550  N N   . LEU A 1 79  ? -2.738  -3.194  7.571   1.00 34.83 ? 79  LEU A N   1 
ATOM   551  C CA  . LEU A 1 79  ? -3.932  -4.009  7.780   1.00 35.99 ? 79  LEU A CA  1 
ATOM   552  C C   . LEU A 1 79  ? -3.747  -4.644  9.162   1.00 37.96 ? 79  LEU A C   1 
ATOM   553  O O   . LEU A 1 79  ? -3.649  -5.863  9.304   1.00 37.79 ? 79  LEU A O   1 
ATOM   554  C CB  . LEU A 1 79  ? -4.033  -5.104  6.719   1.00 34.00 ? 79  LEU A CB  1 
ATOM   555  C CG  . LEU A 1 79  ? -4.342  -4.732  5.273   1.00 32.08 ? 79  LEU A CG  1 
ATOM   556  C CD1 . LEU A 1 79  ? -4.340  -6.006  4.428   1.00 30.41 ? 79  LEU A CD1 1 
ATOM   557  C CD2 . LEU A 1 79  ? -5.698  -4.031  5.193   1.00 30.91 ? 79  LEU A CD2 1 
ATOM   558  N N   . ASP A 1 80  ? -3.681  -3.795  10.181  1.00 41.11 ? 80  ASP A N   1 
ATOM   559  C CA  . ASP A 1 80  ? -3.470  -4.243  11.550  1.00 44.66 ? 80  ASP A CA  1 
ATOM   560  C C   . ASP A 1 80  ? -4.762  -4.288  12.350  1.00 47.07 ? 80  ASP A C   1 
ATOM   561  O O   . ASP A 1 80  ? -4.739  -4.229  13.577  1.00 47.19 ? 80  ASP A O   1 
ATOM   562  C CB  . ASP A 1 80  ? -2.487  -3.306  12.230  1.00 43.59 ? 80  ASP A CB  1 
ATOM   563  C CG  . ASP A 1 80  ? -2.958  -1.879  12.200  1.00 44.82 ? 80  ASP A CG  1 
ATOM   564  O OD1 . ASP A 1 80  ? -4.136  -1.665  11.838  1.00 45.29 ? 80  ASP A OD1 1 
ATOM   565  O OD2 . ASP A 1 80  ? -2.165  -0.973  12.532  1.00 46.15 ? 80  ASP A OD2 1 
ATOM   566  N N   . VAL A 1 81  ? -5.885  -4.384  11.648  1.00 50.45 ? 81  VAL A N   1 
ATOM   567  C CA  . VAL A 1 81  ? -7.188  -4.447  12.297  1.00 53.23 ? 81  VAL A CA  1 
ATOM   568  C C   . VAL A 1 81  ? -7.851  -5.760  11.900  1.00 54.74 ? 81  VAL A C   1 
ATOM   569  O O   . VAL A 1 81  ? -8.515  -5.846  10.862  1.00 55.92 ? 81  VAL A O   1 
ATOM   570  C CB  . VAL A 1 81  ? -8.092  -3.272  11.864  1.00 54.31 ? 81  VAL A CB  1 
ATOM   571  C CG1 . VAL A 1 81  ? -9.390  -3.302  12.654  1.00 54.75 ? 81  VAL A CG1 1 
ATOM   572  C CG2 . VAL A 1 81  ? -7.364  -1.947  12.078  1.00 54.79 ? 81  VAL A CG2 1 
ATOM   573  N N   . ALA A 1 82  ? -7.654  -6.779  12.734  1.00 55.48 ? 82  ALA A N   1 
ATOM   574  C CA  . ALA A 1 82  ? -8.202  -8.109  12.489  1.00 55.16 ? 82  ALA A CA  1 
ATOM   575  C C   . ALA A 1 82  ? -9.664  -8.069  12.091  1.00 55.62 ? 82  ALA A C   1 
ATOM   576  O O   . ALA A 1 82  ? -10.491 -7.465  12.779  1.00 56.37 ? 82  ALA A O   1 
ATOM   577  C CB  . ALA A 1 82  ? -8.028  -8.976  13.722  1.00 54.81 ? 82  ALA A CB  1 
ATOM   578  N N   . GLY A 1 83  ? -9.971  -8.716  10.972  1.00 55.87 ? 83  GLY A N   1 
ATOM   579  C CA  . GLY A 1 83  ? -11.337 -8.767  10.490  1.00 56.01 ? 83  GLY A CA  1 
ATOM   580  C C   . GLY A 1 83  ? -11.771 -7.593  9.630   1.00 56.57 ? 83  GLY A C   1 
ATOM   581  O O   . GLY A 1 83  ? -12.726 -7.716  8.859   1.00 56.46 ? 83  GLY A O   1 
ATOM   582  N N   . GLU A 1 84  ? -11.085 -6.457  9.753   1.00 56.16 ? 84  GLU A N   1 
ATOM   583  C CA  . GLU A 1 84  ? -11.439 -5.271  8.972   1.00 55.69 ? 84  GLU A CA  1 
ATOM   584  C C   . GLU A 1 84  ? -11.076 -5.409  7.494   1.00 53.69 ? 84  GLU A C   1 
ATOM   585  O O   . GLU A 1 84  ? -9.917  -5.647  7.151   1.00 54.48 ? 84  GLU A O   1 
ATOM   586  C CB  . GLU A 1 84  ? -10.753 -4.031  9.544   1.00 56.92 ? 84  GLU A CB  1 
ATOM   587  C CG  . GLU A 1 84  ? -11.177 -2.744  8.865   1.00 59.93 ? 84  GLU A CG  1 
ATOM   588  C CD  . GLU A 1 84  ? -10.536 -1.515  9.481   1.00 61.47 ? 84  GLU A CD  1 
ATOM   589  O OE1 . GLU A 1 84  ? -9.304  -1.357  9.356   1.00 61.61 ? 84  GLU A OE1 1 
ATOM   590  O OE2 . GLU A 1 84  ? -11.269 -0.710  10.092  1.00 63.83 ? 84  GLU A OE2 1 
ATOM   591  N N   . PRO A 1 85  ? -12.068 -5.262  6.602   1.00 51.36 ? 85  PRO A N   1 
ATOM   592  C CA  . PRO A 1 85  ? -11.866 -5.367  5.152   1.00 49.87 ? 85  PRO A CA  1 
ATOM   593  C C   . PRO A 1 85  ? -10.882 -4.301  4.674   1.00 48.28 ? 85  PRO A C   1 
ATOM   594  O O   . PRO A 1 85  ? -10.946 -3.153  5.122   1.00 48.91 ? 85  PRO A O   1 
ATOM   595  C CB  . PRO A 1 85  ? -13.269 -5.140  4.590   1.00 49.05 ? 85  PRO A CB  1 
ATOM   596  C CG  . PRO A 1 85  ? -14.154 -5.622  5.686   1.00 48.71 ? 85  PRO A CG  1 
ATOM   597  C CD  . PRO A 1 85  ? -13.490 -5.040  6.906   1.00 49.98 ? 85  PRO A CD  1 
ATOM   598  N N   . PRO A 1 86  ? -9.966  -4.662  3.758   1.00 46.33 ? 86  PRO A N   1 
ATOM   599  C CA  . PRO A 1 86  ? -8.980  -3.705  3.244   1.00 46.00 ? 86  PRO A CA  1 
ATOM   600  C C   . PRO A 1 86  ? -9.679  -2.436  2.778   1.00 45.44 ? 86  PRO A C   1 
ATOM   601  O O   . PRO A 1 86  ? -9.228  -1.321  3.033   1.00 44.48 ? 86  PRO A O   1 
ATOM   602  C CB  . PRO A 1 86  ? -8.333  -4.466  2.087   1.00 44.97 ? 86  PRO A CB  1 
ATOM   603  C CG  . PRO A 1 86  ? -8.442  -5.880  2.516   1.00 44.21 ? 86  PRO A CG  1 
ATOM   604  C CD  . PRO A 1 86  ? -9.845  -5.950  3.060   1.00 45.42 ? 86  PRO A CD  1 
ATOM   605  N N   . HIS A 1 87  ? -10.800 -2.635  2.098   1.00 46.29 ? 87  HIS A N   1 
ATOM   606  C CA  . HIS A 1 87  ? -11.609 -1.550  1.579   1.00 47.10 ? 87  HIS A CA  1 
ATOM   607  C C   . HIS A 1 87  ? -11.944 -0.540  2.686   1.00 45.55 ? 87  HIS A C   1 
ATOM   608  O O   . HIS A 1 87  ? -11.778 0.668   2.504   1.00 45.18 ? 87  HIS A O   1 
ATOM   609  C CB  . HIS A 1 87  ? -12.874 -2.154  0.941   1.00 50.94 ? 87  HIS A CB  1 
ATOM   610  C CG  . HIS A 1 87  ? -13.920 -1.149  0.582   1.00 55.91 ? 87  HIS A CG  1 
ATOM   611  N ND1 . HIS A 1 87  ? -13.618 0.157   0.248   1.00 58.03 ? 87  HIS A ND1 1 
ATOM   612  C CD2 . HIS A 1 87  ? -15.266 -1.261  0.491   1.00 56.25 ? 87  HIS A CD2 1 
ATOM   613  C CE1 . HIS A 1 87  ? -14.735 0.805   -0.030  1.00 59.41 ? 87  HIS A CE1 1 
ATOM   614  N NE2 . HIS A 1 87  ? -15.749 -0.033  0.109   1.00 59.14 ? 87  HIS A NE2 1 
ATOM   615  N N   . LEU A 1 88  ? -12.389 -1.043  3.835   1.00 44.43 ? 88  LEU A N   1 
ATOM   616  C CA  . LEU A 1 88  ? -12.736 -0.201  4.978   1.00 43.48 ? 88  LEU A CA  1 
ATOM   617  C C   . LEU A 1 88  ? -11.483 0.520   5.481   1.00 42.05 ? 88  LEU A C   1 
ATOM   618  O O   . LEU A 1 88  ? -11.488 1.738   5.682   1.00 40.64 ? 88  LEU A O   1 
ATOM   619  C CB  . LEU A 1 88  ? -13.322 -1.067  6.103   1.00 45.68 ? 88  LEU A CB  1 
ATOM   620  C CG  . LEU A 1 88  ? -14.156 -0.435  7.228   1.00 46.99 ? 88  LEU A CG  1 
ATOM   621  C CD1 . LEU A 1 88  ? -14.500 -1.511  8.237   1.00 46.98 ? 88  LEU A CD1 1 
ATOM   622  C CD2 . LEU A 1 88  ? -13.401 0.684   7.921   1.00 49.66 ? 88  LEU A CD2 1 
ATOM   623  N N   . THR A 1 89  ? -10.415 -0.245  5.695   1.00 41.55 ? 89  THR A N   1 
ATOM   624  C CA  . THR A 1 89  ? -9.147  0.312   6.164   1.00 41.00 ? 89  THR A CA  1 
ATOM   625  C C   . THR A 1 89  ? -8.685  1.458   5.258   1.00 40.30 ? 89  THR A C   1 
ATOM   626  O O   . THR A 1 89  ? -8.223  2.492   5.735   1.00 40.40 ? 89  THR A O   1 
ATOM   627  C CB  . THR A 1 89  ? -8.031  -0.758  6.183   1.00 40.27 ? 89  THR A CB  1 
ATOM   628  O OG1 . THR A 1 89  ? -8.422  -1.850  7.023   1.00 41.45 ? 89  THR A OG1 1 
ATOM   629  C CG2 . THR A 1 89  ? -6.729  -0.158  6.705   1.00 39.38 ? 89  THR A CG2 1 
ATOM   630  N N   . ALA A 1 90  ? -8.818  1.258   3.951   1.00 39.48 ? 90  ALA A N   1 
ATOM   631  C CA  . ALA A 1 90  ? -8.423  2.252   2.965   1.00 38.82 ? 90  ALA A CA  1 
ATOM   632  C C   . ALA A 1 90  ? -9.245  3.536   3.067   1.00 38.58 ? 90  ALA A C   1 
ATOM   633  O O   . ALA A 1 90  ? -8.705  4.636   2.945   1.00 39.43 ? 90  ALA A O   1 
ATOM   634  C CB  . ALA A 1 90  ? -8.549  1.661   1.565   1.00 39.29 ? 90  ALA A CB  1 
ATOM   635  N N   . ALA A 1 91  ? -10.550 3.396   3.286   1.00 38.60 ? 91  ALA A N   1 
ATOM   636  C CA  . ALA A 1 91  ? -11.443 4.554   3.397   1.00 37.48 ? 91  ALA A CA  1 
ATOM   637  C C   . ALA A 1 91  ? -11.177 5.306   4.689   1.00 36.27 ? 91  ALA A C   1 
ATOM   638  O O   . ALA A 1 91  ? -11.235 6.533   4.747   1.00 34.14 ? 91  ALA A O   1 
ATOM   639  C CB  . ALA A 1 91  ? -12.895 4.100   3.350   1.00 37.21 ? 91  ALA A CB  1 
ATOM   640  N N   . ARG A 1 92  ? -10.879 4.548   5.730   1.00 36.52 ? 92  ARG A N   1 
ATOM   641  C CA  . ARG A 1 92  ? -10.596 5.125   7.025   1.00 37.74 ? 92  ARG A CA  1 
ATOM   642  C C   . ARG A 1 92  ? -9.320  5.961   6.927   1.00 36.67 ? 92  ARG A C   1 
ATOM   643  O O   . ARG A 1 92  ? -9.236  7.062   7.460   1.00 35.54 ? 92  ARG A O   1 
ATOM   644  C CB  . ARG A 1 92  ? -10.430 3.994   8.038   1.00 40.51 ? 92  ARG A CB  1 
ATOM   645  C CG  . ARG A 1 92  ? -10.630 4.398   9.476   1.00 47.37 ? 92  ARG A CG  1 
ATOM   646  C CD  . ARG A 1 92  ? -9.310  4.588   10.206  1.00 52.44 ? 92  ARG A CD  1 
ATOM   647  N NE  . ARG A 1 92  ? -8.418  3.427   10.113  1.00 57.02 ? 92  ARG A NE  1 
ATOM   648  C CZ  . ARG A 1 92  ? -8.780  2.165   10.339  1.00 57.83 ? 92  ARG A CZ  1 
ATOM   649  N NH1 . ARG A 1 92  ? -10.031 1.873   10.670  1.00 58.05 ? 92  ARG A NH1 1 
ATOM   650  N NH2 . ARG A 1 92  ? -7.879  1.192   10.244  1.00 58.84 ? 92  ARG A NH2 1 
ATOM   651  N N   . GLU A 1 93  ? -8.337  5.432   6.208   1.00 37.51 ? 93  GLU A N   1 
ATOM   652  C CA  . GLU A 1 93  ? -7.052  6.093   6.046   1.00 37.45 ? 93  GLU A CA  1 
ATOM   653  C C   . GLU A 1 93  ? -7.143  7.330   5.164   1.00 36.34 ? 93  GLU A C   1 
ATOM   654  O O   . GLU A 1 93  ? -6.446  8.315   5.395   1.00 36.99 ? 93  GLU A O   1 
ATOM   655  C CB  . GLU A 1 93  ? -6.041  5.100   5.465   1.00 39.47 ? 93  GLU A CB  1 
ATOM   656  C CG  . GLU A 1 93  ? -4.604  5.355   5.881   1.00 44.59 ? 93  GLU A CG  1 
ATOM   657  C CD  . GLU A 1 93  ? -4.402  5.268   7.387   1.00 46.56 ? 93  GLU A CD  1 
ATOM   658  O OE1 . GLU A 1 93  ? -4.818  4.257   8.003   1.00 46.15 ? 93  GLU A OE1 1 
ATOM   659  O OE2 . GLU A 1 93  ? -3.815  6.216   7.948   1.00 49.20 ? 93  GLU A OE2 1 
ATOM   660  N N   . LEU A 1 94  ? -7.997  7.276   4.149   1.00 35.59 ? 94  LEU A N   1 
ATOM   661  C CA  . LEU A 1 94  ? -8.172  8.409   3.255   1.00 34.45 ? 94  LEU A CA  1 
ATOM   662  C C   . LEU A 1 94  ? -8.764  9.546   4.072   1.00 35.87 ? 94  LEU A C   1 
ATOM   663  O O   . LEU A 1 94  ? -8.414  10.708  3.886   1.00 35.43 ? 94  LEU A O   1 
ATOM   664  C CB  . LEU A 1 94  ? -9.123  8.038   2.117   1.00 33.29 ? 94  LEU A CB  1 
ATOM   665  C CG  . LEU A 1 94  ? -9.498  9.135   1.116   1.00 31.69 ? 94  LEU A CG  1 
ATOM   666  C CD1 . LEU A 1 94  ? -8.290  9.527   0.279   1.00 31.15 ? 94  LEU A CD1 1 
ATOM   667  C CD2 . LEU A 1 94  ? -10.613 8.630   0.222   1.00 30.84 ? 94  LEU A CD2 1 
ATOM   668  N N   . ARG A 1 95  ? -9.662  9.190   4.989   1.00 37.72 ? 95  ARG A N   1 
ATOM   669  C CA  . ARG A 1 95  ? -10.325 10.158  5.862   1.00 39.39 ? 95  ARG A CA  1 
ATOM   670  C C   . ARG A 1 95  ? -9.314  10.785  6.804   1.00 40.11 ? 95  ARG A C   1 
ATOM   671  O O   . ARG A 1 95  ? -9.107  11.993  6.790   1.00 41.30 ? 95  ARG A O   1 
ATOM   672  C CB  . ARG A 1 95  ? -11.405 9.468   6.701   1.00 40.79 ? 95  ARG A CB  1 
ATOM   673  C CG  . ARG A 1 95  ? -12.435 10.398  7.341   1.00 41.10 ? 95  ARG A CG  1 
ATOM   674  C CD  . ARG A 1 95  ? -13.144 9.717   8.520   1.00 45.64 ? 95  ARG A CD  1 
ATOM   675  N NE  . ARG A 1 95  ? -13.406 8.286   8.309   1.00 49.76 ? 95  ARG A NE  1 
ATOM   676  C CZ  . ARG A 1 95  ? -14.275 7.781   7.429   1.00 51.71 ? 95  ARG A CZ  1 
ATOM   677  N NH1 . ARG A 1 95  ? -15.000 8.587   6.653   1.00 52.54 ? 95  ARG A NH1 1 
ATOM   678  N NH2 . ARG A 1 95  ? -14.408 6.459   7.318   1.00 50.98 ? 95  ARG A NH2 1 
ATOM   679  N N   . GLU A 1 96  ? -8.686  9.947   7.621   1.00 41.01 ? 96  GLU A N   1 
ATOM   680  C CA  . GLU A 1 96  ? -7.701  10.399  8.596   1.00 42.58 ? 96  GLU A CA  1 
ATOM   681  C C   . GLU A 1 96  ? -6.524  11.164  8.015   1.00 42.65 ? 96  GLU A C   1 
ATOM   682  O O   . GLU A 1 96  ? -6.099  12.177  8.569   1.00 43.74 ? 96  GLU A O   1 
ATOM   683  C CB  . GLU A 1 96  ? -7.131  9.210   9.371   1.00 45.24 ? 96  GLU A CB  1 
ATOM   684  C CG  . GLU A 1 96  ? -8.152  8.277   9.976   1.00 48.63 ? 96  GLU A CG  1 
ATOM   685  C CD  . GLU A 1 96  ? -7.502  7.209   10.843  1.00 50.80 ? 96  GLU A CD  1 
ATOM   686  O OE1 . GLU A 1 96  ? -6.516  6.576   10.392  1.00 51.99 ? 96  GLU A OE1 1 
ATOM   687  O OE2 . GLU A 1 96  ? -7.986  7.001   11.973  1.00 52.58 ? 96  GLU A OE2 1 
ATOM   688  N N   . GLU A 1 97  ? -5.990  10.671  6.905   1.00 42.53 ? 97  GLU A N   1 
ATOM   689  C CA  . GLU A 1 97  ? -4.825  11.287  6.298   1.00 42.23 ? 97  GLU A CA  1 
ATOM   690  C C   . GLU A 1 97  ? -5.046  12.576  5.521   1.00 40.74 ? 97  GLU A C   1 
ATOM   691  O O   . GLU A 1 97  ? -4.310  13.542  5.704   1.00 40.50 ? 97  GLU A O   1 
ATOM   692  C CB  . GLU A 1 97  ? -4.136  10.275  5.396   1.00 46.66 ? 97  GLU A CB  1 
ATOM   693  C CG  . GLU A 1 97  ? -2.639  10.471  5.316   1.00 53.76 ? 97  GLU A CG  1 
ATOM   694  C CD  . GLU A 1 97  ? -1.984  10.447  6.688   1.00 57.04 ? 97  GLU A CD  1 
ATOM   695  O OE1 . GLU A 1 97  ? -2.430  9.636   7.538   1.00 57.89 ? 97  GLU A OE1 1 
ATOM   696  O OE2 . GLU A 1 97  ? -1.023  11.226  6.908   1.00 57.98 ? 97  GLU A OE2 1 
ATOM   697  N N   . VAL A 1 98  ? -6.046  12.601  4.649   1.00 39.22 ? 98  VAL A N   1 
ATOM   698  C CA  . VAL A 1 98  ? -6.283  13.799  3.856   1.00 36.66 ? 98  VAL A CA  1 
ATOM   699  C C   . VAL A 1 98  ? -7.696  14.378  3.930   1.00 36.26 ? 98  VAL A C   1 
ATOM   700  O O   . VAL A 1 98  ? -8.051  15.252  3.144   1.00 36.62 ? 98  VAL A O   1 
ATOM   701  C CB  . VAL A 1 98  ? -5.887  13.556  2.368   1.00 35.82 ? 98  VAL A CB  1 
ATOM   702  C CG1 . VAL A 1 98  ? -4.365  13.516  2.231   1.00 34.34 ? 98  VAL A CG1 1 
ATOM   703  C CG2 . VAL A 1 98  ? -6.464  12.245  1.881   1.00 35.88 ? 98  VAL A CG2 1 
ATOM   704  N N   . GLY A 1 99  ? -8.493  13.909  4.884   1.00 36.13 ? 99  GLY A N   1 
ATOM   705  C CA  . GLY A 1 99  ? -9.847  14.421  5.043   1.00 34.81 ? 99  GLY A CA  1 
ATOM   706  C C   . GLY A 1 99  ? -10.756 14.261  3.835   1.00 34.63 ? 99  GLY A C   1 
ATOM   707  O O   . GLY A 1 99  ? -11.456 15.191  3.444   1.00 33.81 ? 99  GLY A O   1 
ATOM   708  N N   . LEU A 1 100 ? -10.759 13.077  3.239   1.00 34.93 ? 100 LEU A N   1 
ATOM   709  C CA  . LEU A 1 100 ? -11.599 12.839  2.077   1.00 34.66 ? 100 LEU A CA  1 
ATOM   710  C C   . LEU A 1 100 ? -12.421 11.580  2.200   1.00 35.09 ? 100 LEU A C   1 
ATOM   711  O O   . LEU A 1 100 ? -12.033 10.622  2.866   1.00 35.11 ? 100 LEU A O   1 
ATOM   712  C CB  . LEU A 1 100 ? -10.756 12.732  0.803   1.00 34.09 ? 100 LEU A CB  1 
ATOM   713  C CG  . LEU A 1 100 ? -10.003 13.986  0.363   1.00 35.63 ? 100 LEU A CG  1 
ATOM   714  C CD1 . LEU A 1 100 ? -9.163  13.698  -0.889  1.00 34.41 ? 100 LEU A CD1 1 
ATOM   715  C CD2 . LEU A 1 100 ? -11.014 15.088  0.099   1.00 35.57 ? 100 LEU A CD2 1 
ATOM   716  N N   . GLN A 1 101 ? -13.574 11.606  1.552   1.00 35.90 ? 101 GLN A N   1 
ATOM   717  C CA  . GLN A 1 101 ? -14.453 10.462  1.504   1.00 37.59 ? 101 GLN A CA  1 
ATOM   718  C C   . GLN A 1 101 ? -14.710 10.343  0.004   1.00 38.14 ? 101 GLN A C   1 
ATOM   719  O O   . GLN A 1 101 ? -14.783 11.359  -0.692  1.00 38.10 ? 101 GLN A O   1 
ATOM   720  C CB  . GLN A 1 101 ? -15.745 10.730  2.282   1.00 40.76 ? 101 GLN A CB  1 
ATOM   721  C CG  . GLN A 1 101 ? -16.067 9.628   3.294   1.00 46.96 ? 101 GLN A CG  1 
ATOM   722  C CD  . GLN A 1 101 ? -17.335 9.887   4.091   1.00 50.17 ? 101 GLN A CD  1 
ATOM   723  O OE1 . GLN A 1 101 ? -18.430 9.965   3.525   1.00 51.15 ? 101 GLN A OE1 1 
ATOM   724  N NE2 . GLN A 1 101 ? -17.193 10.019  5.417   1.00 50.59 ? 101 GLN A NE2 1 
ATOM   725  N N   . ALA A 1 102 ? -14.806 9.119   -0.504  1.00 37.91 ? 102 ALA A N   1 
ATOM   726  C CA  . ALA A 1 102 ? -15.037 8.916   -1.927  1.00 38.51 ? 102 ALA A CA  1 
ATOM   727  C C   . ALA A 1 102 ? -16.259 8.050   -2.163  1.00 40.30 ? 102 ALA A C   1 
ATOM   728  O O   . ALA A 1 102 ? -16.464 7.045   -1.471  1.00 40.97 ? 102 ALA A O   1 
ATOM   729  C CB  . ALA A 1 102 ? -13.811 8.275   -2.569  1.00 37.05 ? 102 ALA A CB  1 
ATOM   730  N N   . SER A 1 103 ? -17.070 8.444   -3.141  1.00 41.64 ? 103 SER A N   1 
ATOM   731  C CA  . SER A 1 103 ? -18.279 7.698   -3.493  1.00 41.70 ? 103 SER A CA  1 
ATOM   732  C C   . SER A 1 103 ? -17.933 6.409   -4.243  1.00 41.67 ? 103 SER A C   1 
ATOM   733  O O   . SER A 1 103 ? -18.606 5.394   -4.081  1.00 41.65 ? 103 SER A O   1 
ATOM   734  C CB  . SER A 1 103 ? -19.197 8.554   -4.372  1.00 42.50 ? 103 SER A CB  1 
ATOM   735  O OG  . SER A 1 103 ? -19.625 9.721   -3.693  1.00 45.20 ? 103 SER A OG  1 
ATOM   736  N N   . THR A 1 104 ? -16.875 6.454   -5.051  1.00 41.23 ? 104 THR A N   1 
ATOM   737  C CA  . THR A 1 104 ? -16.456 5.298   -5.835  1.00 40.74 ? 104 THR A CA  1 
ATOM   738  C C   . THR A 1 104 ? -15.078 4.731   -5.466  1.00 40.14 ? 104 THR A C   1 
ATOM   739  O O   . THR A 1 104 ? -14.112 5.470   -5.262  1.00 40.51 ? 104 THR A O   1 
ATOM   740  C CB  . THR A 1 104 ? -16.459 5.639   -7.333  1.00 41.30 ? 104 THR A CB  1 
ATOM   741  O OG1 . THR A 1 104 ? -17.728 6.202   -7.683  1.00 43.37 ? 104 THR A OG1 1 
ATOM   742  C CG2 . THR A 1 104 ? -16.214 4.390   -8.166  1.00 40.36 ? 104 THR A CG2 1 
ATOM   743  N N   . TRP A 1 105 ? -15.005 3.407   -5.393  1.00 39.40 ? 105 TRP A N   1 
ATOM   744  C CA  . TRP A 1 105 ? -13.774 2.713   -5.060  1.00 38.40 ? 105 TRP A CA  1 
ATOM   745  C C   . TRP A 1 105 ? -13.511 1.560   -6.026  1.00 38.36 ? 105 TRP A C   1 
ATOM   746  O O   . TRP A 1 105 ? -14.387 0.716   -6.250  1.00 38.72 ? 105 TRP A O   1 
ATOM   747  C CB  . TRP A 1 105 ? -13.852 2.168   -3.636  1.00 39.45 ? 105 TRP A CB  1 
ATOM   748  C CG  . TRP A 1 105 ? -13.776 3.220   -2.591  1.00 40.12 ? 105 TRP A CG  1 
ATOM   749  C CD1 . TRP A 1 105 ? -14.778 4.050   -2.182  1.00 39.55 ? 105 TRP A CD1 1 
ATOM   750  C CD2 . TRP A 1 105 ? -12.611 3.600   -1.852  1.00 41.08 ? 105 TRP A CD2 1 
ATOM   751  N NE1 . TRP A 1 105 ? -14.310 4.928   -1.234  1.00 40.10 ? 105 TRP A NE1 1 
ATOM   752  C CE2 . TRP A 1 105 ? -12.980 4.674   -1.013  1.00 40.63 ? 105 TRP A CE2 1 
ATOM   753  C CE3 . TRP A 1 105 ? -11.286 3.138   -1.821  1.00 39.54 ? 105 TRP A CE3 1 
ATOM   754  C CZ2 . TRP A 1 105 ? -12.070 5.299   -0.149  1.00 41.23 ? 105 TRP A CZ2 1 
ATOM   755  C CZ3 . TRP A 1 105 ? -10.381 3.759   -0.962  1.00 40.57 ? 105 TRP A CZ3 1 
ATOM   756  C CH2 . TRP A 1 105 ? -10.779 4.829   -0.138  1.00 40.46 ? 105 TRP A CH2 1 
ATOM   757  N N   . GLN A 1 106 ? -12.307 1.531   -6.595  1.00 36.64 ? 106 GLN A N   1 
ATOM   758  C CA  . GLN A 1 106 ? -11.917 0.474   -7.530  1.00 35.63 ? 106 GLN A CA  1 
ATOM   759  C C   . GLN A 1 106 ? -10.484 0.081   -7.232  1.00 34.71 ? 106 GLN A C   1 
ATOM   760  O O   . GLN A 1 106 ? -9.760  0.843   -6.600  1.00 35.92 ? 106 GLN A O   1 
ATOM   761  C CB  . GLN A 1 106 ? -11.993 0.972   -8.970  1.00 35.00 ? 106 GLN A CB  1 
ATOM   762  C CG  . GLN A 1 106 ? -13.220 1.786   -9.283  1.00 35.95 ? 106 GLN A CG  1 
ATOM   763  C CD  . GLN A 1 106 ? -13.237 2.227   -10.719 1.00 36.15 ? 106 GLN A CD  1 
ATOM   764  O OE1 . GLN A 1 106 ? -13.428 1.414   -11.621 1.00 38.54 ? 106 GLN A OE1 1 
ATOM   765  N NE2 . GLN A 1 106 ? -13.019 3.516   -10.947 1.00 37.54 ? 106 GLN A NE2 1 
ATOM   766  N N   . VAL A 1 107 ? -10.073 -1.099  -7.687  1.00 33.92 ? 107 VAL A N   1 
ATOM   767  C CA  . VAL A 1 107 ? -8.705  -1.557  -7.458  1.00 33.01 ? 107 VAL A CA  1 
ATOM   768  C C   . VAL A 1 107 ? -7.806  -1.075  -8.586  1.00 34.53 ? 107 VAL A C   1 
ATOM   769  O O   . VAL A 1 107 ? -7.999  -1.427  -9.749  1.00 35.71 ? 107 VAL A O   1 
ATOM   770  C CB  . VAL A 1 107 ? -8.626  -3.095  -7.348  1.00 31.55 ? 107 VAL A CB  1 
ATOM   771  C CG1 . VAL A 1 107 ? -7.170  -3.554  -7.412  1.00 30.81 ? 107 VAL A CG1 1 
ATOM   772  C CG2 . VAL A 1 107 ? -9.256  -3.543  -6.033  1.00 30.12 ? 107 VAL A CG2 1 
ATOM   773  N N   . LEU A 1 108 ? -6.822  -0.257  -8.227  1.00 34.75 ? 108 LEU A N   1 
ATOM   774  C CA  . LEU A 1 108 ? -5.891  0.300   -9.194  1.00 33.72 ? 108 LEU A CA  1 
ATOM   775  C C   . LEU A 1 108 ? -4.759  -0.682  -9.451  1.00 33.16 ? 108 LEU A C   1 
ATOM   776  O O   . LEU A 1 108 ? -4.600  -1.161  -10.570 1.00 33.53 ? 108 LEU A O   1 
ATOM   777  C CB  . LEU A 1 108 ? -5.342  1.629   -8.670  1.00 34.23 ? 108 LEU A CB  1 
ATOM   778  C CG  . LEU A 1 108 ? -4.445  2.503   -9.548  1.00 34.10 ? 108 LEU A CG  1 
ATOM   779  C CD1 . LEU A 1 108 ? -5.166  2.886   -10.845 1.00 33.83 ? 108 LEU A CD1 1 
ATOM   780  C CD2 . LEU A 1 108 ? -4.072  3.747   -8.760  1.00 32.33 ? 108 LEU A CD2 1 
ATOM   781  N N   . VAL A 1 109 ? -3.982  -0.998  -8.416  1.00 33.15 ? 109 VAL A N   1 
ATOM   782  C CA  . VAL A 1 109 ? -2.863  -1.934  -8.566  1.00 32.30 ? 109 VAL A CA  1 
ATOM   783  C C   . VAL A 1 109 ? -2.376  -2.517  -7.235  1.00 31.93 ? 109 VAL A C   1 
ATOM   784  O O   . VAL A 1 109 ? -2.389  -1.846  -6.198  1.00 31.64 ? 109 VAL A O   1 
ATOM   785  C CB  . VAL A 1 109 ? -1.648  -1.243  -9.304  1.00 33.50 ? 109 VAL A CB  1 
ATOM   786  C CG1 . VAL A 1 109 ? -1.141  -0.046  -8.492  1.00 33.15 ? 109 VAL A CG1 1 
ATOM   787  C CG2 . VAL A 1 109 ? -0.518  -2.246  -9.548  1.00 30.94 ? 109 VAL A CG2 1 
ATOM   788  N N   . ASP A 1 110 ? -1.977  -3.784  -7.274  1.00 31.14 ? 110 ASP A N   1 
ATOM   789  C CA  . ASP A 1 110 ? -1.435  -4.462  -6.104  1.00 31.46 ? 110 ASP A CA  1 
ATOM   790  C C   . ASP A 1 110 ? 0.060   -4.554  -6.366  1.00 30.89 ? 110 ASP A C   1 
ATOM   791  O O   . ASP A 1 110 ? 0.480   -4.692  -7.515  1.00 32.52 ? 110 ASP A O   1 
ATOM   792  C CB  . ASP A 1 110 ? -1.982  -5.889  -5.961  1.00 32.17 ? 110 ASP A CB  1 
ATOM   793  C CG  . ASP A 1 110 ? -3.479  -5.927  -5.738  1.00 34.24 ? 110 ASP A CG  1 
ATOM   794  O OD1 . ASP A 1 110 ? -4.016  -4.966  -5.156  1.00 34.41 ? 110 ASP A OD1 1 
ATOM   795  O OD2 . ASP A 1 110 ? -4.116  -6.930  -6.130  1.00 35.64 ? 110 ASP A OD2 1 
ATOM   796  N N   . LEU A 1 111 ? 0.870   -4.473  -5.319  1.00 28.84 ? 111 LEU A N   1 
ATOM   797  C CA  . LEU A 1 111 ? 2.307   -4.583  -5.507  1.00 25.24 ? 111 LEU A CA  1 
ATOM   798  C C   . LEU A 1 111 ? 2.921   -5.356  -4.366  1.00 24.51 ? 111 LEU A C   1 
ATOM   799  O O   . LEU A 1 111 ? 2.495   -5.246  -3.224  1.00 23.34 ? 111 LEU A O   1 
ATOM   800  C CB  . LEU A 1 111 ? 2.978   -3.196  -5.611  1.00 23.91 ? 111 LEU A CB  1 
ATOM   801  C CG  . LEU A 1 111 ? 2.934   -2.180  -4.451  1.00 24.70 ? 111 LEU A CG  1 
ATOM   802  C CD1 . LEU A 1 111 ? 4.115   -1.229  -4.543  1.00 23.44 ? 111 LEU A CD1 1 
ATOM   803  C CD2 . LEU A 1 111 ? 1.623   -1.400  -4.475  1.00 24.28 ? 111 LEU A CD2 1 
ATOM   804  N N   . ASP A 1 112 ? 3.906   -6.174  -4.698  1.00 25.24 ? 112 ASP A N   1 
ATOM   805  C CA  . ASP A 1 112 ? 4.633   -6.940  -3.702  1.00 25.48 ? 112 ASP A CA  1 
ATOM   806  C C   . ASP A 1 112 ? 5.909   -6.132  -3.544  1.00 25.34 ? 112 ASP A C   1 
ATOM   807  O O   . ASP A 1 112 ? 6.782   -6.135  -4.419  1.00 23.72 ? 112 ASP A O   1 
ATOM   808  C CB  . ASP A 1 112 ? 4.925   -8.356  -4.213  1.00 25.84 ? 112 ASP A CB  1 
ATOM   809  C CG  . ASP A 1 112 ? 3.652   -9.167  -4.446  1.00 27.22 ? 112 ASP A CG  1 
ATOM   810  O OD1 . ASP A 1 112 ? 2.595   -8.824  -3.848  1.00 24.42 ? 112 ASP A OD1 1 
ATOM   811  O OD2 . ASP A 1 112 ? 3.714   -10.156 -5.216  1.00 27.60 ? 112 ASP A OD2 1 
ATOM   812  N N   . THR A 1 113 ? 5.986   -5.419  -2.427  1.00 25.87 ? 113 THR A N   1 
ATOM   813  C CA  . THR A 1 113 ? 7.101   -4.526  -2.122  1.00 27.60 ? 113 THR A CA  1 
ATOM   814  C C   . THR A 1 113 ? 8.525   -5.070  -2.183  1.00 27.69 ? 113 THR A C   1 
ATOM   815  O O   . THR A 1 113 ? 9.349   -4.571  -2.950  1.00 28.33 ? 113 THR A O   1 
ATOM   816  C CB  . THR A 1 113 ? 6.883   -3.876  -0.752  1.00 28.02 ? 113 THR A CB  1 
ATOM   817  O OG1 . THR A 1 113 ? 6.687   -4.904  0.226   1.00 28.17 ? 113 THR A OG1 1 
ATOM   818  C CG2 . THR A 1 113 ? 5.652   -2.954  -0.785  1.00 26.56 ? 113 THR A CG2 1 
ATOM   819  N N   . ALA A 1 114 ? 8.825   -6.070  -1.366  1.00 28.21 ? 114 ALA A N   1 
ATOM   820  C CA  . ALA A 1 114 ? 10.163  -6.656  -1.348  1.00 28.65 ? 114 ALA A CA  1 
ATOM   821  C C   . ALA A 1 114 ? 10.024  -8.167  -1.467  1.00 29.15 ? 114 ALA A C   1 
ATOM   822  O O   . ALA A 1 114 ? 10.166  -8.880  -0.477  1.00 29.08 ? 114 ALA A O   1 
ATOM   823  C CB  . ALA A 1 114 ? 10.865  -6.296  -0.053  1.00 26.78 ? 114 ALA A CB  1 
ATOM   824  N N   . PRO A 1 115 ? 9.748   -8.676  -2.687  1.00 29.92 ? 115 PRO A N   1 
ATOM   825  C CA  . PRO A 1 115 ? 9.580   -10.116 -2.920  1.00 28.67 ? 115 PRO A CA  1 
ATOM   826  C C   . PRO A 1 115 ? 10.747  -10.952 -2.411  1.00 28.34 ? 115 PRO A C   1 
ATOM   827  O O   . PRO A 1 115 ? 10.595  -12.135 -2.115  1.00 28.83 ? 115 PRO A O   1 
ATOM   828  C CB  . PRO A 1 115 ? 9.412   -10.201 -4.439  1.00 28.94 ? 115 PRO A CB  1 
ATOM   829  C CG  . PRO A 1 115 ? 8.771   -8.880  -4.789  1.00 26.92 ? 115 PRO A CG  1 
ATOM   830  C CD  . PRO A 1 115 ? 9.598   -7.929  -3.952  1.00 27.97 ? 115 PRO A CD  1 
ATOM   831  N N   . GLY A 1 116 ? 11.909  -10.322 -2.295  1.00 27.90 ? 116 GLY A N   1 
ATOM   832  C CA  . GLY A 1 116 ? 13.084  -11.027 -1.829  1.00 27.50 ? 116 GLY A CA  1 
ATOM   833  C C   . GLY A 1 116 ? 13.151  -11.377 -0.350  1.00 28.50 ? 116 GLY A C   1 
ATOM   834  O O   . GLY A 1 116 ? 13.763  -12.384 -0.001  1.00 29.45 ? 116 GLY A O   1 
ATOM   835  N N   . PHE A 1 117 ? 12.539  -10.593 0.533   1.00 27.67 ? 117 PHE A N   1 
ATOM   836  C CA  . PHE A 1 117 ? 12.649  -10.924 1.956   1.00 28.19 ? 117 PHE A CA  1 
ATOM   837  C C   . PHE A 1 117 ? 11.420  -10.734 2.835   1.00 27.69 ? 117 PHE A C   1 
ATOM   838  O O   . PHE A 1 117 ? 11.471  -11.008 4.032   1.00 27.05 ? 117 PHE A O   1 
ATOM   839  C CB  . PHE A 1 117 ? 13.823  -10.153 2.564   1.00 27.41 ? 117 PHE A CB  1 
ATOM   840  C CG  . PHE A 1 117 ? 13.678  -8.666  2.463   1.00 29.65 ? 117 PHE A CG  1 
ATOM   841  C CD1 . PHE A 1 117 ? 14.134  -7.987  1.335   1.00 29.11 ? 117 PHE A CD1 1 
ATOM   842  C CD2 . PHE A 1 117 ? 13.059  -7.942  3.485   1.00 29.70 ? 117 PHE A CD2 1 
ATOM   843  C CE1 . PHE A 1 117 ? 13.977  -6.603  1.220   1.00 27.80 ? 117 PHE A CE1 1 
ATOM   844  C CE2 . PHE A 1 117 ? 12.898  -6.561  3.382   1.00 29.05 ? 117 PHE A CE2 1 
ATOM   845  C CZ  . PHE A 1 117 ? 13.360  -5.889  2.243   1.00 28.76 ? 117 PHE A CZ  1 
ATOM   846  N N   . SER A 1 118 ? 10.320  -10.276 2.257   1.00 27.63 ? 118 SER A N   1 
ATOM   847  C CA  . SER A 1 118 ? 9.106   -10.059 3.038   1.00 29.76 ? 118 SER A CA  1 
ATOM   848  C C   . SER A 1 118 ? 7.871   -10.523 2.287   1.00 29.48 ? 118 SER A C   1 
ATOM   849  O O   . SER A 1 118 ? 7.874   -10.576 1.064   1.00 29.84 ? 118 SER A O   1 
ATOM   850  C CB  . SER A 1 118 ? 8.960   -8.571  3.388   1.00 29.33 ? 118 SER A CB  1 
ATOM   851  O OG  . SER A 1 118 ? 7.657   -8.286  3.869   1.00 27.05 ? 118 SER A OG  1 
ATOM   852  N N   . ASP A 1 119 ? 6.809   -10.848 3.019   1.00 29.92 ? 119 ASP A N   1 
ATOM   853  C CA  . ASP A 1 119 ? 5.577   -11.303 2.385   1.00 29.92 ? 119 ASP A CA  1 
ATOM   854  C C   . ASP A 1 119 ? 4.541   -10.177 2.261   1.00 30.20 ? 119 ASP A C   1 
ATOM   855  O O   . ASP A 1 119 ? 3.381   -10.413 1.894   1.00 29.19 ? 119 ASP A O   1 
ATOM   856  C CB  . ASP A 1 119 ? 4.982   -12.494 3.156   1.00 28.52 ? 119 ASP A CB  1 
ATOM   857  C CG  . ASP A 1 119 ? 4.495   -12.115 4.542   1.00 28.04 ? 119 ASP A CG  1 
ATOM   858  O OD1 . ASP A 1 119 ? 4.544   -10.915 4.891   1.00 27.04 ? 119 ASP A OD1 1 
ATOM   859  O OD2 . ASP A 1 119 ? 4.057   -13.022 5.279   1.00 27.00 ? 119 ASP A OD2 1 
ATOM   860  N N   . GLU A 1 120 ? 4.958   -8.949  2.554   1.00 29.95 ? 120 GLU A N   1 
ATOM   861  C CA  . GLU A 1 120 ? 4.037   -7.828  2.451   1.00 30.24 ? 120 GLU A CA  1 
ATOM   862  C C   . GLU A 1 120 ? 3.597   -7.614  1.009   1.00 29.87 ? 120 GLU A C   1 
ATOM   863  O O   . GLU A 1 120 ? 4.378   -7.759  0.061   1.00 27.16 ? 120 GLU A O   1 
ATOM   864  C CB  . GLU A 1 120 ? 4.660   -6.517  2.969   1.00 31.17 ? 120 GLU A CB  1 
ATOM   865  C CG  . GLU A 1 120 ? 3.765   -5.282  2.725   1.00 31.45 ? 120 GLU A CG  1 
ATOM   866  C CD  . GLU A 1 120 ? 4.443   -3.940  3.006   1.00 34.95 ? 120 GLU A CD  1 
ATOM   867  O OE1 . GLU A 1 120 ? 5.587   -3.723  2.544   1.00 36.14 ? 120 GLU A OE1 1 
ATOM   868  O OE2 . GLU A 1 120 ? 3.823   -3.085  3.678   1.00 36.95 ? 120 GLU A OE2 1 
ATOM   869  N N   . SER A 1 121 ? 2.321   -7.282  0.868   1.00 29.97 ? 121 SER A N   1 
ATOM   870  C CA  . SER A 1 121 ? 1.721   -6.985  -0.418  1.00 29.32 ? 121 SER A CA  1 
ATOM   871  C C   . SER A 1 121 ? 0.852   -5.774  -0.103  1.00 29.84 ? 121 SER A C   1 
ATOM   872  O O   . SER A 1 121 ? 0.279   -5.688  0.989   1.00 30.21 ? 121 SER A O   1 
ATOM   873  C CB  . SER A 1 121 ? 0.862   -8.150  -0.907  1.00 28.05 ? 121 SER A CB  1 
ATOM   874  O OG  . SER A 1 121 ? 0.337   -7.872  -2.191  1.00 26.86 ? 121 SER A OG  1 
ATOM   875  N N   . VAL A 1 122 ? 0.775   -4.832  -1.036  1.00 28.93 ? 122 VAL A N   1 
ATOM   876  C CA  . VAL A 1 122 ? -0.013  -3.631  -0.824  1.00 27.09 ? 122 VAL A CA  1 
ATOM   877  C C   . VAL A 1 122 ? -1.060  -3.462  -1.917  1.00 27.34 ? 122 VAL A C   1 
ATOM   878  O O   . VAL A 1 122 ? -0.760  -3.598  -3.104  1.00 27.86 ? 122 VAL A O   1 
ATOM   879  C CB  . VAL A 1 122 ? 0.899   -2.388  -0.793  1.00 26.38 ? 122 VAL A CB  1 
ATOM   880  C CG1 . VAL A 1 122 ? 0.080   -1.142  -0.548  1.00 26.20 ? 122 VAL A CG1 1 
ATOM   881  C CG2 . VAL A 1 122 ? 1.944   -2.545  0.290   1.00 27.02 ? 122 VAL A CG2 1 
ATOM   882  N N   . ARG A 1 123 ? -2.294  -3.189  -1.512  1.00 26.82 ? 123 ARG A N   1 
ATOM   883  C CA  . ARG A 1 123 ? -3.361  -2.977  -2.470  1.00 26.42 ? 123 ARG A CA  1 
ATOM   884  C C   . ARG A 1 123 ? -3.602  -1.482  -2.606  1.00 27.13 ? 123 ARG A C   1 
ATOM   885  O O   . ARG A 1 123 ? -3.842  -0.792  -1.615  1.00 26.24 ? 123 ARG A O   1 
ATOM   886  C CB  . ARG A 1 123 ? -4.655  -3.677  -2.036  1.00 25.57 ? 123 ARG A CB  1 
ATOM   887  C CG  . ARG A 1 123 ? -5.880  -3.178  -2.816  1.00 27.06 ? 123 ARG A CG  1 
ATOM   888  C CD  . ARG A 1 123 ? -6.945  -4.248  -3.033  1.00 29.62 ? 123 ARG A CD  1 
ATOM   889  N NE  . ARG A 1 123 ? -6.553  -5.214  -4.059  1.00 31.49 ? 123 ARG A NE  1 
ATOM   890  C CZ  . ARG A 1 123 ? -7.363  -6.128  -4.586  1.00 32.33 ? 123 ARG A CZ  1 
ATOM   891  N NH1 . ARG A 1 123 ? -8.628  -6.221  -4.190  1.00 31.60 ? 123 ARG A NH1 1 
ATOM   892  N NH2 . ARG A 1 123 ? -6.909  -6.947  -5.524  1.00 33.93 ? 123 ARG A NH2 1 
ATOM   893  N N   . VAL A 1 124 ? -3.518  -0.984  -3.837  1.00 26.75 ? 124 VAL A N   1 
ATOM   894  C CA  . VAL A 1 124 ? -3.738  0.429   -4.095  1.00 27.40 ? 124 VAL A CA  1 
ATOM   895  C C   . VAL A 1 124 ? -5.100  0.635   -4.753  1.00 27.61 ? 124 VAL A C   1 
ATOM   896  O O   . VAL A 1 124 ? -5.400  0.035   -5.791  1.00 26.51 ? 124 VAL A O   1 
ATOM   897  C CB  . VAL A 1 124 ? -2.643  1.018   -5.022  1.00 28.80 ? 124 VAL A CB  1 
ATOM   898  C CG1 . VAL A 1 124 ? -2.885  2.517   -5.211  1.00 28.19 ? 124 VAL A CG1 1 
ATOM   899  C CG2 . VAL A 1 124 ? -1.254  0.765   -4.435  1.00 26.36 ? 124 VAL A CG2 1 
ATOM   900  N N   . TYR A 1 125 ? -5.920  1.485   -4.140  1.00 26.45 ? 125 TYR A N   1 
ATOM   901  C CA  . TYR A 1 125 ? -7.245  1.772   -4.660  1.00 27.47 ? 125 TYR A CA  1 
ATOM   902  C C   . TYR A 1 125 ? -7.300  3.114   -5.365  1.00 28.92 ? 125 TYR A C   1 
ATOM   903  O O   . TYR A 1 125 ? -6.525  4.020   -5.064  1.00 29.87 ? 125 TYR A O   1 
ATOM   904  C CB  . TYR A 1 125 ? -8.285  1.812   -3.533  1.00 27.02 ? 125 TYR A CB  1 
ATOM   905  C CG  . TYR A 1 125 ? -8.450  0.538   -2.751  1.00 25.86 ? 125 TYR A CG  1 
ATOM   906  C CD1 . TYR A 1 125 ? -9.380  -0.422  -3.153  1.00 28.06 ? 125 TYR A CD1 1 
ATOM   907  C CD2 . TYR A 1 125 ? -7.696  0.292   -1.600  1.00 26.78 ? 125 TYR A CD2 1 
ATOM   908  C CE1 . TYR A 1 125 ? -9.559  -1.598  -2.435  1.00 26.12 ? 125 TYR A CE1 1 
ATOM   909  C CE2 . TYR A 1 125 ? -7.870  -0.885  -0.870  1.00 25.41 ? 125 TYR A CE2 1 
ATOM   910  C CZ  . TYR A 1 125 ? -8.804  -1.823  -1.302  1.00 25.65 ? 125 TYR A CZ  1 
ATOM   911  O OH  . TYR A 1 125 ? -8.977  -3.005  -0.627  1.00 27.60 ? 125 TYR A OH  1 
ATOM   912  N N   . LEU A 1 126 ? -8.229  3.225   -6.308  1.00 30.01 ? 126 LEU A N   1 
ATOM   913  C CA  . LEU A 1 126 ? -8.469  4.467   -7.023  1.00 30.55 ? 126 LEU A CA  1 
ATOM   914  C C   . LEU A 1 126 ? -9.806  4.937   -6.468  1.00 31.94 ? 126 LEU A C   1 
ATOM   915  O O   . LEU A 1 126 ? -10.831 4.280   -6.676  1.00 32.81 ? 126 LEU A O   1 
ATOM   916  C CB  . LEU A 1 126 ? -8.607  4.233   -8.527  1.00 29.46 ? 126 LEU A CB  1 
ATOM   917  C CG  . LEU A 1 126 ? -9.191  5.433   -9.287  1.00 28.13 ? 126 LEU A CG  1 
ATOM   918  C CD1 . LEU A 1 126 ? -8.282  6.647   -9.161  1.00 26.62 ? 126 LEU A CD1 1 
ATOM   919  C CD2 . LEU A 1 126 ? -9.376  5.062   -10.742 1.00 27.15 ? 126 LEU A CD2 1 
ATOM   920  N N   . ALA A 1 127 ? -9.795  6.048   -5.739  1.00 32.43 ? 127 ALA A N   1 
ATOM   921  C CA  . ALA A 1 127 ? -11.019 6.585   -5.161  1.00 31.53 ? 127 ALA A CA  1 
ATOM   922  C C   . ALA A 1 127 ? -11.390 7.882   -5.877  1.00 31.80 ? 127 ALA A C   1 
ATOM   923  O O   . ALA A 1 127 ? -10.556 8.774   -6.029  1.00 32.74 ? 127 ALA A O   1 
ATOM   924  C CB  . ALA A 1 127 ? -10.824 6.829   -3.674  1.00 30.18 ? 127 ALA A CB  1 
ATOM   925  N N   . THR A 1 128 ? -12.644 7.972   -6.319  1.00 33.15 ? 128 THR A N   1 
ATOM   926  C CA  . THR A 1 128 ? -13.161 9.143   -7.036  1.00 32.37 ? 128 THR A CA  1 
ATOM   927  C C   . THR A 1 128 ? -14.503 9.583   -6.457  1.00 32.80 ? 128 THR A C   1 
ATOM   928  O O   . THR A 1 128 ? -15.060 8.897   -5.604  1.00 32.78 ? 128 THR A O   1 
ATOM   929  C CB  . THR A 1 128 ? -13.338 8.823   -8.525  1.00 32.15 ? 128 THR A CB  1 
ATOM   930  O OG1 . THR A 1 128 ? -14.188 7.682   -8.671  1.00 32.34 ? 128 THR A OG1 1 
ATOM   931  C CG2 . THR A 1 128 ? -11.988 8.511   -9.162  1.00 32.69 ? 128 THR A CG2 1 
ATOM   932  N N   . GLY A 1 129 ? -15.031 10.712  -6.933  1.00 33.87 ? 129 GLY A N   1 
ATOM   933  C CA  . GLY A 1 129 ? -16.295 11.217  -6.406  1.00 34.53 ? 129 GLY A CA  1 
ATOM   934  C C   . GLY A 1 129 ? -16.019 11.634  -4.973  1.00 35.62 ? 129 GLY A C   1 
ATOM   935  O O   . GLY A 1 129 ? -16.591 11.101  -4.017  1.00 35.50 ? 129 GLY A O   1 
ATOM   936  N N   . LEU A 1 130 ? -15.137 12.619  -4.840  1.00 36.44 ? 130 LEU A N   1 
ATOM   937  C CA  . LEU A 1 130 ? -14.668 13.103  -3.548  1.00 37.71 ? 130 LEU A CA  1 
ATOM   938  C C   . LEU A 1 130 ? -15.460 14.186  -2.815  1.00 39.40 ? 130 LEU A C   1 
ATOM   939  O O   . LEU A 1 130 ? -16.039 15.088  -3.421  1.00 41.24 ? 130 LEU A O   1 
ATOM   940  C CB  . LEU A 1 130 ? -13.210 13.565  -3.706  1.00 36.54 ? 130 LEU A CB  1 
ATOM   941  C CG  . LEU A 1 130 ? -12.278 12.635  -4.510  1.00 35.02 ? 130 LEU A CG  1 
ATOM   942  C CD1 . LEU A 1 130 ? -10.910 13.278  -4.662  1.00 35.54 ? 130 LEU A CD1 1 
ATOM   943  C CD2 . LEU A 1 130 ? -12.155 11.290  -3.821  1.00 35.42 ? 130 LEU A CD2 1 
ATOM   944  N N   . ARG A 1 131 ? -15.465 14.077  -1.489  1.00 39.74 ? 131 ARG A N   1 
ATOM   945  C CA  . ARG A 1 131 ? -16.117 15.039  -0.609  1.00 41.18 ? 131 ARG A CA  1 
ATOM   946  C C   . ARG A 1 131 ? -15.089 15.319  0.482   1.00 41.88 ? 131 ARG A C   1 
ATOM   947  O O   . ARG A 1 131 ? -14.411 14.404  0.945   1.00 42.10 ? 131 ARG A O   1 
ATOM   948  C CB  . ARG A 1 131 ? -17.380 14.451  0.035   1.00 42.93 ? 131 ARG A CB  1 
ATOM   949  C CG  . ARG A 1 131 ? -18.567 14.211  -0.899  1.00 45.86 ? 131 ARG A CG  1 
ATOM   950  C CD  . ARG A 1 131 ? -19.228 15.509  -1.370  1.00 46.19 ? 131 ARG A CD  1 
ATOM   951  N NE  . ARG A 1 131 ? -19.641 16.371  -0.263  1.00 46.45 ? 131 ARG A NE  1 
ATOM   952  C CZ  . ARG A 1 131 ? -20.313 17.511  -0.411  1.00 46.03 ? 131 ARG A CZ  1 
ATOM   953  N NH1 . ARG A 1 131 ? -20.663 17.940  -1.618  1.00 44.17 ? 131 ARG A NH1 1 
ATOM   954  N NH2 . ARG A 1 131 ? -20.625 18.236  0.650   1.00 45.38 ? 131 ARG A NH2 1 
ATOM   955  N N   . GLU A 1 132 ? -14.961 16.578  0.884   1.00 43.04 ? 132 GLU A N   1 
ATOM   956  C CA  . GLU A 1 132 ? -14.017 16.948  1.928   1.00 42.77 ? 132 GLU A CA  1 
ATOM   957  C C   . GLU A 1 132 ? -14.744 16.907  3.256   1.00 41.97 ? 132 GLU A C   1 
ATOM   958  O O   . GLU A 1 132 ? -15.628 17.719  3.512   1.00 41.65 ? 132 GLU A O   1 
ATOM   959  C CB  . GLU A 1 132 ? -13.467 18.344  1.654   1.00 44.81 ? 132 GLU A CB  1 
ATOM   960  C CG  . GLU A 1 132 ? -12.622 18.399  0.389   1.00 50.75 ? 132 GLU A CG  1 
ATOM   961  C CD  . GLU A 1 132 ? -12.303 19.813  -0.047  1.00 53.72 ? 132 GLU A CD  1 
ATOM   962  O OE1 . GLU A 1 132 ? -12.988 20.750  0.415   1.00 57.05 ? 132 GLU A OE1 1 
ATOM   963  O OE2 . GLU A 1 132 ? -11.373 19.986  -0.862  1.00 55.40 ? 132 GLU A OE2 1 
ATOM   964  N N   . VAL A 1 133 ? -14.372 15.952  4.099   1.00 41.55 ? 133 VAL A N   1 
ATOM   965  C CA  . VAL A 1 133 ? -15.022 15.795  5.385   1.00 41.70 ? 133 VAL A CA  1 
ATOM   966  C C   . VAL A 1 133 ? -14.113 16.085  6.580   1.00 43.94 ? 133 VAL A C   1 
ATOM   967  O O   . VAL A 1 133 ? -12.924 16.375  6.423   1.00 43.61 ? 133 VAL A O   1 
ATOM   968  C CB  . VAL A 1 133 ? -15.607 14.373  5.519   1.00 40.71 ? 133 VAL A CB  1 
ATOM   969  C CG1 . VAL A 1 133 ? -16.529 14.079  4.340   1.00 37.63 ? 133 VAL A CG1 1 
ATOM   970  C CG2 . VAL A 1 133 ? -14.488 13.356  5.579   1.00 40.31 ? 133 VAL A CG2 1 
ATOM   971  N N   . GLY A 1 134 ? -14.697 16.013  7.773   1.00 46.24 ? 134 GLY A N   1 
ATOM   972  C CA  . GLY A 1 134 ? -13.956 16.261  8.996   1.00 48.73 ? 134 GLY A CA  1 
ATOM   973  C C   . GLY A 1 134 ? -14.154 17.654  9.572   1.00 50.87 ? 134 GLY A C   1 
ATOM   974  O O   . GLY A 1 134 ? -15.221 18.251  9.433   1.00 50.28 ? 134 GLY A O   1 
ATOM   975  N N   . ARG A 1 135 ? -13.101 18.154  10.219  1.00 53.40 ? 135 ARG A N   1 
ATOM   976  C CA  . ARG A 1 135 ? -13.044 19.469  10.854  1.00 55.18 ? 135 ARG A CA  1 
ATOM   977  C C   . ARG A 1 135 ? -12.497 19.288  12.260  1.00 55.70 ? 135 ARG A C   1 
ATOM   978  O O   . ARG A 1 135 ? -12.759 18.269  12.905  1.00 56.22 ? 135 ARG A O   1 
ATOM   979  C CB  . ARG A 1 135 ? -14.423 20.132  10.947  1.00 58.65 ? 135 ARG A CB  1 
ATOM   980  C CG  . ARG A 1 135 ? -14.395 21.552  11.513  1.00 61.94 ? 135 ARG A CG  1 
ATOM   981  C CD  . ARG A 1 135 ? -13.922 22.553  10.471  1.00 65.13 ? 135 ARG A CD  1 
ATOM   982  N NE  . ARG A 1 135 ? -12.711 22.095  9.798   1.00 69.80 ? 135 ARG A NE  1 
ATOM   983  C CZ  . ARG A 1 135 ? -11.528 21.964  10.390  1.00 72.18 ? 135 ARG A CZ  1 
ATOM   984  N NH1 . ARG A 1 135 ? -11.389 22.264  11.676  1.00 73.49 ? 135 ARG A NH1 1 
ATOM   985  N NH2 . ARG A 1 135 ? -10.487 21.511  9.699   1.00 73.47 ? 135 ARG A NH2 1 
ATOM   986  N N   . THR A 1 146 ? 1.644   16.984  6.719   1.00 51.91 ? 146 THR A N   1 
ATOM   987  C CA  . THR A 1 146 ? 1.732   17.750  5.477   1.00 52.91 ? 146 THR A CA  1 
ATOM   988  C C   . THR A 1 146 ? 1.168   16.969  4.294   1.00 51.77 ? 146 THR A C   1 
ATOM   989  O O   . THR A 1 146 ? 1.237   15.742  4.269   1.00 52.58 ? 146 THR A O   1 
ATOM   990  C CB  . THR A 1 146 ? 3.206   18.139  5.160   1.00 53.72 ? 146 THR A CB  1 
ATOM   991  O OG1 . THR A 1 146 ? 3.647   19.120  6.104   1.00 55.69 ? 146 THR A OG1 1 
ATOM   992  C CG2 . THR A 1 146 ? 3.344   18.706  3.737   1.00 52.39 ? 146 THR A CG2 1 
ATOM   993  N N   . MET A 1 147 ? 0.605   17.684  3.321   1.00 49.66 ? 147 MET A N   1 
ATOM   994  C CA  . MET A 1 147 ? 0.050   17.052  2.132   1.00 46.88 ? 147 MET A CA  1 
ATOM   995  C C   . MET A 1 147 ? -0.032  18.063  1.000   1.00 43.30 ? 147 MET A C   1 
ATOM   996  O O   . MET A 1 147 ? -0.001  19.267  1.231   1.00 42.18 ? 147 MET A O   1 
ATOM   997  C CB  . MET A 1 147 ? -1.340  16.470  2.430   1.00 49.77 ? 147 MET A CB  1 
ATOM   998  C CG  . MET A 1 147 ? -2.481  17.479  2.444   1.00 54.19 ? 147 MET A CG  1 
ATOM   999  S SD  . MET A 1 147 ? -3.234  17.710  0.807   1.00 61.44 ? 147 MET A SD  1 
ATOM   1000 C CE  . MET A 1 147 ? -4.712  16.694  0.959   1.00 58.96 ? 147 MET A CE  1 
ATOM   1001 N N   . GLY A 1 148 ? -0.118  17.565  -0.229  1.00 41.09 ? 148 GLY A N   1 
ATOM   1002 C CA  . GLY A 1 148 ? -0.218  18.439  -1.381  1.00 36.62 ? 148 GLY A CA  1 
ATOM   1003 C C   . GLY A 1 148 ? -1.062  17.812  -2.475  1.00 34.83 ? 148 GLY A C   1 
ATOM   1004 O O   . GLY A 1 148 ? -1.215  16.587  -2.535  1.00 34.68 ? 148 GLY A O   1 
ATOM   1005 N N   . TRP A 1 149 ? -1.633  18.653  -3.329  1.00 32.33 ? 149 TRP A N   1 
ATOM   1006 C CA  . TRP A 1 149 ? -2.436  18.179  -4.448  1.00 31.47 ? 149 TRP A CA  1 
ATOM   1007 C C   . TRP A 1 149 ? -1.603  18.340  -5.712  1.00 31.37 ? 149 TRP A C   1 
ATOM   1008 O O   . TRP A 1 149 ? -1.142  19.440  -6.013  1.00 31.39 ? 149 TRP A O   1 
ATOM   1009 C CB  . TRP A 1 149 ? -3.729  18.987  -4.595  1.00 29.20 ? 149 TRP A CB  1 
ATOM   1010 C CG  . TRP A 1 149 ? -4.792  18.612  -3.624  1.00 28.74 ? 149 TRP A CG  1 
ATOM   1011 C CD1 . TRP A 1 149 ? -5.016  19.159  -2.398  1.00 28.78 ? 149 TRP A CD1 1 
ATOM   1012 C CD2 . TRP A 1 149 ? -5.791  17.604  -3.804  1.00 28.28 ? 149 TRP A CD2 1 
ATOM   1013 N NE1 . TRP A 1 149 ? -6.097  18.559  -1.798  1.00 28.44 ? 149 TRP A NE1 1 
ATOM   1014 C CE2 . TRP A 1 149 ? -6.591  17.597  -2.639  1.00 28.37 ? 149 TRP A CE2 1 
ATOM   1015 C CE3 . TRP A 1 149 ? -6.087  16.704  -4.837  1.00 28.89 ? 149 TRP A CE3 1 
ATOM   1016 C CZ2 . TRP A 1 149 ? -7.676  16.723  -2.475  1.00 28.95 ? 149 TRP A CZ2 1 
ATOM   1017 C CZ3 . TRP A 1 149 ? -7.168  15.835  -4.680  1.00 30.15 ? 149 TRP A CZ3 1 
ATOM   1018 C CH2 . TRP A 1 149 ? -7.949  15.850  -3.502  1.00 30.20 ? 149 TRP A CH2 1 
ATOM   1019 N N   . TYR A 1 150 ? -1.405  17.246  -6.443  1.00 31.18 ? 150 TYR A N   1 
ATOM   1020 C CA  . TYR A 1 150 ? -0.614  17.287  -7.667  1.00 30.47 ? 150 TYR A CA  1 
ATOM   1021 C C   . TYR A 1 150 ? -1.389  16.800  -8.858  1.00 31.29 ? 150 TYR A C   1 
ATOM   1022 O O   . TYR A 1 150 ? -2.164  15.846  -8.759  1.00 31.78 ? 150 TYR A O   1 
ATOM   1023 C CB  . TYR A 1 150 ? 0.628   16.397  -7.571  1.00 28.76 ? 150 TYR A CB  1 
ATOM   1024 C CG  . TYR A 1 150 ? 1.550   16.708  -6.434  1.00 28.26 ? 150 TYR A CG  1 
ATOM   1025 C CD1 . TYR A 1 150 ? 1.215   16.353  -5.124  1.00 28.69 ? 150 TYR A CD1 1 
ATOM   1026 C CD2 . TYR A 1 150 ? 2.753   17.379  -6.657  1.00 28.18 ? 150 TYR A CD2 1 
ATOM   1027 C CE1 . TYR A 1 150 ? 2.061   16.660  -4.052  1.00 29.65 ? 150 TYR A CE1 1 
ATOM   1028 C CE2 . TYR A 1 150 ? 3.605   17.695  -5.599  1.00 29.54 ? 150 TYR A CE2 1 
ATOM   1029 C CZ  . TYR A 1 150 ? 3.252   17.334  -4.297  1.00 29.86 ? 150 TYR A CZ  1 
ATOM   1030 O OH  . TYR A 1 150 ? 4.074   17.662  -3.246  1.00 28.68 ? 150 TYR A OH  1 
ATOM   1031 N N   . PRO A 1 151 ? -1.210  17.465  -10.006 1.00 31.41 ? 151 PRO A N   1 
ATOM   1032 C CA  . PRO A 1 151 ? -1.937  16.985  -11.179 1.00 32.15 ? 151 PRO A CA  1 
ATOM   1033 C C   . PRO A 1 151 ? -1.262  15.635  -11.457 1.00 31.66 ? 151 PRO A C   1 
ATOM   1034 O O   . PRO A 1 151 ? -0.058  15.482  -11.218 1.00 30.06 ? 151 PRO A O   1 
ATOM   1035 C CB  . PRO A 1 151 ? -1.614  18.043  -12.233 1.00 31.68 ? 151 PRO A CB  1 
ATOM   1036 C CG  . PRO A 1 151 ? -1.478  19.295  -11.403 1.00 31.05 ? 151 PRO A CG  1 
ATOM   1037 C CD  . PRO A 1 151 ? -0.644  18.805  -10.243 1.00 31.22 ? 151 PRO A CD  1 
ATOM   1038 N N   . ILE A 1 152 ? -2.029  14.662  -11.934 1.00 30.53 ? 152 ILE A N   1 
ATOM   1039 C CA  . ILE A 1 152 ? -1.486  13.338  -12.196 1.00 30.05 ? 152 ILE A CA  1 
ATOM   1040 C C   . ILE A 1 152 ? -0.261  13.342  -13.107 1.00 31.65 ? 152 ILE A C   1 
ATOM   1041 O O   . ILE A 1 152 ? 0.704   12.605  -12.872 1.00 32.82 ? 152 ILE A O   1 
ATOM   1042 C CB  . ILE A 1 152 ? -2.580  12.403  -12.775 1.00 27.57 ? 152 ILE A CB  1 
ATOM   1043 C CG1 . ILE A 1 152 ? -3.640  12.148  -11.701 1.00 26.31 ? 152 ILE A CG1 1 
ATOM   1044 C CG2 . ILE A 1 152 ? -1.973  11.088  -13.244 1.00 25.77 ? 152 ILE A CG2 1 
ATOM   1045 C CD1 . ILE A 1 152 ? -4.685  11.146  -12.094 1.00 25.74 ? 152 ILE A CD1 1 
ATOM   1046 N N   . ALA A 1 153 ? -0.286  14.175  -14.140 1.00 32.09 ? 153 ALA A N   1 
ATOM   1047 C CA  . ALA A 1 153 ? 0.835   14.234  -15.067 1.00 32.67 ? 153 ALA A CA  1 
ATOM   1048 C C   . ALA A 1 153 ? 2.087   14.751  -14.362 1.00 32.43 ? 153 ALA A C   1 
ATOM   1049 O O   . ALA A 1 153 ? 3.196   14.280  -14.626 1.00 33.57 ? 153 ALA A O   1 
ATOM   1050 C CB  . ALA A 1 153 ? 0.485   15.124  -16.261 1.00 32.00 ? 153 ALA A CB  1 
ATOM   1051 N N   . GLU A 1 154 ? 1.915   15.717  -13.465 1.00 31.52 ? 154 GLU A N   1 
ATOM   1052 C CA  . GLU A 1 154 ? 3.054   16.261  -12.747 1.00 31.12 ? 154 GLU A CA  1 
ATOM   1053 C C   . GLU A 1 154 ? 3.588   15.216  -11.770 1.00 30.26 ? 154 GLU A C   1 
ATOM   1054 O O   . GLU A 1 154 ? 4.795   15.038  -11.635 1.00 30.13 ? 154 GLU A O   1 
ATOM   1055 C CB  . GLU A 1 154 ? 2.650   17.532  -12.001 1.00 32.91 ? 154 GLU A CB  1 
ATOM   1056 C CG  . GLU A 1 154 ? 3.781   18.172  -11.191 1.00 37.85 ? 154 GLU A CG  1 
ATOM   1057 C CD  . GLU A 1 154 ? 4.961   18.674  -12.045 1.00 41.86 ? 154 GLU A CD  1 
ATOM   1058 O OE1 . GLU A 1 154 ? 4.713   19.291  -13.113 1.00 42.18 ? 154 GLU A OE1 1 
ATOM   1059 O OE2 . GLU A 1 154 ? 6.132   18.470  -11.632 1.00 40.54 ? 154 GLU A OE2 1 
ATOM   1060 N N   . ALA A 1 155 ? 2.678   14.519  -11.096 1.00 29.90 ? 155 ALA A N   1 
ATOM   1061 C CA  . ALA A 1 155 ? 3.066   13.487  -10.145 1.00 28.30 ? 155 ALA A CA  1 
ATOM   1062 C C   . ALA A 1 155 ? 3.864   12.443  -10.893 1.00 28.49 ? 155 ALA A C   1 
ATOM   1063 O O   . ALA A 1 155 ? 4.842   11.915  -10.375 1.00 30.03 ? 155 ALA A O   1 
ATOM   1064 C CB  . ALA A 1 155 ? 1.837   12.853  -9.519  1.00 27.13 ? 155 ALA A CB  1 
ATOM   1065 N N   . ALA A 1 156 ? 3.443   12.147  -12.119 1.00 28.72 ? 156 ALA A N   1 
ATOM   1066 C CA  . ALA A 1 156 ? 4.128   11.156  -12.945 1.00 29.31 ? 156 ALA A CA  1 
ATOM   1067 C C   . ALA A 1 156 ? 5.539   11.628  -13.290 1.00 30.39 ? 156 ALA A C   1 
ATOM   1068 O O   . ALA A 1 156 ? 6.498   10.854  -13.234 1.00 29.96 ? 156 ALA A O   1 
ATOM   1069 C CB  . ALA A 1 156 ? 3.334   10.894  -14.217 1.00 27.78 ? 156 ALA A CB  1 
ATOM   1070 N N   . ARG A 1 157 ? 5.668   12.904  -13.641 1.00 31.28 ? 157 ARG A N   1 
ATOM   1071 C CA  . ARG A 1 157 ? 6.972   13.452  -13.983 1.00 30.66 ? 157 ARG A CA  1 
ATOM   1072 C C   . ARG A 1 157 ? 7.858   13.477  -12.750 1.00 29.35 ? 157 ARG A C   1 
ATOM   1073 O O   . ARG A 1 157 ? 9.069   13.345  -12.860 1.00 30.96 ? 157 ARG A O   1 
ATOM   1074 C CB  . ARG A 1 157 ? 6.832   14.860  -14.574 1.00 30.25 ? 157 ARG A CB  1 
ATOM   1075 C CG  . ARG A 1 157 ? 6.156   14.884  -15.948 1.00 31.87 ? 157 ARG A CG  1 
ATOM   1076 C CD  . ARG A 1 157 ? 6.297   16.243  -16.637 1.00 35.05 ? 157 ARG A CD  1 
ATOM   1077 N NE  . ARG A 1 157 ? 5.541   17.298  -15.962 1.00 38.16 ? 157 ARG A NE  1 
ATOM   1078 C CZ  . ARG A 1 157 ? 4.252   17.553  -16.175 1.00 39.87 ? 157 ARG A CZ  1 
ATOM   1079 N NH1 . ARG A 1 157 ? 3.571   16.830  -17.057 1.00 40.45 ? 157 ARG A NH1 1 
ATOM   1080 N NH2 . ARG A 1 157 ? 3.641   18.521  -15.497 1.00 39.47 ? 157 ARG A NH2 1 
ATOM   1081 N N   . ARG A 1 158 ? 7.253   13.642  -11.575 1.00 28.15 ? 158 ARG A N   1 
ATOM   1082 C CA  . ARG A 1 158 ? 8.018   13.671  -10.328 1.00 26.91 ? 158 ARG A CA  1 
ATOM   1083 C C   . ARG A 1 158 ? 8.652   12.301  -10.097 1.00 25.69 ? 158 ARG A C   1 
ATOM   1084 O O   . ARG A 1 158 ? 9.800   12.196  -9.670  1.00 23.88 ? 158 ARG A O   1 
ATOM   1085 C CB  . ARG A 1 158 ? 7.111   14.057  -9.153  1.00 26.18 ? 158 ARG A CB  1 
ATOM   1086 C CG  . ARG A 1 158 ? 6.634   15.509  -9.188  1.00 27.00 ? 158 ARG A CG  1 
ATOM   1087 C CD  . ARG A 1 158 ? 5.556   15.777  -8.145  1.00 28.81 ? 158 ARG A CD  1 
ATOM   1088 N NE  . ARG A 1 158 ? 6.028   15.651  -6.763  1.00 30.16 ? 158 ARG A NE  1 
ATOM   1089 C CZ  . ARG A 1 158 ? 6.803   16.540  -6.139  1.00 31.92 ? 158 ARG A CZ  1 
ATOM   1090 N NH1 . ARG A 1 158 ? 7.204   17.637  -6.773  1.00 30.94 ? 158 ARG A NH1 1 
ATOM   1091 N NH2 . ARG A 1 158 ? 7.174   16.337  -4.877  1.00 29.61 ? 158 ARG A NH2 1 
ATOM   1092 N N   . VAL A 1 159 ? 7.890   11.255  -10.392 1.00 25.61 ? 159 VAL A N   1 
ATOM   1093 C CA  . VAL A 1 159 ? 8.366   9.886   -10.258 1.00 26.38 ? 159 VAL A CA  1 
ATOM   1094 C C   . VAL A 1 159 ? 9.601   9.696   -11.143 1.00 27.42 ? 159 VAL A C   1 
ATOM   1095 O O   . VAL A 1 159 ? 10.668  9.308   -10.668 1.00 26.97 ? 159 VAL A O   1 
ATOM   1096 C CB  . VAL A 1 159 ? 7.293   8.873   -10.729 1.00 26.34 ? 159 VAL A CB  1 
ATOM   1097 C CG1 . VAL A 1 159 ? 7.879   7.471   -10.739 1.00 26.08 ? 159 VAL A CG1 1 
ATOM   1098 C CG2 . VAL A 1 159 ? 6.059   8.946   -9.832  1.00 24.76 ? 159 VAL A CG2 1 
ATOM   1099 N N   . LEU A 1 160 ? 9.433   9.979   -12.435 1.00 28.23 ? 160 LEU A N   1 
ATOM   1100 C CA  . LEU A 1 160 ? 10.494  9.846   -13.429 1.00 29.48 ? 160 LEU A CA  1 
ATOM   1101 C C   . LEU A 1 160 ? 11.646  10.817  -13.208 1.00 29.85 ? 160 LEU A C   1 
ATOM   1102 O O   . LEU A 1 160 ? 12.641  10.806  -13.936 1.00 30.04 ? 160 LEU A O   1 
ATOM   1103 C CB  . LEU A 1 160 ? 9.913   10.040  -14.837 1.00 28.82 ? 160 LEU A CB  1 
ATOM   1104 C CG  . LEU A 1 160 ? 9.447   8.781   -15.584 1.00 30.44 ? 160 LEU A CG  1 
ATOM   1105 C CD1 . LEU A 1 160 ? 10.685  7.971   -15.985 1.00 30.43 ? 160 LEU A CD1 1 
ATOM   1106 C CD2 . LEU A 1 160 ? 8.493   7.942   -14.725 1.00 27.10 ? 160 LEU A CD2 1 
ATOM   1107 N N   . ARG A 1 161 ? 11.510  11.642  -12.183 1.00 30.53 ? 161 ARG A N   1 
ATOM   1108 C CA  . ARG A 1 161 ? 12.515  12.634  -11.859 1.00 31.10 ? 161 ARG A CA  1 
ATOM   1109 C C   . ARG A 1 161 ? 13.164  12.319  -10.501 1.00 30.82 ? 161 ARG A C   1 
ATOM   1110 O O   . ARG A 1 161 ? 14.074  13.018  -10.060 1.00 29.59 ? 161 ARG A O   1 
ATOM   1111 C CB  . ARG A 1 161 ? 11.842  13.999  -11.840 1.00 32.96 ? 161 ARG A CB  1 
ATOM   1112 C CG  . ARG A 1 161 ? 12.765  15.171  -11.779 1.00 35.38 ? 161 ARG A CG  1 
ATOM   1113 C CD  . ARG A 1 161 ? 11.932  16.427  -11.666 1.00 37.81 ? 161 ARG A CD  1 
ATOM   1114 N NE  . ARG A 1 161 ? 11.116  16.646  -12.856 1.00 38.94 ? 161 ARG A NE  1 
ATOM   1115 C CZ  . ARG A 1 161 ? 9.832   16.991  -12.831 1.00 39.28 ? 161 ARG A CZ  1 
ATOM   1116 N NH1 . ARG A 1 161 ? 9.200   17.151  -11.668 1.00 34.85 ? 161 ARG A NH1 1 
ATOM   1117 N NH2 . ARG A 1 161 ? 9.191   17.204  -13.976 1.00 38.94 ? 161 ARG A NH2 1 
ATOM   1118 N N   . GLY A 1 162 ? 12.686  11.262  -9.849  1.00 29.37 ? 162 GLY A N   1 
ATOM   1119 C CA  . GLY A 1 162 ? 13.238  10.866  -8.564  1.00 28.63 ? 162 GLY A CA  1 
ATOM   1120 C C   . GLY A 1 162 ? 12.705  11.613  -7.351  1.00 28.48 ? 162 GLY A C   1 
ATOM   1121 O O   . GLY A 1 162 ? 13.197  11.414  -6.233  1.00 26.61 ? 162 GLY A O   1 
ATOM   1122 N N   . GLU A 1 163 ? 11.703  12.465  -7.561  1.00 28.11 ? 163 GLU A N   1 
ATOM   1123 C CA  . GLU A 1 163 ? 11.109  13.243  -6.472  1.00 29.00 ? 163 GLU A CA  1 
ATOM   1124 C C   . GLU A 1 163 ? 10.099  12.415  -5.671  1.00 27.60 ? 163 GLU A C   1 
ATOM   1125 O O   . GLU A 1 163 ? 9.727   12.775  -4.552  1.00 27.21 ? 163 GLU A O   1 
ATOM   1126 C CB  . GLU A 1 163 ? 10.486  14.528  -7.040  1.00 29.03 ? 163 GLU A CB  1 
ATOM   1127 C CG  . GLU A 1 163 ? 11.531  15.365  -7.757  1.00 32.63 ? 163 GLU A CG  1 
ATOM   1128 C CD  . GLU A 1 163 ? 11.002  16.646  -8.350  1.00 35.74 ? 163 GLU A CD  1 
ATOM   1129 O OE1 . GLU A 1 163 ? 9.988   16.596  -9.077  1.00 39.59 ? 163 GLU A OE1 1 
ATOM   1130 O OE2 . GLU A 1 163 ? 11.617  17.707  -8.103  1.00 39.06 ? 163 GLU A OE2 1 
ATOM   1131 N N   . ILE A 1 164 ? 9.668   11.304  -6.266  1.00 27.18 ? 164 ILE A N   1 
ATOM   1132 C CA  . ILE A 1 164 ? 8.761   10.349  -5.627  1.00 26.67 ? 164 ILE A CA  1 
ATOM   1133 C C   . ILE A 1 164 ? 9.471   8.998   -5.775  1.00 25.33 ? 164 ILE A C   1 
ATOM   1134 O O   . ILE A 1 164 ? 9.678   8.521   -6.891  1.00 24.42 ? 164 ILE A O   1 
ATOM   1135 C CB  . ILE A 1 164 ? 7.361   10.283  -6.325  1.00 26.04 ? 164 ILE A CB  1 
ATOM   1136 C CG1 . ILE A 1 164 ? 6.599   11.602  -6.120  1.00 24.35 ? 164 ILE A CG1 1 
ATOM   1137 C CG2 . ILE A 1 164 ? 6.542   9.113   -5.746  1.00 24.92 ? 164 ILE A CG2 1 
ATOM   1138 C CD1 . ILE A 1 164 ? 5.225   11.651  -6.797  1.00 21.94 ? 164 ILE A CD1 1 
ATOM   1139 N N   . VAL A 1 165 ? 9.866   8.400   -4.653  1.00 24.76 ? 165 VAL A N   1 
ATOM   1140 C CA  . VAL A 1 165 ? 10.572  7.121   -4.686  1.00 24.88 ? 165 VAL A CA  1 
ATOM   1141 C C   . VAL A 1 165 ? 9.861   5.987   -3.931  1.00 25.92 ? 165 VAL A C   1 
ATOM   1142 O O   . VAL A 1 165 ? 10.137  4.812   -4.171  1.00 26.70 ? 165 VAL A O   1 
ATOM   1143 C CB  . VAL A 1 165 ? 12.035  7.270   -4.140  1.00 23.04 ? 165 VAL A CB  1 
ATOM   1144 C CG1 . VAL A 1 165 ? 12.860  8.093   -5.105  1.00 20.12 ? 165 VAL A CG1 1 
ATOM   1145 C CG2 . VAL A 1 165 ? 12.029  7.927   -2.759  1.00 18.89 ? 165 VAL A CG2 1 
ATOM   1146 N N   . ASN A 1 166 ? 8.959   6.332   -3.019  1.00 25.46 ? 166 ASN A N   1 
ATOM   1147 C CA  . ASN A 1 166 ? 8.219   5.315   -2.278  1.00 25.28 ? 166 ASN A CA  1 
ATOM   1148 C C   . ASN A 1 166 ? 7.627   4.361   -3.326  1.00 24.44 ? 166 ASN A C   1 
ATOM   1149 O O   . ASN A 1 166 ? 6.932   4.805   -4.243  1.00 23.81 ? 166 ASN A O   1 
ATOM   1150 C CB  . ASN A 1 166 ? 7.119   5.999   -1.444  1.00 25.77 ? 166 ASN A CB  1 
ATOM   1151 C CG  . ASN A 1 166 ? 6.203   5.013   -0.740  1.00 23.70 ? 166 ASN A CG  1 
ATOM   1152 O OD1 . ASN A 1 166 ? 5.475   4.258   -1.382  1.00 24.88 ? 166 ASN A OD1 1 
ATOM   1153 N ND2 . ASN A 1 166 ? 6.231   5.024   0.586   1.00 23.07 ? 166 ASN A ND2 1 
ATOM   1154 N N   . SER A 1 167 ? 7.912   3.063   -3.198  1.00 23.56 ? 167 SER A N   1 
ATOM   1155 C CA  . SER A 1 167 ? 7.438   2.061   -4.162  1.00 23.07 ? 167 SER A CA  1 
ATOM   1156 C C   . SER A 1 167 ? 5.918   1.993   -4.354  1.00 22.85 ? 167 SER A C   1 
ATOM   1157 O O   . SER A 1 167 ? 5.444   1.734   -5.466  1.00 22.34 ? 167 SER A O   1 
ATOM   1158 C CB  . SER A 1 167 ? 7.953   0.664   -3.785  1.00 23.26 ? 167 SER A CB  1 
ATOM   1159 O OG  . SER A 1 167 ? 7.108   0.048   -2.826  1.00 25.16 ? 167 SER A OG  1 
ATOM   1160 N N   . ILE A 1 168 ? 5.160   2.207   -3.279  1.00 21.65 ? 168 ILE A N   1 
ATOM   1161 C CA  . ILE A 1 168 ? 3.701   2.183   -3.350  1.00 19.83 ? 168 ILE A CA  1 
ATOM   1162 C C   . ILE A 1 168 ? 3.197   3.403   -4.118  1.00 20.81 ? 168 ILE A C   1 
ATOM   1163 O O   . ILE A 1 168 ? 2.270   3.308   -4.926  1.00 19.62 ? 168 ILE A O   1 
ATOM   1164 C CB  . ILE A 1 168 ? 3.085   2.203   -1.953  1.00 19.47 ? 168 ILE A CB  1 
ATOM   1165 C CG1 . ILE A 1 168 ? 3.553   0.974   -1.171  1.00 20.18 ? 168 ILE A CG1 1 
ATOM   1166 C CG2 . ILE A 1 168 ? 1.567   2.240   -2.059  1.00 18.78 ? 168 ILE A CG2 1 
ATOM   1167 C CD1 . ILE A 1 168 ? 3.379   1.105   0.316   1.00 22.06 ? 168 ILE A CD1 1 
ATOM   1168 N N   . ALA A 1 169 ? 3.828   4.546   -3.856  1.00 21.43 ? 169 ALA A N   1 
ATOM   1169 C CA  . ALA A 1 169 ? 3.475   5.796   -4.505  1.00 21.43 ? 169 ALA A CA  1 
ATOM   1170 C C   . ALA A 1 169 ? 3.809   5.731   -5.996  1.00 22.52 ? 169 ALA A C   1 
ATOM   1171 O O   . ALA A 1 169 ? 3.033   6.197   -6.839  1.00 23.59 ? 169 ALA A O   1 
ATOM   1172 C CB  . ALA A 1 169 ? 4.221   6.959   -3.838  1.00 20.74 ? 169 ALA A CB  1 
ATOM   1173 N N   . ILE A 1 170 ? 4.963   5.156   -6.325  1.00 22.39 ? 170 ILE A N   1 
ATOM   1174 C CA  . ILE A 1 170 ? 5.359   5.031   -7.728  1.00 22.01 ? 170 ILE A CA  1 
ATOM   1175 C C   . ILE A 1 170 ? 4.318   4.234   -8.519  1.00 23.03 ? 170 ILE A C   1 
ATOM   1176 O O   . ILE A 1 170 ? 3.861   4.675   -9.583  1.00 22.10 ? 170 ILE A O   1 
ATOM   1177 C CB  . ILE A 1 170 ? 6.729   4.332   -7.878  1.00 19.67 ? 170 ILE A CB  1 
ATOM   1178 C CG1 . ILE A 1 170 ? 7.851   5.301   -7.503  1.00 18.18 ? 170 ILE A CG1 1 
ATOM   1179 C CG2 . ILE A 1 170 ? 6.899   3.822   -9.307  1.00 16.77 ? 170 ILE A CG2 1 
ATOM   1180 C CD1 . ILE A 1 170 ? 9.219   4.664   -7.497  1.00 16.87 ? 170 ILE A CD1 1 
ATOM   1181 N N   . ALA A 1 171 ? 3.957   3.065   -7.985  1.00 23.84 ? 171 ALA A N   1 
ATOM   1182 C CA  . ALA A 1 171 ? 2.981   2.173   -8.611  1.00 23.78 ? 171 ALA A CA  1 
ATOM   1183 C C   . ALA A 1 171 ? 1.651   2.883   -8.791  1.00 24.89 ? 171 ALA A C   1 
ATOM   1184 O O   . ALA A 1 171 ? 1.090   2.900   -9.891  1.00 24.77 ? 171 ALA A O   1 
ATOM   1185 C CB  . ALA A 1 171 ? 2.788   0.930   -7.758  1.00 22.22 ? 171 ALA A CB  1 
ATOM   1186 N N   . GLY A 1 172 ? 1.156   3.474   -7.704  1.00 25.13 ? 172 GLY A N   1 
ATOM   1187 C CA  . GLY A 1 172 ? -0.120  4.171   -7.756  1.00 23.66 ? 172 GLY A CA  1 
ATOM   1188 C C   . GLY A 1 172 ? -0.185  5.328   -8.736  1.00 22.56 ? 172 GLY A C   1 
ATOM   1189 O O   . GLY A 1 172 ? -1.137  5.446   -9.510  1.00 21.97 ? 172 GLY A O   1 
ATOM   1190 N N   . VAL A 1 173 ? 0.825   6.191   -8.689  1.00 21.86 ? 173 VAL A N   1 
ATOM   1191 C CA  . VAL A 1 173 ? 0.895   7.345   -9.567  1.00 22.16 ? 173 VAL A CA  1 
ATOM   1192 C C   . VAL A 1 173 ? 1.000   6.941   -11.035 1.00 23.36 ? 173 VAL A C   1 
ATOM   1193 O O   . VAL A 1 173 ? 0.235   7.431   -11.868 1.00 25.19 ? 173 VAL A O   1 
ATOM   1194 C CB  . VAL A 1 173 ? 2.102   8.262   -9.186  1.00 22.57 ? 173 VAL A CB  1 
ATOM   1195 C CG1 . VAL A 1 173 ? 2.304   9.333   -10.229 1.00 19.42 ? 173 VAL A CG1 1 
ATOM   1196 C CG2 . VAL A 1 173 ? 1.854   8.914   -7.830  1.00 19.64 ? 173 VAL A CG2 1 
ATOM   1197 N N   . LEU A 1 174 ? 1.929   6.048   -11.369 1.00 23.49 ? 174 LEU A N   1 
ATOM   1198 C CA  . LEU A 1 174 ? 2.067   5.652   -12.769 1.00 23.19 ? 174 LEU A CA  1 
ATOM   1199 C C   . LEU A 1 174 ? 0.885   4.819   -13.239 1.00 23.71 ? 174 LEU A C   1 
ATOM   1200 O O   . LEU A 1 174 ? 0.556   4.828   -14.423 1.00 25.41 ? 174 LEU A O   1 
ATOM   1201 C CB  . LEU A 1 174 ? 3.385   4.897   -13.010 1.00 20.12 ? 174 LEU A CB  1 
ATOM   1202 C CG  . LEU A 1 174 ? 4.651   5.722   -12.757 1.00 21.16 ? 174 LEU A CG  1 
ATOM   1203 C CD1 . LEU A 1 174 ? 5.911   4.935   -13.152 1.00 17.96 ? 174 LEU A CD1 1 
ATOM   1204 C CD2 . LEU A 1 174 ? 4.549   7.023   -13.552 1.00 20.00 ? 174 LEU A CD2 1 
ATOM   1205 N N   . ALA A 1 175 ? 0.246   4.109   -12.313 1.00 24.15 ? 175 ALA A N   1 
ATOM   1206 C CA  . ALA A 1 175 ? -0.917  3.291   -12.651 1.00 25.05 ? 175 ALA A CA  1 
ATOM   1207 C C   . ALA A 1 175 ? -2.112  4.177   -12.995 1.00 25.42 ? 175 ALA A C   1 
ATOM   1208 O O   . ALA A 1 175 ? -2.778  3.952   -14.003 1.00 25.95 ? 175 ALA A O   1 
ATOM   1209 C CB  . ALA A 1 175 ? -1.279  2.357   -11.494 1.00 23.82 ? 175 ALA A CB  1 
ATOM   1210 N N   . VAL A 1 176 ? -2.393  5.176   -12.162 1.00 26.70 ? 176 VAL A N   1 
ATOM   1211 C CA  . VAL A 1 176 ? -3.514  6.065   -12.437 1.00 28.90 ? 176 VAL A CA  1 
ATOM   1212 C C   . VAL A 1 176 ? -3.176  6.906   -13.668 1.00 30.21 ? 176 VAL A C   1 
ATOM   1213 O O   . VAL A 1 176 ? -4.065  7.316   -14.413 1.00 32.18 ? 176 VAL A O   1 
ATOM   1214 C CB  . VAL A 1 176 ? -3.846  6.988   -11.228 1.00 28.78 ? 176 VAL A CB  1 
ATOM   1215 C CG1 . VAL A 1 176 ? -2.852  8.129   -11.136 1.00 31.06 ? 176 VAL A CG1 1 
ATOM   1216 C CG2 . VAL A 1 176 ? -5.269  7.525   -11.359 1.00 26.60 ? 176 VAL A CG2 1 
ATOM   1217 N N   . HIS A 1 177 ? -1.888  7.155   -13.888 1.00 31.19 ? 177 HIS A N   1 
ATOM   1218 C CA  . HIS A 1 177 ? -1.473  7.915   -15.060 1.00 32.71 ? 177 HIS A CA  1 
ATOM   1219 C C   . HIS A 1 177 ? -1.837  7.126   -16.318 1.00 32.75 ? 177 HIS A C   1 
ATOM   1220 O O   . HIS A 1 177 ? -2.334  7.695   -17.286 1.00 33.09 ? 177 HIS A O   1 
ATOM   1221 C CB  . HIS A 1 177 ? 0.033   8.188   -15.046 1.00 32.84 ? 177 HIS A CB  1 
ATOM   1222 C CG  . HIS A 1 177 ? 0.487   9.069   -16.170 1.00 34.58 ? 177 HIS A CG  1 
ATOM   1223 N ND1 . HIS A 1 177 ? 0.014   10.354  -16.346 1.00 32.97 ? 177 HIS A ND1 1 
ATOM   1224 C CD2 . HIS A 1 177 ? 1.345   8.842   -17.195 1.00 33.92 ? 177 HIS A CD2 1 
ATOM   1225 C CE1 . HIS A 1 177 ? 0.557   10.876  -17.430 1.00 33.87 ? 177 HIS A CE1 1 
ATOM   1226 N NE2 . HIS A 1 177 ? 1.368   9.980   -17.963 1.00 33.49 ? 177 HIS A NE2 1 
ATOM   1227 N N   . ALA A 1 178 ? -1.586  5.819   -16.306 1.00 32.78 ? 178 ALA A N   1 
ATOM   1228 C CA  . ALA A 1 178 ? -1.927  4.966   -17.446 1.00 33.13 ? 178 ALA A CA  1 
ATOM   1229 C C   . ALA A 1 178 ? -3.444  4.925   -17.629 1.00 33.51 ? 178 ALA A C   1 
ATOM   1230 O O   . ALA A 1 178 ? -3.945  4.730   -18.731 1.00 35.26 ? 178 ALA A O   1 
ATOM   1231 C CB  . ALA A 1 178 ? -1.395  3.559   -17.230 1.00 32.25 ? 178 ALA A CB  1 
ATOM   1232 N N   . VAL A 1 179 ? -4.177  5.107   -16.542 1.00 34.28 ? 179 VAL A N   1 
ATOM   1233 C CA  . VAL A 1 179 ? -5.626  5.095   -16.613 1.00 35.25 ? 179 VAL A CA  1 
ATOM   1234 C C   . VAL A 1 179 ? -6.146  6.410   -17.187 1.00 37.71 ? 179 VAL A C   1 
ATOM   1235 O O   . VAL A 1 179 ? -7.002  6.406   -18.070 1.00 39.91 ? 179 VAL A O   1 
ATOM   1236 C CB  . VAL A 1 179 ? -6.259  4.855   -15.213 1.00 32.73 ? 179 VAL A CB  1 
ATOM   1237 C CG1 . VAL A 1 179 ? -7.750  5.131   -15.253 1.00 30.58 ? 179 VAL A CG1 1 
ATOM   1238 C CG2 . VAL A 1 179 ? -6.014  3.420   -14.779 1.00 30.91 ? 179 VAL A CG2 1 
ATOM   1239 N N   . THR A 1 180 ? -5.624  7.531   -16.694 1.00 38.51 ? 180 THR A N   1 
ATOM   1240 C CA  . THR A 1 180 ? -6.061  8.849   -17.155 1.00 39.89 ? 180 THR A CA  1 
ATOM   1241 C C   . THR A 1 180 ? -5.625  9.211   -18.566 1.00 40.48 ? 180 THR A C   1 
ATOM   1242 O O   . THR A 1 180 ? -6.030  10.243  -19.085 1.00 41.04 ? 180 THR A O   1 
ATOM   1243 C CB  . THR A 1 180 ? -5.550  9.949   -16.246 1.00 40.50 ? 180 THR A CB  1 
ATOM   1244 O OG1 . THR A 1 180 ? -4.121  9.968   -16.295 1.00 42.78 ? 180 THR A OG1 1 
ATOM   1245 C CG2 . THR A 1 180 ? -6.012  9.713   -14.826 1.00 41.07 ? 180 THR A CG2 1 
ATOM   1246 N N   . THR A 1 181 ? -4.787  8.380   -19.176 1.00 41.73 ? 181 THR A N   1 
ATOM   1247 C CA  . THR A 1 181 ? -4.332  8.621   -20.536 1.00 43.18 ? 181 THR A CA  1 
ATOM   1248 C C   . THR A 1 181 ? -5.110  7.707   -21.471 1.00 44.06 ? 181 THR A C   1 
ATOM   1249 O O   . THR A 1 181 ? -4.892  7.709   -22.681 1.00 45.64 ? 181 THR A O   1 
ATOM   1250 C CB  . THR A 1 181 ? -2.833  8.308   -20.707 1.00 44.33 ? 181 THR A CB  1 
ATOM   1251 O OG1 . THR A 1 181 ? -2.580  6.967   -20.277 1.00 45.89 ? 181 THR A OG1 1 
ATOM   1252 C CG2 . THR A 1 181 ? -1.979  9.277   -19.901 1.00 45.07 ? 181 THR A CG2 1 
ATOM   1253 N N   . GLY A 1 182 ? -6.016  6.921   -20.895 1.00 44.72 ? 182 GLY A N   1 
ATOM   1254 C CA  . GLY A 1 182 ? -6.831  6.011   -21.681 1.00 45.39 ? 182 GLY A CA  1 
ATOM   1255 C C   . GLY A 1 182 ? -6.157  4.681   -21.956 1.00 45.27 ? 182 GLY A C   1 
ATOM   1256 O O   . GLY A 1 182 ? -6.752  3.781   -22.551 1.00 45.29 ? 182 GLY A O   1 
ATOM   1257 N N   . PHE A 1 183 ? -4.915  4.551   -21.507 1.00 44.93 ? 183 PHE A N   1 
ATOM   1258 C CA  . PHE A 1 183 ? -4.157  3.331   -21.730 1.00 45.13 ? 183 PHE A CA  1 
ATOM   1259 C C   . PHE A 1 183 ? -4.729  2.102   -21.027 1.00 46.26 ? 183 PHE A C   1 
ATOM   1260 O O   . PHE A 1 183 ? -4.724  1.009   -21.589 1.00 47.10 ? 183 PHE A O   1 
ATOM   1261 C CB  . PHE A 1 183 ? -2.702  3.520   -21.300 1.00 44.42 ? 183 PHE A CB  1 
ATOM   1262 C CG  . PHE A 1 183 ? -1.812  2.397   -21.721 1.00 43.91 ? 183 PHE A CG  1 
ATOM   1263 C CD1 . PHE A 1 183 ? -1.396  2.288   -23.044 1.00 43.74 ? 183 PHE A CD1 1 
ATOM   1264 C CD2 . PHE A 1 183 ? -1.436  1.414   -20.813 1.00 42.37 ? 183 PHE A CD2 1 
ATOM   1265 C CE1 . PHE A 1 183 ? -0.619  1.213   -23.461 1.00 43.91 ? 183 PHE A CE1 1 
ATOM   1266 C CE2 . PHE A 1 183 ? -0.662  0.335   -21.213 1.00 42.33 ? 183 PHE A CE2 1 
ATOM   1267 C CZ  . PHE A 1 183 ? -0.251  0.232   -22.544 1.00 43.94 ? 183 PHE A CZ  1 
ATOM   1268 N N   . ALA A 1 184 ? -5.210  2.267   -19.799 1.00 47.08 ? 184 ALA A N   1 
ATOM   1269 C CA  . ALA A 1 184 ? -5.770  1.141   -19.065 1.00 49.28 ? 184 ALA A CA  1 
ATOM   1270 C C   . ALA A 1 184 ? -7.003  1.542   -18.274 1.00 50.14 ? 184 ALA A C   1 
ATOM   1271 O O   . ALA A 1 184 ? -7.421  2.701   -18.295 1.00 50.70 ? 184 ALA A O   1 
ATOM   1272 C CB  . ALA A 1 184 ? -4.728  0.541   -18.125 1.00 49.68 ? 184 ALA A CB  1 
ATOM   1273 N N   . GLN A 1 185 ? -7.567  0.572   -17.561 1.00 50.20 ? 185 GLN A N   1 
ATOM   1274 C CA  . GLN A 1 185 ? -8.769  0.795   -16.767 1.00 50.61 ? 185 GLN A CA  1 
ATOM   1275 C C   . GLN A 1 185 ? -8.601  0.319   -15.321 1.00 48.86 ? 185 GLN A C   1 
ATOM   1276 O O   . GLN A 1 185 ? -7.763  -0.530  -15.030 1.00 48.99 ? 185 GLN A O   1 
ATOM   1277 C CB  . GLN A 1 185 ? -9.947  0.055   -17.406 1.00 52.08 ? 185 GLN A CB  1 
ATOM   1278 C CG  . GLN A 1 185 ? -10.122 0.290   -18.906 1.00 57.76 ? 185 GLN A CG  1 
ATOM   1279 C CD  . GLN A 1 185 ? -10.678 1.664   -19.221 1.00 60.53 ? 185 GLN A CD  1 
ATOM   1280 O OE1 . GLN A 1 185 ? -11.779 2.006   -18.791 1.00 61.86 ? 185 GLN A OE1 1 
ATOM   1281 N NE2 . GLN A 1 185 ? -9.922  2.459   -19.978 1.00 63.02 ? 185 GLN A NE2 1 
ATOM   1282 N N   . PRO A 1 186 ? -9.388  0.885   -14.388 1.00 47.20 ? 186 PRO A N   1 
ATOM   1283 C CA  . PRO A 1 186 ? -9.300  0.477   -12.982 1.00 46.05 ? 186 PRO A CA  1 
ATOM   1284 C C   . PRO A 1 186 ? -9.870  -0.930  -12.875 1.00 45.84 ? 186 PRO A C   1 
ATOM   1285 O O   . PRO A 1 186 ? -9.926  -1.653  -13.862 1.00 47.32 ? 186 PRO A O   1 
ATOM   1286 C CB  . PRO A 1 186 ? -10.194 1.487   -12.266 1.00 45.42 ? 186 PRO A CB  1 
ATOM   1287 C CG  . PRO A 1 186 ? -10.119 2.693   -13.128 1.00 46.18 ? 186 PRO A CG  1 
ATOM   1288 C CD  . PRO A 1 186 ? -10.185 2.115   -14.520 1.00 47.01 ? 186 PRO A CD  1 
ATOM   1289 N N   . ARG A 1 187 ? -10.292 -1.330  -11.684 1.00 44.61 ? 187 ARG A N   1 
ATOM   1290 C CA  . ARG A 1 187 ? -10.874 -2.653  -11.534 1.00 42.57 ? 187 ARG A CA  1 
ATOM   1291 C C   . ARG A 1 187 ? -11.854 -2.739  -10.385 1.00 42.78 ? 187 ARG A C   1 
ATOM   1292 O O   . ARG A 1 187 ? -11.849 -1.906  -9.477  1.00 42.54 ? 187 ARG A O   1 
ATOM   1293 C CB  . ARG A 1 187 ? -9.785  -3.709  -11.369 1.00 42.17 ? 187 ARG A CB  1 
ATOM   1294 C CG  . ARG A 1 187 ? -9.115  -4.089  -12.673 1.00 41.50 ? 187 ARG A CG  1 
ATOM   1295 C CD  . ARG A 1 187 ? -8.019  -5.100  -12.446 1.00 40.64 ? 187 ARG A CD  1 
ATOM   1296 N NE  . ARG A 1 187 ? -6.813  -4.479  -11.913 1.00 40.05 ? 187 ARG A NE  1 
ATOM   1297 C CZ  . ARG A 1 187 ? -5.861  -5.144  -11.271 1.00 39.57 ? 187 ARG A CZ  1 
ATOM   1298 N NH1 . ARG A 1 187 ? -5.987  -6.452  -11.085 1.00 38.62 ? 187 ARG A NH1 1 
ATOM   1299 N NH2 . ARG A 1 187 ? -4.797  -4.502  -10.806 1.00 39.32 ? 187 ARG A NH2 1 
ATOM   1300 N N   . PRO A 1 188 ? -12.730 -3.751  -10.423 1.00 42.14 ? 188 PRO A N   1 
ATOM   1301 C CA  . PRO A 1 188 ? -13.734 -3.957  -9.381  1.00 41.29 ? 188 PRO A CA  1 
ATOM   1302 C C   . PRO A 1 188 ? -13.077 -4.195  -8.028  1.00 40.87 ? 188 PRO A C   1 
ATOM   1303 O O   . PRO A 1 188 ? -11.978 -4.747  -7.957  1.00 39.83 ? 188 PRO A O   1 
ATOM   1304 C CB  . PRO A 1 188 ? -14.492 -5.186  -9.877  1.00 41.57 ? 188 PRO A CB  1 
ATOM   1305 C CG  . PRO A 1 188 ? -14.346 -5.105  -11.364 1.00 42.33 ? 188 PRO A CG  1 
ATOM   1306 C CD  . PRO A 1 188 ? -12.909 -4.719  -11.519 1.00 42.40 ? 188 PRO A CD  1 
ATOM   1307 N N   . LEU A 1 189 ? -13.747 -3.764  -6.964  1.00 42.11 ? 189 LEU A N   1 
ATOM   1308 C CA  . LEU A 1 189 ? -13.231 -3.942  -5.611  1.00 43.17 ? 189 LEU A CA  1 
ATOM   1309 C C   . LEU A 1 189 ? -13.025 -5.417  -5.311  1.00 43.32 ? 189 LEU A C   1 
ATOM   1310 O O   . LEU A 1 189 ? -12.152 -5.778  -4.525  1.00 45.16 ? 189 LEU A O   1 
ATOM   1311 C CB  . LEU A 1 189 ? -14.190 -3.345  -4.571  1.00 42.40 ? 189 LEU A CB  1 
ATOM   1312 C CG  . LEU A 1 189 ? -14.207 -1.828  -4.398  1.00 42.77 ? 189 LEU A CG  1 
ATOM   1313 C CD1 . LEU A 1 189 ? -15.231 -1.459  -3.343  1.00 40.98 ? 189 LEU A CD1 1 
ATOM   1314 C CD2 . LEU A 1 189 ? -12.822 -1.334  -3.996  1.00 42.25 ? 189 LEU A CD2 1 
ATOM   1315 N N   . ASP A 1 190 ? -13.831 -6.271  -5.936  1.00 44.11 ? 190 ASP A N   1 
ATOM   1316 C CA  . ASP A 1 190 ? -13.731 -7.709  -5.720  1.00 44.49 ? 190 ASP A CA  1 
ATOM   1317 C C   . ASP A 1 190 ? -12.598 -8.387  -6.489  1.00 43.73 ? 190 ASP A C   1 
ATOM   1318 O O   . ASP A 1 190 ? -12.518 -9.613  -6.526  1.00 44.49 ? 190 ASP A O   1 
ATOM   1319 C CB  . ASP A 1 190 ? -15.065 -8.400  -6.035  1.00 47.80 ? 190 ASP A CB  1 
ATOM   1320 C CG  . ASP A 1 190 ? -15.726 -7.872  -7.297  1.00 51.76 ? 190 ASP A CG  1 
ATOM   1321 O OD1 . ASP A 1 190 ? -15.588 -6.666  -7.599  1.00 54.73 ? 190 ASP A OD1 1 
ATOM   1322 O OD2 . ASP A 1 190 ? -16.407 -8.665  -7.985  1.00 54.59 ? 190 ASP A OD2 1 
ATOM   1323 N N   . THR A 1 191 ? -11.724 -7.592  -7.100  1.00 42.94 ? 191 THR A N   1 
ATOM   1324 C CA  . THR A 1 191 ? -10.569 -8.128  -7.824  1.00 41.48 ? 191 THR A CA  1 
ATOM   1325 C C   . THR A 1 191 ? -9.756  -8.941  -6.818  1.00 41.88 ? 191 THR A C   1 
ATOM   1326 O O   . THR A 1 191 ? -9.544  -8.505  -5.686  1.00 43.05 ? 191 THR A O   1 
ATOM   1327 C CB  . THR A 1 191 ? -9.661  -6.998  -8.367  1.00 40.59 ? 191 THR A CB  1 
ATOM   1328 O OG1 . THR A 1 191 ? -10.376 -6.231  -9.344  1.00 40.33 ? 191 THR A OG1 1 
ATOM   1329 C CG2 . THR A 1 191 ? -8.399  -7.574  -8.986  1.00 38.00 ? 191 THR A CG2 1 
ATOM   1330 N N   . GLU A 1 192 ? -9.299  -10.117 -7.220  1.00 42.03 ? 192 GLU A N   1 
ATOM   1331 C CA  . GLU A 1 192 ? -8.519  -10.950 -6.316  1.00 42.45 ? 192 GLU A CA  1 
ATOM   1332 C C   . GLU A 1 192 ? -7.152  -10.373 -5.952  1.00 40.42 ? 192 GLU A C   1 
ATOM   1333 O O   . GLU A 1 192 ? -6.380  -9.964  -6.824  1.00 40.19 ? 192 GLU A O   1 
ATOM   1334 C CB  . GLU A 1 192 ? -8.310  -12.340 -6.918  1.00 45.77 ? 192 GLU A CB  1 
ATOM   1335 C CG  . GLU A 1 192 ? -7.164  -13.089 -6.255  1.00 51.08 ? 192 GLU A CG  1 
ATOM   1336 C CD  . GLU A 1 192 ? -6.784  -14.358 -6.982  1.00 55.30 ? 192 GLU A CD  1 
ATOM   1337 O OE1 . GLU A 1 192 ? -6.819  -14.361 -8.241  1.00 57.24 ? 192 GLU A OE1 1 
ATOM   1338 O OE2 . GLU A 1 192 ? -6.434  -15.342 -6.287  1.00 55.83 ? 192 GLU A OE2 1 
ATOM   1339 N N   . TRP A 1 193 ? -6.858  -10.358 -4.655  1.00 37.87 ? 193 TRP A N   1 
ATOM   1340 C CA  . TRP A 1 193 ? -5.577  -9.875  -4.159  1.00 36.09 ? 193 TRP A CA  1 
ATOM   1341 C C   . TRP A 1 193 ? -4.793  -11.159 -3.912  1.00 36.49 ? 193 TRP A C   1 
ATOM   1342 O O   . TRP A 1 193 ? -4.882  -11.765 -2.852  1.00 38.50 ? 193 TRP A O   1 
ATOM   1343 C CB  . TRP A 1 193 ? -5.772  -9.096  -2.858  1.00 32.85 ? 193 TRP A CB  1 
ATOM   1344 C CG  . TRP A 1 193 ? -4.535  -8.406  -2.362  1.00 32.19 ? 193 TRP A CG  1 
ATOM   1345 C CD1 . TRP A 1 193 ? -3.287  -8.445  -2.921  1.00 31.08 ? 193 TRP A CD1 1 
ATOM   1346 C CD2 . TRP A 1 193 ? -4.425  -7.578  -1.199  1.00 31.84 ? 193 TRP A CD2 1 
ATOM   1347 N NE1 . TRP A 1 193 ? -2.408  -7.698  -2.175  1.00 29.67 ? 193 TRP A NE1 1 
ATOM   1348 C CE2 . TRP A 1 193 ? -3.078  -7.157  -1.110  1.00 31.26 ? 193 TRP A CE2 1 
ATOM   1349 C CE3 . TRP A 1 193 ? -5.335  -7.155  -0.217  1.00 33.04 ? 193 TRP A CE3 1 
ATOM   1350 C CZ2 . TRP A 1 193 ? -2.617  -6.323  -0.080  1.00 32.19 ? 193 TRP A CZ2 1 
ATOM   1351 C CZ3 . TRP A 1 193 ? -4.877  -6.323  0.810   1.00 33.09 ? 193 TRP A CZ3 1 
ATOM   1352 C CH2 . TRP A 1 193 ? -3.526  -5.920  0.870   1.00 33.37 ? 193 TRP A CH2 1 
ATOM   1353 N N   . ILE A 1 194 ? -4.031  -11.573 -4.912  1.00 36.63 ? 194 ILE A N   1 
ATOM   1354 C CA  . ILE A 1 194 ? -3.269  -12.815 -4.845  1.00 35.93 ? 194 ILE A CA  1 
ATOM   1355 C C   . ILE A 1 194 ? -2.324  -13.011 -3.662  1.00 35.85 ? 194 ILE A C   1 
ATOM   1356 O O   . ILE A 1 194 ? -2.274  -14.094 -3.065  1.00 35.16 ? 194 ILE A O   1 
ATOM   1357 C CB  . ILE A 1 194 ? -2.465  -13.002 -6.146  1.00 36.91 ? 194 ILE A CB  1 
ATOM   1358 C CG1 . ILE A 1 194 ? -3.416  -12.924 -7.341  1.00 39.03 ? 194 ILE A CG1 1 
ATOM   1359 C CG2 . ILE A 1 194 ? -1.740  -14.338 -6.138  1.00 35.62 ? 194 ILE A CG2 1 
ATOM   1360 C CD1 . ILE A 1 194 ? -2.716  -12.831 -8.688  1.00 42.60 ? 194 ILE A CD1 1 
ATOM   1361 N N   . ASP A 1 195 ? -1.575  -11.971 -3.314  1.00 35.79 ? 195 ASP A N   1 
ATOM   1362 C CA  . ASP A 1 195 ? -0.605  -12.096 -2.237  1.00 33.50 ? 195 ASP A CA  1 
ATOM   1363 C C   . ASP A 1 195 ? -0.910  -11.351 -0.951  1.00 32.23 ? 195 ASP A C   1 
ATOM   1364 O O   . ASP A 1 195 ? 0.011   -10.998 -0.215  1.00 31.62 ? 195 ASP A O   1 
ATOM   1365 C CB  . ASP A 1 195 ? 0.775   -11.684 -2.749  1.00 32.66 ? 195 ASP A CB  1 
ATOM   1366 C CG  . ASP A 1 195 ? 1.122   -12.347 -4.061  1.00 32.22 ? 195 ASP A CG  1 
ATOM   1367 O OD1 . ASP A 1 195 ? 1.178   -13.589 -4.100  1.00 33.92 ? 195 ASP A OD1 1 
ATOM   1368 O OD2 . ASP A 1 195 ? 1.332   -11.627 -5.056  1.00 32.06 ? 195 ASP A OD2 1 
ATOM   1369 N N   . ARG A 1 196 ? -2.185  -11.103 -0.674  1.00 31.89 ? 196 ARG A N   1 
ATOM   1370 C CA  . ARG A 1 196 ? -2.539  -10.422 0.566   1.00 32.74 ? 196 ARG A CA  1 
ATOM   1371 C C   . ARG A 1 196 ? -1.924  -11.281 1.671   1.00 32.24 ? 196 ARG A C   1 
ATOM   1372 O O   . ARG A 1 196 ? -2.151  -12.488 1.716   1.00 32.86 ? 196 ARG A O   1 
ATOM   1373 C CB  . ARG A 1 196 ? -4.048  -10.359 0.718   1.00 32.48 ? 196 ARG A CB  1 
ATOM   1374 C CG  . ARG A 1 196 ? -4.493  -9.816  2.047   1.00 35.68 ? 196 ARG A CG  1 
ATOM   1375 C CD  . ARG A 1 196 ? -5.996  -9.806  2.120   1.00 38.44 ? 196 ARG A CD  1 
ATOM   1376 N NE  . ARG A 1 196 ? -6.471  -9.472  3.453   1.00 44.00 ? 196 ARG A NE  1 
ATOM   1377 C CZ  . ARG A 1 196 ? -7.755  -9.455  3.804   1.00 47.29 ? 196 ARG A CZ  1 
ATOM   1378 N NH1 . ARG A 1 196 ? -8.694  -9.755  2.910   1.00 47.74 ? 196 ARG A NH1 1 
ATOM   1379 N NH2 . ARG A 1 196 ? -8.099  -9.135  5.048   1.00 48.78 ? 196 ARG A NH2 1 
ATOM   1380 N N   . PRO A 1 197 ? -1.132  -10.674 2.570   1.00 31.81 ? 197 PRO A N   1 
ATOM   1381 C CA  . PRO A 1 197 ? -0.489  -11.425 3.652   1.00 31.40 ? 197 PRO A CA  1 
ATOM   1382 C C   . PRO A 1 197 ? -1.463  -11.976 4.678   1.00 31.84 ? 197 PRO A C   1 
ATOM   1383 O O   . PRO A 1 197 ? -2.541  -11.416 4.890   1.00 32.02 ? 197 PRO A O   1 
ATOM   1384 C CB  . PRO A 1 197 ? 0.461   -10.403 4.269   1.00 29.67 ? 197 PRO A CB  1 
ATOM   1385 C CG  . PRO A 1 197 ? 0.626   -9.361  3.192   1.00 29.98 ? 197 PRO A CG  1 
ATOM   1386 C CD  . PRO A 1 197 ? -0.759  -9.257  2.642   1.00 30.56 ? 197 PRO A CD  1 
ATOM   1387 N N   . THR A 1 198 ? -1.069  -13.073 5.318   1.00 32.79 ? 198 THR A N   1 
ATOM   1388 C CA  . THR A 1 198 ? -1.900  -13.703 6.337   1.00 33.33 ? 198 THR A CA  1 
ATOM   1389 C C   . THR A 1 198 ? -1.114  -14.279 7.515   1.00 33.27 ? 198 THR A C   1 
ATOM   1390 O O   . THR A 1 198 ? -1.657  -14.430 8.603   1.00 34.12 ? 198 THR A O   1 
ATOM   1391 C CB  . THR A 1 198 ? -2.745  -14.847 5.737   1.00 33.93 ? 198 THR A CB  1 
ATOM   1392 O OG1 . THR A 1 198 ? -1.897  -15.725 4.984   1.00 34.50 ? 198 THR A OG1 1 
ATOM   1393 C CG2 . THR A 1 198 ? -3.843  -14.289 4.838   1.00 34.37 ? 198 THR A CG2 1 
ATOM   1394 N N   . ALA A 1 199 ? 0.158   -14.588 7.303   1.00 32.98 ? 199 ALA A N   1 
ATOM   1395 C CA  . ALA A 1 199 ? 0.977   -15.189 8.351   1.00 34.13 ? 199 ALA A CA  1 
ATOM   1396 C C   . ALA A 1 199 ? 1.116   -14.392 9.641   1.00 34.59 ? 199 ALA A C   1 
ATOM   1397 O O   . ALA A 1 199 ? 0.869   -14.919 10.724  1.00 34.19 ? 199 ALA A O   1 
ATOM   1398 C CB  . ALA A 1 199 ? 2.364   -15.523 7.802   1.00 33.54 ? 199 ALA A CB  1 
ATOM   1399 N N   . PHE A 1 200 ? 1.521   -13.131 9.532   1.00 36.04 ? 200 PHE A N   1 
ATOM   1400 C CA  . PHE A 1 200 ? 1.710   -12.316 10.725  1.00 37.62 ? 200 PHE A CA  1 
ATOM   1401 C C   . PHE A 1 200 ? 0.396   -12.144 11.475  1.00 38.90 ? 200 PHE A C   1 
ATOM   1402 O O   . PHE A 1 200 ? 0.359   -12.235 12.707  1.00 39.09 ? 200 PHE A O   1 
ATOM   1403 C CB  . PHE A 1 200 ? 2.289   -10.941 10.366  1.00 35.61 ? 200 PHE A CB  1 
ATOM   1404 C CG  . PHE A 1 200 ? 2.704   -10.129 11.569  1.00 36.25 ? 200 PHE A CG  1 
ATOM   1405 C CD1 . PHE A 1 200 ? 3.778   -10.532 12.362  1.00 35.96 ? 200 PHE A CD1 1 
ATOM   1406 C CD2 . PHE A 1 200 ? 2.024   -8.960  11.909  1.00 36.30 ? 200 PHE A CD2 1 
ATOM   1407 C CE1 . PHE A 1 200 ? 4.176   -9.785  13.474  1.00 34.14 ? 200 PHE A CE1 1 
ATOM   1408 C CE2 . PHE A 1 200 ? 2.412   -8.205  13.019  1.00 35.37 ? 200 PHE A CE2 1 
ATOM   1409 C CZ  . PHE A 1 200 ? 3.494   -8.622  13.802  1.00 35.30 ? 200 PHE A CZ  1 
ATOM   1410 N N   . ALA A 1 201 ? -0.676  -11.903 10.724  1.00 39.50 ? 201 ALA A N   1 
ATOM   1411 C CA  . ALA A 1 201 ? -1.998  -11.723 11.308  1.00 39.80 ? 201 ALA A CA  1 
ATOM   1412 C C   . ALA A 1 201 ? -2.421  -12.986 12.046  1.00 41.18 ? 201 ALA A C   1 
ATOM   1413 O O   . ALA A 1 201 ? -2.970  -12.911 13.146  1.00 42.30 ? 201 ALA A O   1 
ATOM   1414 C CB  . ALA A 1 201 ? -3.010  -11.394 10.224  1.00 38.69 ? 201 ALA A CB  1 
ATOM   1415 N N   . ALA A 1 202 ? -2.151  -14.140 11.437  1.00 42.30 ? 202 ALA A N   1 
ATOM   1416 C CA  . ALA A 1 202 ? -2.503  -15.434 12.010  1.00 43.22 ? 202 ALA A CA  1 
ATOM   1417 C C   . ALA A 1 202 ? -1.829  -15.694 13.354  1.00 45.18 ? 202 ALA A C   1 
ATOM   1418 O O   . ALA A 1 202 ? -2.356  -16.446 14.172  1.00 44.86 ? 202 ALA A O   1 
ATOM   1419 C CB  . ALA A 1 202 ? -2.165  -16.550 11.032  1.00 41.78 ? 202 ALA A CB  1 
ATOM   1420 N N   . ARG A 1 203 ? -0.668  -15.084 13.585  1.00 46.88 ? 203 ARG A N   1 
ATOM   1421 C CA  . ARG A 1 203 ? 0.043   -15.258 14.849  1.00 49.45 ? 203 ARG A CA  1 
ATOM   1422 C C   . ARG A 1 203 ? -0.738  -14.694 16.033  1.00 53.76 ? 203 ARG A C   1 
ATOM   1423 O O   . ARG A 1 203 ? -0.700  -15.258 17.129  1.00 54.19 ? 203 ARG A O   1 
ATOM   1424 C CB  . ARG A 1 203 ? 1.395   -14.563 14.807  1.00 46.38 ? 203 ARG A CB  1 
ATOM   1425 C CG  . ARG A 1 203 ? 2.421   -15.259 13.988  1.00 44.10 ? 203 ARG A CG  1 
ATOM   1426 C CD  . ARG A 1 203 ? 3.639   -14.385 13.856  1.00 43.46 ? 203 ARG A CD  1 
ATOM   1427 N NE  . ARG A 1 203 ? 4.702   -15.044 13.110  1.00 43.75 ? 203 ARG A NE  1 
ATOM   1428 C CZ  . ARG A 1 203 ? 5.527   -15.950 13.624  1.00 43.23 ? 203 ARG A CZ  1 
ATOM   1429 N NH1 . ARG A 1 203 ? 5.413   -16.304 14.897  1.00 44.14 ? 203 ARG A NH1 1 
ATOM   1430 N NH2 . ARG A 1 203 ? 6.466   -16.501 12.864  1.00 44.03 ? 203 ARG A NH2 1 
ATOM   1431 N N   . ARG A 1 204 ? -1.420  -13.570 15.812  1.00 57.98 ? 204 ARG A N   1 
ATOM   1432 C CA  . ARG A 1 204 ? -2.201  -12.904 16.856  1.00 62.58 ? 204 ARG A CA  1 
ATOM   1433 C C   . ARG A 1 204 ? -1.394  -12.660 18.134  1.00 64.65 ? 204 ARG A C   1 
ATOM   1434 O O   . ARG A 1 204 ? -1.892  -12.882 19.241  1.00 64.70 ? 204 ARG A O   1 
ATOM   1435 C CB  . ARG A 1 204 ? -3.429  -13.732 17.213  1.00 64.43 ? 204 ARG A CB  1 
ATOM   1436 C CG  . ARG A 1 204 ? -4.411  -13.948 16.096  1.00 67.62 ? 204 ARG A CG  1 
ATOM   1437 C CD  . ARG A 1 204 ? -5.414  -15.017 16.485  1.00 70.94 ? 204 ARG A CD  1 
ATOM   1438 N NE  . ARG A 1 204 ? -4.780  -16.325 16.664  1.00 75.33 ? 204 ARG A NE  1 
ATOM   1439 C CZ  . ARG A 1 204 ? -4.083  -16.707 17.735  1.00 77.71 ? 204 ARG A CZ  1 
ATOM   1440 N NH1 . ARG A 1 204 ? -3.910  -15.889 18.768  1.00 78.31 ? 204 ARG A NH1 1 
ATOM   1441 N NH2 . ARG A 1 204 ? -3.546  -17.923 17.772  1.00 79.17 ? 204 ARG A NH2 1 
ATOM   1442 N N   . ALA A 1 205 ? -0.154  -12.204 17.977  1.00 67.60 ? 205 ALA A N   1 
ATOM   1443 C CA  . ALA A 1 205 ? 0.721   -11.934 19.114  1.00 70.20 ? 205 ALA A CA  1 
ATOM   1444 C C   . ALA A 1 205 ? 0.337   -10.623 19.802  1.00 72.62 ? 205 ALA A C   1 
ATOM   1445 O O   . ALA A 1 205 ? 0.987   -9.597  19.604  1.00 72.78 ? 205 ALA A O   1 
ATOM   1446 C CB  . ALA A 1 205 ? 2.177   -11.879 18.646  1.00 68.81 ? 205 ALA A CB  1 
ATOM   1447 N N   . GLU A 1 206 ? -0.717  -10.663 20.612  1.00 76.00 ? 206 GLU A N   1 
ATOM   1448 C CA  . GLU A 1 206 ? -1.179  -9.472  21.316  1.00 79.37 ? 206 GLU A CA  1 
ATOM   1449 C C   . GLU A 1 206 ? -2.246  -9.792  22.364  1.00 81.20 ? 206 GLU A C   1 
ATOM   1450 O O   . GLU A 1 206 ? -3.119  -10.634 22.136  1.00 80.78 ? 206 GLU A O   1 
ATOM   1451 C CB  . GLU A 1 206 ? -1.737  -8.465  20.315  1.00 79.84 ? 206 GLU A CB  1 
ATOM   1452 C CG  . GLU A 1 206 ? -2.935  -8.980  19.551  1.00 82.37 ? 206 GLU A CG  1 
ATOM   1453 C CD  . GLU A 1 206 ? -3.313  -8.078  18.403  1.00 84.46 ? 206 GLU A CD  1 
ATOM   1454 O OE1 . GLU A 1 206 ? -3.584  -6.881  18.650  1.00 84.97 ? 206 GLU A OE1 1 
ATOM   1455 O OE2 . GLU A 1 206 ? -3.334  -8.568  17.254  1.00 86.65 ? 206 GLU A OE2 1 
ATOM   1456 N N   . ARG A 1 207 ? -2.149  -9.102  23.505  1.00 83.50 ? 207 ARG A N   1 
ATOM   1457 C CA  . ARG A 1 207 ? -3.054  -9.227  24.657  1.00 84.56 ? 207 ARG A CA  1 
ATOM   1458 C C   . ARG A 1 207 ? -2.492  -10.108 25.783  1.00 85.52 ? 207 ARG A C   1 
ATOM   1459 O O   . ARG A 1 207 ? -3.161  -11.089 26.180  1.00 86.26 ? 207 ARG A O   1 
ATOM   1460 C CB  . ARG A 1 207 ? -4.423  -9.761  24.223  1.00 84.62 ? 207 ARG A CB  1 
ATOM   1461 C CG  . ARG A 1 207 ? -5.593  -9.014  24.826  1.00 84.21 ? 207 ARG A CG  1 
ATOM   1462 C CD  . ARG A 1 207 ? -5.621  -7.583  24.331  1.00 84.26 ? 207 ARG A CD  1 
ATOM   1463 N NE  . ARG A 1 207 ? -4.510  -6.781  24.832  1.00 84.53 ? 207 ARG A NE  1 
ATOM   1464 C CZ  . ARG A 1 207 ? -4.322  -5.500  24.525  1.00 85.95 ? 207 ARG A CZ  1 
ATOM   1465 N NH1 . ARG A 1 207 ? -5.169  -4.875  23.717  1.00 87.25 ? 207 ARG A NH1 1 
ATOM   1466 N NH2 . ARG A 1 207 ? -3.293  -4.836  25.030  1.00 86.30 ? 207 ARG A NH2 1 
ATOM   1467 O OXT . ARG A 1 207 ? -1.386  -9.800  26.273  1.00 86.17 ? 207 ARG A OXT 1 
HETATM 1468 O O   . HOH B 2 .   ? 0.718   5.736   6.909   1.00 35.35 ? 208 HOH A O   1 
HETATM 1469 O O   . HOH B 2 .   ? 2.329   3.120   6.759   1.00 37.35 ? 209 HOH A O   1 
HETATM 1470 O O   . HOH B 2 .   ? 2.696   1.859   4.796   1.00 37.88 ? 210 HOH A O   1 
HETATM 1471 O O   . HOH B 2 .   ? 3.981   -0.306  4.396   1.00 32.34 ? 211 HOH A O   1 
HETATM 1472 O O   . HOH B 2 .   ? 6.172   0.261   3.567   1.00 22.38 ? 212 HOH A O   1 
HETATM 1473 O O   . HOH B 2 .   ? -0.432  2.526   9.451   1.00 31.30 ? 213 HOH A O   1 
HETATM 1474 O O   . HOH B 2 .   ? 2.373   -12.153 7.026   1.00 23.74 ? 214 HOH A O   1 
HETATM 1475 O O   . HOH B 2 .   ? 8.596   9.111   -2.380  1.00 23.41 ? 215 HOH A O   1 
HETATM 1476 O O   . HOH B 2 .   ? -12.901 5.219   -8.269  1.00 32.48 ? 216 HOH A O   1 
HETATM 1477 O O   . HOH B 2 .   ? 12.928  -0.461  1.824   1.00 24.79 ? 217 HOH A O   1 
HETATM 1478 O O   . HOH B 2 .   ? -0.859  -9.829  -5.015  1.00 25.90 ? 218 HOH A O   1 
HETATM 1479 O O   . HOH B 2 .   ? 1.770   -12.183 1.097   1.00 27.88 ? 219 HOH A O   1 
HETATM 1480 O O   . HOH B 2 .   ? 5.356   -0.997  7.149   1.00 22.23 ? 220 HOH A O   1 
HETATM 1481 O O   . HOH B 2 .   ? -4.128  10.114  -3.253  1.00 23.16 ? 221 HOH A O   1 
HETATM 1482 O O   . HOH B 2 .   ? 9.859   11.397  -2.144  1.00 26.03 ? 222 HOH A O   1 
HETATM 1483 O O   . HOH B 2 .   ? -2.755  -12.302 28.452  1.00 29.36 ? 223 HOH A O   1 
HETATM 1484 O O   . HOH B 2 .   ? -12.731 7.963   3.284   1.00 30.73 ? 224 HOH A O   1 
HETATM 1485 O O   . HOH B 2 .   ? -1.559  7.445   6.270   1.00 43.46 ? 225 HOH A O   1 
HETATM 1486 O O   . HOH B 2 .   ? -6.450  -1.756  -12.655 1.00 40.62 ? 226 HOH A O   1 
HETATM 1487 O O   . HOH B 2 .   ? 1.222   -13.819 4.791   1.00 32.01 ? 227 HOH A O   1 
HETATM 1488 O O   . HOH B 2 .   ? 4.549   14.350  -4.875  1.00 24.01 ? 228 HOH A O   1 
HETATM 1489 O O   . HOH B 2 .   ? 10.911  14.983  -3.170  1.00 40.85 ? 229 HOH A O   1 
HETATM 1490 O O   . HOH B 2 .   ? 11.816  7.792   -8.424  1.00 35.03 ? 230 HOH A O   1 
HETATM 1491 O O   . HOH B 2 .   ? -0.713  -11.292 8.096   1.00 32.50 ? 231 HOH A O   1 
HETATM 1492 O O   . HOH B 2 .   ? 7.049   18.692  -14.470 1.00 35.47 ? 232 HOH A O   1 
HETATM 1493 O O   . HOH B 2 .   ? -2.833  -9.557  -6.611  1.00 24.40 ? 233 HOH A O   1 
HETATM 1494 O O   . HOH B 2 .   ? -14.425 6.890   1.519   1.00 21.22 ? 234 HOH A O   1 
HETATM 1495 O O   . HOH B 2 .   ? -7.346  -4.100  8.804   1.00 32.85 ? 235 HOH A O   1 
HETATM 1496 O O   . HOH B 2 .   ? 4.984   -15.469 5.110   1.00 36.83 ? 236 HOH A O   1 
HETATM 1497 O O   . HOH B 2 .   ? -2.767  -9.271  7.580   1.00 31.05 ? 237 HOH A O   1 
HETATM 1498 O O   . HOH B 2 .   ? 18.967  -12.859 5.643   1.00 39.01 ? 238 HOH A O   1 
HETATM 1499 O O   . HOH B 2 .   ? 9.309   6.405   10.284  1.00 39.33 ? 239 HOH A O   1 
HETATM 1500 O O   . HOH B 2 .   ? 3.368   4.123   1.804   1.00 35.79 ? 240 HOH A O   1 
HETATM 1501 O O   . HOH B 2 .   ? 2.022   6.358   3.238   1.00 32.77 ? 241 HOH A O   1 
HETATM 1502 O O   . HOH B 2 .   ? -10.174 -11.222 -9.949  1.00 35.84 ? 242 HOH A O   1 
HETATM 1503 O O   . HOH B 2 .   ? 11.504  13.385  -0.636  1.00 43.22 ? 243 HOH A O   1 
HETATM 1504 O O   . HOH B 2 .   ? 1.261   -17.750 11.029  1.00 31.69 ? 244 HOH A O   1 
HETATM 1505 O O   . HOH B 2 .   ? 13.439  13.889  1.998   1.00 47.14 ? 245 HOH A O   1 
HETATM 1506 O O   . HOH B 2 .   ? 11.630  -14.740 -1.804  1.00 39.76 ? 246 HOH A O   1 
HETATM 1507 O O   . HOH B 2 .   ? -3.953  -7.677  -8.754  1.00 45.74 ? 247 HOH A O   1 
HETATM 1508 O O   . HOH B 2 .   ? -10.260 -5.021  -1.967  1.00 44.17 ? 248 HOH A O   1 
HETATM 1509 O O   . HOH B 2 .   ? 0.357   -15.767 -2.321  1.00 42.26 ? 249 HOH A O   1 
HETATM 1510 O O   . HOH B 2 .   ? 3.941   -17.854 10.490  1.00 43.86 ? 250 HOH A O   1 
HETATM 1511 O O   . HOH B 2 .   ? 17.589  3.528   9.108   1.00 41.56 ? 251 HOH A O   1 
HETATM 1512 O O   . HOH B 2 .   ? 17.827  6.803   9.788   1.00 37.84 ? 252 HOH A O   1 
HETATM 1513 O O   . HOH B 2 .   ? 0.478   18.680  -16.063 1.00 35.17 ? 253 HOH A O   1 
HETATM 1514 O O   . HOH B 2 .   ? 15.400  -14.253 -1.698  1.00 37.99 ? 254 HOH A O   1 
HETATM 1515 O O   . HOH B 2 .   ? 21.275  -23.229 5.506   1.00 46.38 ? 255 HOH A O   1 
HETATM 1516 O O   . HOH B 2 .   ? -4.366  16.699  -14.176 1.00 43.30 ? 256 HOH A O   1 
HETATM 1517 O O   . HOH B 2 .   ? -9.022  -12.024 -3.015  1.00 44.91 ? 257 HOH A O   1 
HETATM 1518 O O   . HOH B 2 .   ? -5.355  19.333  -13.265 1.00 57.10 ? 258 HOH A O   1 
HETATM 1519 O O   . HOH B 2 .   ? -4.441  1.459   9.680   1.00 48.62 ? 259 HOH A O   1 
HETATM 1520 O O   . HOH B 2 .   ? -15.907 -2.448  -7.840  1.00 56.10 ? 260 HOH A O   1 
HETATM 1521 O O   . HOH B 2 .   ? 2.144   20.650  0.050   1.00 36.99 ? 261 HOH A O   1 
HETATM 1522 O O   . HOH B 2 .   ? 9.261   18.194  -0.851  1.00 38.10 ? 262 HOH A O   1 
HETATM 1523 O O   . HOH B 2 .   ? -19.516 12.270  -4.888  1.00 35.96 ? 263 HOH A O   1 
HETATM 1524 O O   . HOH B 2 .   ? 2.719   5.569   -0.731  1.00 26.67 ? 264 HOH A O   1 
HETATM 1525 O O   . HOH B 2 .   ? -7.309  15.144  8.104   1.00 33.44 ? 265 HOH A O   1 
HETATM 1526 O O   . HOH B 2 .   ? -9.068  -9.222  8.036   1.00 58.53 ? 266 HOH A O   1 
HETATM 1527 O O   . HOH B 2 .   ? 13.187  12.336  -3.122  1.00 36.21 ? 267 HOH A O   1 
HETATM 1528 O O   . HOH B 2 .   ? 2.726   -4.843  9.348   1.00 48.46 ? 268 HOH A O   1 
HETATM 1529 O O   . HOH B 2 .   ? 18.039  -15.313 0.158   1.00 31.23 ? 269 HOH A O   1 
HETATM 1530 O O   . HOH B 2 .   ? 17.075  -15.180 2.521   1.00 41.17 ? 270 HOH A O   1 
HETATM 1531 O O   . HOH B 2 .   ? 14.862  -14.004 2.273   1.00 37.69 ? 271 HOH A O   1 
HETATM 1532 O O   . HOH B 2 .   ? -6.908  20.007  0.978   1.00 43.95 ? 272 HOH A O   1 
HETATM 1533 O O   . HOH B 2 .   ? -18.558 17.298  2.576   1.00 29.83 ? 273 HOH A O   1 
HETATM 1534 O O   . HOH B 2 .   ? -2.580  -5.191  -9.862  1.00 46.58 ? 274 HOH A O   1 
HETATM 1535 O O   . HOH B 2 .   ? -8.804  0.884   -21.705 1.00 37.22 ? 275 HOH A O   1 
HETATM 1536 O O   . HOH B 2 .   ? 12.275  16.112  -0.091  1.00 43.47 ? 276 HOH A O   1 
HETATM 1537 O O   . HOH B 2 .   ? 14.278  15.472  -1.188  1.00 38.71 ? 277 HOH A O   1 
# 
